data_5FUE
#
_entry.id   5FUE
#
_cell.length_a   70.955
_cell.length_b   70.669
_cell.length_c   98.656
_cell.angle_alpha   77.99
_cell.angle_beta   75.41
_cell.angle_gamma   85.40
#
_symmetry.space_group_name_H-M   'P 1'
#
loop_
_entity.id
_entity.type
_entity.pdbx_description
1 polymer 'HISTONE DEACETYLASE 8'
2 non-polymer 'ZINC ION'
3 non-polymer 'POTASSIUM ION'
4 non-polymer 3-(benzoylamino)-N-oxobenzamide
5 non-polymer GLYCEROL
6 non-polymer DIMETHYLFORMAMIDE
7 water water
#
_entity_poly.entity_id   1
_entity_poly.type   'polypeptide(L)'
_entity_poly.pdbx_seq_one_letter_code
;MSVGIVYGDQYRQLCCSSPKFGDRYALVMDLINAYKLIPELSRVPPLQWDSPSRMYEAVTAFHSTEYVDALKKLQMLHCE
EKELTADDELLMDSFSLNYDCPGFPSVFDYSLAAVQGSLAAASALICRHCEVVINWGGGWHHAKRSEASGFCYLNDIVLA
IHRLVSSTPPETSPNRQTRVLYVDLDLHHGDGVEEAFWYSPRVVTFSVHHASPGFFPGTGTWNMVDNDKLPIFLNGAGRG
RFSAFNLPLEEGINDLDWSNAIGPILDSLNIVIQPSYVVVQCGADCLATDPHRIFRLTNFYPNLNLDSDCDSECSLSGYL
YAIKKILSWKVPTLILGGGGYNFPDTARLWTRVTALTIEEVKGKKMTISPEIPEHSYFSRYGPDFELDIDYFPHESHNKT
LDSIQKHHRRILEQLRNYADLNKLIYDYDQVYQLYNLTGMGSLVPR
;
_entity_poly.pdbx_strand_id   A,B,C,D
#
# COMPACT_ATOMS: atom_id res chain seq x y z
N SER A 2 -5.26 -0.66 -37.56
CA SER A 2 -3.89 -0.54 -38.06
C SER A 2 -2.97 -1.57 -37.40
N VAL A 3 -1.75 -1.67 -37.89
CA VAL A 3 -0.73 -2.52 -37.31
C VAL A 3 0.30 -1.64 -36.62
N GLY A 4 0.45 -1.80 -35.32
CA GLY A 4 1.44 -1.05 -34.57
C GLY A 4 2.74 -1.81 -34.39
N ILE A 5 3.82 -1.06 -34.18
CA ILE A 5 5.08 -1.68 -33.87
C ILE A 5 5.81 -0.78 -32.87
N VAL A 6 6.43 -1.42 -31.88
CA VAL A 6 7.08 -0.68 -30.80
C VAL A 6 8.49 -0.30 -31.19
N TYR A 7 8.78 0.99 -31.18
CA TYR A 7 10.17 1.43 -31.30
CA TYR A 7 10.14 1.48 -31.44
C TYR A 7 10.32 2.88 -30.85
N GLY A 8 11.58 3.30 -30.73
CA GLY A 8 11.94 4.63 -30.31
C GLY A 8 13.45 4.62 -30.20
N ASP A 9 14.08 5.79 -30.22
CA ASP A 9 15.54 5.86 -30.22
C ASP A 9 16.16 5.31 -28.93
N GLN A 10 15.65 5.74 -27.79
CA GLN A 10 16.12 5.22 -26.52
C GLN A 10 15.83 3.74 -26.39
N TYR A 11 14.64 3.34 -26.84
CA TYR A 11 14.20 1.94 -26.80
C TYR A 11 15.22 1.07 -27.49
N ARG A 12 15.62 1.52 -28.67
CA ARG A 12 16.60 0.84 -29.49
C ARG A 12 17.92 0.67 -28.74
N GLN A 13 18.40 1.76 -28.17
CA GLN A 13 19.65 1.72 -27.40
C GLN A 13 19.59 0.72 -26.26
N LEU A 14 18.53 0.79 -25.45
CA LEU A 14 18.35 -0.15 -24.34
C LEU A 14 18.24 -1.62 -24.81
N CYS A 15 17.39 -1.90 -25.79
CA CYS A 15 17.27 -3.26 -26.33
C CYS A 15 18.58 -3.79 -26.93
N CYS A 16 19.51 -2.89 -27.26
CA CYS A 16 20.78 -3.32 -27.83
C CYS A 16 21.94 -3.28 -26.83
N SER A 17 21.64 -3.17 -25.54
CA SER A 17 22.70 -2.98 -24.56
C SER A 17 23.06 -4.25 -23.76
N SER A 18 22.49 -5.40 -24.10
CA SER A 18 22.79 -6.61 -23.34
C SER A 18 23.93 -7.42 -23.96
N PRO A 19 24.67 -8.13 -23.12
CA PRO A 19 25.76 -8.96 -23.66
C PRO A 19 25.26 -10.15 -24.47
N LYS A 20 24.05 -10.62 -24.23
CA LYS A 20 23.59 -11.82 -24.90
C LYS A 20 22.94 -11.56 -26.26
N PHE A 21 22.18 -10.48 -26.40
CA PHE A 21 21.45 -10.27 -27.63
C PHE A 21 22.04 -9.15 -28.46
N GLY A 22 23.11 -8.54 -27.96
CA GLY A 22 23.86 -7.54 -28.70
C GLY A 22 22.99 -6.56 -29.50
N ASP A 23 23.28 -6.41 -30.80
CA ASP A 23 22.54 -5.46 -31.60
C ASP A 23 21.42 -6.08 -32.43
N ARG A 24 20.91 -7.23 -31.99
CA ARG A 24 19.90 -7.97 -32.74
C ARG A 24 18.67 -7.14 -33.05
N TYR A 25 18.16 -6.44 -32.04
CA TYR A 25 16.99 -5.58 -32.24
C TYR A 25 17.23 -4.54 -33.34
N ALA A 26 18.44 -4.00 -33.39
CA ALA A 26 18.79 -3.01 -34.40
C ALA A 26 18.82 -3.64 -35.80
N LEU A 27 19.35 -4.84 -35.91
CA LEU A 27 19.30 -5.57 -37.18
C LEU A 27 17.85 -5.77 -37.62
N VAL A 28 17.02 -6.21 -36.69
CA VAL A 28 15.62 -6.49 -36.98
C VAL A 28 14.89 -5.23 -37.46
N MET A 29 15.03 -4.12 -36.74
CA MET A 29 14.27 -2.93 -37.08
C MET A 29 14.83 -2.24 -38.32
N ASP A 30 16.13 -2.39 -38.56
CA ASP A 30 16.73 -1.83 -39.75
C ASP A 30 16.46 -2.66 -41.00
N LEU A 31 16.26 -3.97 -40.86
CA LEU A 31 15.86 -4.76 -42.02
C LEU A 31 14.42 -4.41 -42.39
N ILE A 32 13.57 -4.29 -41.39
CA ILE A 32 12.18 -3.87 -41.59
C ILE A 32 12.13 -2.50 -42.27
N ASN A 33 12.99 -1.58 -41.84
CA ASN A 33 13.06 -0.25 -42.43
C ASN A 33 13.58 -0.30 -43.88
N ALA A 34 14.62 -1.10 -44.11
CA ALA A 34 15.21 -1.25 -45.45
C ALA A 34 14.22 -1.79 -46.48
N TYR A 35 13.24 -2.57 -46.02
CA TYR A 35 12.24 -3.12 -46.93
C TYR A 35 11.01 -2.21 -47.02
N LYS A 36 11.13 -0.99 -46.52
CA LYS A 36 10.10 0.04 -46.64
C LYS A 36 8.77 -0.32 -45.96
N LEU A 37 8.85 -1.01 -44.83
CA LEU A 37 7.65 -1.41 -44.10
C LEU A 37 7.18 -0.39 -43.07
N ILE A 38 8.12 0.42 -42.57
CA ILE A 38 7.81 1.40 -41.52
C ILE A 38 6.65 2.36 -41.86
N PRO A 39 6.59 2.90 -43.10
CA PRO A 39 5.44 3.77 -43.42
C PRO A 39 4.07 3.09 -43.33
N GLU A 40 4.06 1.76 -43.37
CA GLU A 40 2.81 1.01 -43.29
C GLU A 40 2.38 0.82 -41.83
N LEU A 41 3.31 1.10 -40.91
CA LEU A 41 3.13 0.75 -39.50
C LEU A 41 2.94 1.98 -38.60
N SER A 42 2.14 1.81 -37.57
CA SER A 42 1.95 2.86 -36.57
C SER A 42 2.98 2.68 -35.45
N ARG A 43 3.82 3.68 -35.23
CA ARG A 43 4.80 3.55 -34.14
C ARG A 43 4.12 3.60 -32.77
N VAL A 44 4.36 2.57 -31.96
CA VAL A 44 3.85 2.57 -30.60
C VAL A 44 4.99 2.92 -29.64
N PRO A 45 4.90 4.08 -28.97
CA PRO A 45 5.94 4.50 -28.03
C PRO A 45 5.92 3.67 -26.76
N PRO A 46 7.09 3.26 -26.28
CA PRO A 46 7.16 2.53 -25.01
C PRO A 46 6.55 3.34 -23.87
N LEU A 47 5.84 2.67 -22.95
CA LEU A 47 5.23 3.35 -21.80
C LEU A 47 6.30 3.95 -20.90
N GLN A 48 6.04 5.16 -20.41
CA GLN A 48 6.85 5.74 -19.35
C GLN A 48 5.92 6.13 -18.21
N TRP A 49 6.49 6.32 -17.02
CA TRP A 49 5.68 6.54 -15.81
C TRP A 49 5.84 7.92 -15.19
N ASP A 50 4.85 8.30 -14.37
CA ASP A 50 4.81 9.61 -13.70
C ASP A 50 5.76 9.71 -12.49
N SER A 51 6.29 8.57 -12.05
CA SER A 51 7.08 8.51 -10.81
C SER A 51 7.69 7.13 -10.62
N PRO A 52 8.73 7.01 -9.78
CA PRO A 52 9.24 5.69 -9.39
C PRO A 52 8.16 4.79 -8.78
N SER A 53 7.23 5.37 -8.01
CA SER A 53 6.16 4.58 -7.38
C SER A 53 5.21 3.96 -8.39
N ARG A 54 4.86 4.72 -9.43
CA ARG A 54 4.02 4.17 -10.49
C ARG A 54 4.77 3.08 -11.25
N MET A 55 6.07 3.27 -11.49
CA MET A 55 6.82 2.22 -12.18
C MET A 55 6.76 0.93 -11.36
N TYR A 56 7.04 1.05 -10.07
CA TYR A 56 7.10 -0.11 -9.19
C TYR A 56 5.76 -0.83 -9.11
N GLU A 57 4.66 -0.09 -9.08
CA GLU A 57 3.39 -0.77 -8.92
C GLU A 57 3.00 -1.42 -10.24
N ALA A 58 3.54 -0.93 -11.35
CA ALA A 58 3.30 -1.58 -12.63
C ALA A 58 4.04 -2.90 -12.66
N VAL A 59 5.32 -2.88 -12.28
CA VAL A 59 6.16 -4.05 -12.41
C VAL A 59 5.81 -5.07 -11.32
N THR A 60 5.51 -4.59 -10.11
CA THR A 60 5.17 -5.50 -9.01
C THR A 60 3.73 -6.00 -9.11
N ALA A 61 3.06 -5.70 -10.22
CA ALA A 61 1.81 -6.37 -10.54
C ALA A 61 2.05 -7.88 -10.73
N PHE A 62 3.28 -8.25 -11.09
CA PHE A 62 3.66 -9.66 -11.15
C PHE A 62 4.87 -9.98 -10.27
N HIS A 63 5.94 -9.20 -10.40
CA HIS A 63 7.18 -9.49 -9.67
C HIS A 63 7.13 -8.98 -8.22
N SER A 64 7.86 -9.64 -7.33
CA SER A 64 7.91 -9.20 -5.93
C SER A 64 8.74 -7.93 -5.82
N THR A 65 8.44 -7.11 -4.82
CA THR A 65 9.18 -5.88 -4.60
C THR A 65 10.67 -6.18 -4.33
N GLU A 66 10.94 -7.20 -3.52
CA GLU A 66 12.34 -7.50 -3.20
C GLU A 66 13.13 -7.93 -4.44
N TYR A 67 12.48 -8.60 -5.37
CA TYR A 67 13.18 -9.03 -6.59
C TYR A 67 13.49 -7.82 -7.47
N VAL A 68 12.52 -6.93 -7.62
CA VAL A 68 12.72 -5.70 -8.38
C VAL A 68 13.82 -4.85 -7.73
N ASP A 69 13.78 -4.72 -6.40
CA ASP A 69 14.87 -4.04 -5.69
C ASP A 69 16.24 -4.67 -5.99
N ALA A 70 16.30 -6.00 -5.97
CA ALA A 70 17.56 -6.72 -6.21
C ALA A 70 18.11 -6.47 -7.62
N LEU A 71 17.20 -6.47 -8.60
CA LEU A 71 17.59 -6.25 -9.99
C LEU A 71 18.13 -4.83 -10.19
N LYS A 72 17.43 -3.86 -9.62
CA LYS A 72 17.85 -2.46 -9.62
C LYS A 72 19.19 -2.27 -8.91
N LYS A 73 19.41 -3.01 -7.83
CA LYS A 73 20.68 -2.92 -7.10
C LYS A 73 21.80 -3.56 -7.94
N LEU A 74 21.49 -4.66 -8.62
CA LEU A 74 22.44 -5.33 -9.50
C LEU A 74 22.97 -4.40 -10.59
N GLN A 75 22.08 -3.58 -11.14
CA GLN A 75 22.47 -2.60 -12.15
C GLN A 75 23.42 -1.55 -11.57
N MET A 76 23.04 -0.99 -10.43
CA MET A 76 23.87 -0.01 -9.75
C MET A 76 25.25 -0.60 -9.44
N LEU A 77 25.27 -1.84 -8.96
CA LEU A 77 26.52 -2.48 -8.56
C LEU A 77 27.43 -2.66 -9.78
N HIS A 78 26.82 -2.95 -10.92
CA HIS A 78 27.59 -3.13 -12.15
C HIS A 78 27.95 -1.81 -12.82
N CYS A 79 27.48 -0.68 -12.28
CA CYS A 79 27.92 0.61 -12.76
C CYS A 79 29.05 1.16 -11.89
N GLU A 80 29.61 0.28 -11.07
CA GLU A 80 30.75 0.65 -10.23
C GLU A 80 31.95 -0.28 -10.46
N GLU A 81 33.13 0.24 -10.14
CA GLU A 81 34.39 -0.46 -10.34
C GLU A 81 34.50 -1.76 -9.53
N LYS A 82 34.33 -1.65 -8.22
CA LYS A 82 34.69 -2.75 -7.32
C LYS A 82 33.73 -3.92 -7.38
N GLU A 83 34.25 -5.10 -7.08
CA GLU A 83 33.49 -6.34 -7.10
C GLU A 83 32.37 -6.38 -6.05
N LEU A 84 31.44 -7.29 -6.23
CA LEU A 84 30.35 -7.45 -5.28
C LEU A 84 30.89 -7.98 -3.94
N THR A 85 30.29 -7.57 -2.84
CA THR A 85 30.54 -8.20 -1.57
C THR A 85 29.97 -9.63 -1.57
N ALA A 86 30.39 -10.43 -0.60
CA ALA A 86 29.88 -11.78 -0.46
C ALA A 86 28.39 -11.73 -0.15
N ASP A 87 27.99 -10.77 0.68
CA ASP A 87 26.58 -10.62 1.02
C ASP A 87 25.75 -10.25 -0.21
N ASP A 88 26.29 -9.37 -1.05
CA ASP A 88 25.62 -9.03 -2.31
C ASP A 88 25.54 -10.25 -3.23
N GLU A 89 26.61 -11.03 -3.33
CA GLU A 89 26.59 -12.26 -4.13
C GLU A 89 25.46 -13.18 -3.66
N LEU A 90 25.35 -13.34 -2.35
CA LEU A 90 24.36 -14.23 -1.78
C LEU A 90 22.95 -13.73 -2.08
N LEU A 91 22.76 -12.42 -1.93
CA LEU A 91 21.49 -11.80 -2.31
C LEU A 91 21.13 -12.08 -3.78
N MET A 92 22.07 -11.85 -4.68
CA MET A 92 21.79 -12.06 -6.10
C MET A 92 21.48 -13.53 -6.38
N ASP A 93 22.25 -14.42 -5.76
CA ASP A 93 22.01 -15.85 -5.89
C ASP A 93 20.59 -16.25 -5.49
N SER A 94 20.06 -15.64 -4.44
CA SER A 94 18.74 -16.03 -3.95
C SER A 94 17.61 -15.67 -4.95
N PHE A 95 17.92 -14.81 -5.94
CA PHE A 95 16.98 -14.49 -7.02
C PHE A 95 17.49 -15.02 -8.40
N SER A 96 18.47 -15.92 -8.36
CA SER A 96 19.11 -16.47 -9.56
C SER A 96 19.64 -15.37 -10.49
N LEU A 97 20.08 -14.26 -9.92
CA LEU A 97 20.68 -13.21 -10.72
C LEU A 97 22.16 -13.54 -10.87
N ASN A 98 22.45 -14.55 -11.68
CA ASN A 98 23.79 -15.13 -11.77
C ASN A 98 23.89 -16.12 -12.93
N TYR A 99 25.11 -16.63 -13.18
CA TYR A 99 25.34 -17.62 -14.22
C TYR A 99 24.79 -17.13 -15.56
N ASP A 100 23.74 -17.76 -16.08
CA ASP A 100 23.15 -17.33 -17.35
C ASP A 100 22.25 -16.09 -17.23
N CYS A 101 22.08 -15.56 -16.02
CA CYS A 101 21.41 -14.28 -15.88
C CYS A 101 22.30 -13.29 -15.12
N PRO A 102 23.42 -12.89 -15.75
CA PRO A 102 24.37 -12.05 -15.02
C PRO A 102 23.92 -10.59 -14.94
N GLY A 103 24.60 -9.81 -14.11
CA GLY A 103 24.45 -8.37 -14.15
C GLY A 103 25.27 -7.78 -15.28
N PHE A 104 24.88 -6.58 -15.69
CA PHE A 104 25.66 -5.77 -16.60
C PHE A 104 25.19 -4.34 -16.33
N PRO A 105 25.93 -3.34 -16.83
CA PRO A 105 25.62 -1.95 -16.45
C PRO A 105 24.20 -1.47 -16.73
N SER A 106 23.52 -2.02 -17.73
CA SER A 106 22.13 -1.61 -17.97
C SER A 106 21.07 -2.70 -17.71
N VAL A 107 21.38 -3.70 -16.89
CA VAL A 107 20.49 -4.87 -16.78
C VAL A 107 19.05 -4.49 -16.36
N PHE A 108 18.89 -3.50 -15.49
CA PHE A 108 17.54 -3.08 -15.09
C PHE A 108 16.84 -2.28 -16.20
N ASP A 109 17.51 -1.28 -16.77
CA ASP A 109 16.91 -0.48 -17.84
C ASP A 109 16.55 -1.34 -19.06
N TYR A 110 17.44 -2.26 -19.40
CA TYR A 110 17.23 -3.23 -20.47
C TYR A 110 15.97 -4.07 -20.27
N SER A 111 15.86 -4.66 -19.09
CA SER A 111 14.71 -5.50 -18.71
C SER A 111 13.40 -4.71 -18.65
N LEU A 112 13.47 -3.52 -18.07
CA LEU A 112 12.30 -2.66 -17.91
C LEU A 112 11.77 -2.20 -19.27
N ALA A 113 12.70 -1.93 -20.18
CA ALA A 113 12.37 -1.47 -21.52
C ALA A 113 11.38 -2.41 -22.22
N ALA A 114 11.63 -3.71 -22.16
CA ALA A 114 10.75 -4.69 -22.79
C ALA A 114 9.35 -4.64 -22.16
N VAL A 115 9.30 -4.38 -20.85
CA VAL A 115 8.03 -4.20 -20.16
C VAL A 115 7.32 -2.92 -20.62
N GLN A 116 8.10 -1.85 -20.75
CA GLN A 116 7.56 -0.60 -21.26
C GLN A 116 6.95 -0.79 -22.64
N GLY A 117 7.65 -1.54 -23.49
CA GLY A 117 7.13 -1.79 -24.84
C GLY A 117 5.87 -2.65 -24.87
N SER A 118 5.86 -3.73 -24.11
CA SER A 118 4.74 -4.65 -24.18
C SER A 118 3.51 -4.13 -23.42
N LEU A 119 3.72 -3.30 -22.42
CA LEU A 119 2.59 -2.64 -21.76
C LEU A 119 1.97 -1.61 -22.70
N ALA A 120 2.82 -0.87 -23.40
CA ALA A 120 2.31 0.12 -24.35
C ALA A 120 1.59 -0.59 -25.49
N ALA A 121 2.14 -1.74 -25.90
CA ALA A 121 1.49 -2.52 -26.96
C ALA A 121 0.11 -3.01 -26.49
N ALA A 122 0.03 -3.50 -25.26
CA ALA A 122 -1.26 -3.96 -24.74
C ALA A 122 -2.28 -2.81 -24.69
N SER A 123 -1.83 -1.63 -24.28
CA SER A 123 -2.72 -0.48 -24.17
C SER A 123 -3.23 -0.01 -25.53
N ALA A 124 -2.37 -0.08 -26.53
CA ALA A 124 -2.75 0.31 -27.88
C ALA A 124 -3.83 -0.65 -28.43
N LEU A 125 -3.79 -1.90 -27.99
CA LEU A 125 -4.82 -2.86 -28.37
C LEU A 125 -6.15 -2.60 -27.64
N ILE A 126 -6.05 -2.28 -26.34
CA ILE A 126 -7.22 -2.11 -25.50
C ILE A 126 -8.05 -0.92 -25.96
N CYS A 127 -7.38 0.19 -26.26
CA CYS A 127 -8.09 1.40 -26.67
C CYS A 127 -8.42 1.34 -28.16
N ARG A 128 -8.11 0.21 -28.79
CA ARG A 128 -8.45 -0.07 -30.18
C ARG A 128 -7.76 0.86 -31.19
N HIS A 129 -6.64 1.48 -30.79
CA HIS A 129 -5.86 2.26 -31.74
C HIS A 129 -5.19 1.35 -32.79
N CYS A 130 -4.88 0.11 -32.39
CA CYS A 130 -4.29 -0.87 -33.29
C CYS A 130 -5.04 -2.20 -33.18
N GLU A 131 -5.11 -2.93 -34.28
CA GLU A 131 -5.69 -4.28 -34.30
C GLU A 131 -4.65 -5.33 -33.95
N VAL A 132 -3.41 -5.06 -34.36
CA VAL A 132 -2.26 -5.87 -34.03
C VAL A 132 -1.14 -4.93 -33.61
N VAL A 133 -0.36 -5.33 -32.61
CA VAL A 133 0.87 -4.64 -32.28
C VAL A 133 2.02 -5.64 -32.17
N ILE A 134 3.15 -5.26 -32.75
CA ILE A 134 4.37 -6.03 -32.77
C ILE A 134 5.42 -5.42 -31.84
N ASN A 135 6.04 -6.24 -31.00
CA ASN A 135 7.18 -5.78 -30.20
C ASN A 135 8.33 -6.77 -30.27
N TRP A 136 9.29 -6.49 -31.15
CA TRP A 136 10.43 -7.38 -31.31
C TRP A 136 11.47 -7.20 -30.22
N GLY A 137 11.25 -6.26 -29.31
CA GLY A 137 12.13 -6.11 -28.16
C GLY A 137 11.59 -6.85 -26.94
N GLY A 138 10.47 -7.55 -27.11
CA GLY A 138 9.81 -8.23 -26.01
C GLY A 138 9.77 -9.74 -26.17
N GLY A 139 9.01 -10.41 -25.28
CA GLY A 139 8.84 -11.85 -25.39
C GLY A 139 9.68 -12.68 -24.43
N TRP A 140 9.90 -12.16 -23.23
CA TRP A 140 10.82 -12.79 -22.27
C TRP A 140 10.07 -13.71 -21.29
N HIS A 141 9.77 -14.90 -21.78
CA HIS A 141 8.77 -15.78 -21.16
C HIS A 141 9.27 -16.63 -19.99
N HIS A 142 10.57 -16.56 -19.68
CA HIS A 142 11.13 -17.41 -18.62
C HIS A 142 11.14 -16.78 -17.24
N ALA A 143 11.06 -15.45 -17.16
CA ALA A 143 11.20 -14.78 -15.87
C ALA A 143 10.04 -15.14 -14.93
N LYS A 144 10.33 -15.35 -13.66
CA LYS A 144 9.34 -15.67 -12.65
C LYS A 144 9.13 -14.51 -11.68
N ARG A 145 8.13 -14.63 -10.82
CA ARG A 145 7.80 -13.62 -9.83
C ARG A 145 9.04 -13.09 -9.09
N SER A 146 9.92 -13.98 -8.65
CA SER A 146 11.10 -13.56 -7.93
C SER A 146 12.39 -14.23 -8.42
N GLU A 147 12.49 -14.49 -9.70
CA GLU A 147 13.64 -15.22 -10.21
C GLU A 147 13.90 -14.93 -11.69
N ALA A 148 15.15 -14.57 -12.00
CA ALA A 148 15.58 -14.47 -13.40
C ALA A 148 15.81 -15.88 -13.90
N SER A 149 15.64 -16.08 -15.21
CA SER A 149 15.84 -17.39 -15.81
C SER A 149 16.00 -17.24 -17.32
N GLY A 150 16.97 -17.92 -17.91
CA GLY A 150 17.13 -17.96 -19.36
C GLY A 150 17.32 -16.59 -20.01
N PHE A 151 18.12 -15.74 -19.36
CA PHE A 151 18.34 -14.35 -19.74
C PHE A 151 17.05 -13.51 -19.79
N CYS A 152 16.03 -13.98 -19.10
CA CYS A 152 14.81 -13.21 -18.91
C CYS A 152 14.78 -12.65 -17.50
N TYR A 153 14.79 -11.34 -17.36
CA TYR A 153 14.85 -10.75 -16.03
C TYR A 153 13.49 -10.25 -15.54
N LEU A 154 12.72 -9.67 -16.45
CA LEU A 154 11.37 -9.20 -16.16
C LEU A 154 10.41 -9.80 -17.19
N ASN A 155 9.28 -10.34 -16.74
CA ASN A 155 8.37 -10.99 -17.68
C ASN A 155 7.38 -10.00 -18.30
N ASP A 156 7.79 -9.39 -19.40
CA ASP A 156 6.94 -8.44 -20.12
C ASP A 156 5.65 -9.08 -20.62
N ILE A 157 5.70 -10.38 -20.90
CA ILE A 157 4.50 -11.05 -21.41
C ILE A 157 3.40 -11.17 -20.33
N VAL A 158 3.76 -11.68 -19.16
CA VAL A 158 2.83 -11.76 -18.05
C VAL A 158 2.22 -10.39 -17.72
N LEU A 159 3.05 -9.35 -17.72
CA LEU A 159 2.56 -8.02 -17.39
C LEU A 159 1.60 -7.49 -18.46
N ALA A 160 1.95 -7.67 -19.74
CA ALA A 160 1.07 -7.28 -20.83
C ALA A 160 -0.25 -8.06 -20.74
N ILE A 161 -0.16 -9.37 -20.53
CA ILE A 161 -1.36 -10.19 -20.43
C ILE A 161 -2.21 -9.76 -19.26
N HIS A 162 -1.56 -9.40 -18.16
CA HIS A 162 -2.30 -8.97 -16.98
C HIS A 162 -3.10 -7.70 -17.27
N ARG A 163 -2.47 -6.74 -17.95
CA ARG A 163 -3.18 -5.55 -18.41
C ARG A 163 -4.36 -5.92 -19.34
N LEU A 164 -4.16 -6.90 -20.22
CA LEU A 164 -5.26 -7.27 -21.13
C LEU A 164 -6.45 -7.90 -20.40
N VAL A 165 -6.22 -8.85 -19.49
CA VAL A 165 -7.36 -9.52 -18.84
C VAL A 165 -8.12 -8.61 -17.89
N SER A 166 -7.43 -7.64 -17.31
CA SER A 166 -8.05 -6.76 -16.33
C SER A 166 -8.65 -5.54 -16.99
N SER A 167 -8.88 -5.65 -18.30
CA SER A 167 -9.51 -4.57 -19.06
C SER A 167 -10.97 -4.92 -19.34
N GLN A 177 -16.99 -11.56 -20.50
CA GLN A 177 -15.76 -11.39 -19.71
C GLN A 177 -14.51 -11.73 -20.52
N THR A 178 -13.40 -11.11 -20.14
CA THR A 178 -12.20 -11.13 -20.95
C THR A 178 -11.42 -12.42 -20.83
N ARG A 179 -11.12 -13.04 -21.96
CA ARG A 179 -10.23 -14.20 -22.00
C ARG A 179 -9.06 -13.94 -22.93
N VAL A 180 -7.88 -14.39 -22.53
CA VAL A 180 -6.70 -14.25 -23.37
C VAL A 180 -6.16 -15.64 -23.71
N LEU A 181 -5.83 -15.83 -24.98
CA LEU A 181 -5.10 -17.02 -25.41
C LEU A 181 -3.65 -16.63 -25.66
N TYR A 182 -2.74 -17.30 -24.97
CA TYR A 182 -1.32 -17.10 -25.15
C TYR A 182 -0.72 -18.26 -25.95
N VAL A 183 -0.01 -17.93 -27.01
CA VAL A 183 0.59 -18.92 -27.90
C VAL A 183 2.09 -18.72 -27.96
N ASP A 184 2.84 -19.77 -27.61
CA ASP A 184 4.28 -19.65 -27.44
C ASP A 184 4.99 -20.59 -28.43
N LEU A 185 5.55 -19.98 -29.49
CA LEU A 185 6.19 -20.69 -30.60
C LEU A 185 7.70 -20.86 -30.45
N ASP A 186 8.27 -20.30 -29.38
CA ASP A 186 9.71 -20.41 -29.11
C ASP A 186 10.18 -21.87 -29.06
N LEU A 187 11.45 -22.11 -29.34
CA LEU A 187 12.03 -23.46 -29.18
C LEU A 187 11.89 -23.97 -27.73
N HIS A 188 11.88 -23.05 -26.77
CA HIS A 188 11.82 -23.42 -25.38
C HIS A 188 10.41 -23.31 -24.79
N HIS A 189 10.12 -24.16 -23.81
CA HIS A 189 8.85 -24.10 -23.10
C HIS A 189 8.70 -22.73 -22.43
N GLY A 190 7.55 -22.08 -22.62
CA GLY A 190 7.27 -20.82 -21.94
C GLY A 190 6.79 -21.08 -20.53
N ASP A 191 7.71 -21.45 -19.64
CA ASP A 191 7.36 -21.87 -18.29
C ASP A 191 6.91 -20.70 -17.41
N GLY A 192 7.55 -19.55 -17.56
CA GLY A 192 7.26 -18.41 -16.70
C GLY A 192 5.85 -17.87 -16.90
N VAL A 193 5.42 -17.76 -18.15
CA VAL A 193 4.05 -17.33 -18.44
C VAL A 193 3.04 -18.38 -18.01
N GLU A 194 3.36 -19.64 -18.30
CA GLU A 194 2.48 -20.73 -17.91
C GLU A 194 2.23 -20.75 -16.41
N GLU A 195 3.32 -20.61 -15.65
CA GLU A 195 3.28 -20.66 -14.20
C GLU A 195 2.48 -19.50 -13.62
N ALA A 196 2.71 -18.30 -14.17
CA ALA A 196 1.99 -17.10 -13.75
C ALA A 196 0.49 -17.28 -13.77
N PHE A 197 -0.01 -18.04 -14.75
CA PHE A 197 -1.46 -18.12 -14.92
C PHE A 197 -1.97 -19.51 -14.65
N TRP A 198 -1.17 -20.30 -13.94
CA TRP A 198 -1.47 -21.68 -13.59
C TRP A 198 -2.84 -21.88 -12.93
N TYR A 199 -3.28 -20.90 -12.15
CA TYR A 199 -4.55 -21.02 -11.43
C TYR A 199 -5.66 -20.20 -12.06
N SER A 200 -5.39 -19.62 -13.22
CA SER A 200 -6.34 -18.73 -13.86
C SER A 200 -6.92 -19.30 -15.15
N PRO A 201 -8.24 -19.53 -15.17
CA PRO A 201 -8.88 -20.07 -16.39
C PRO A 201 -9.02 -19.04 -17.53
N ARG A 202 -8.87 -17.75 -17.23
CA ARG A 202 -9.13 -16.69 -18.20
C ARG A 202 -7.94 -16.44 -19.12
N VAL A 203 -6.78 -16.96 -18.73
CA VAL A 203 -5.62 -16.93 -19.60
C VAL A 203 -5.24 -18.35 -19.94
N VAL A 204 -5.60 -18.78 -21.15
CA VAL A 204 -5.23 -20.11 -21.62
C VAL A 204 -3.86 -20.02 -22.29
N THR A 205 -2.91 -20.82 -21.80
CA THR A 205 -1.56 -20.79 -22.35
C THR A 205 -1.29 -22.05 -23.16
N PHE A 206 -0.59 -21.89 -24.27
CA PHE A 206 -0.26 -23.00 -25.15
C PHE A 206 1.16 -22.79 -25.67
N SER A 207 2.02 -23.77 -25.39
CA SER A 207 3.41 -23.70 -25.81
C SER A 207 3.75 -24.93 -26.63
N VAL A 208 4.37 -24.71 -27.79
CA VAL A 208 4.95 -25.81 -28.55
C VAL A 208 6.46 -25.62 -28.48
N HIS A 209 7.20 -26.71 -28.29
CA HIS A 209 8.60 -26.59 -27.93
C HIS A 209 9.30 -27.91 -28.05
N HIS A 210 10.62 -27.88 -28.11
CA HIS A 210 11.40 -29.07 -27.86
C HIS A 210 11.41 -29.39 -26.38
N ALA A 211 11.29 -30.66 -26.05
CA ALA A 211 11.58 -31.15 -24.70
C ALA A 211 12.37 -32.46 -24.76
N SER A 212 13.41 -32.58 -23.95
CA SER A 212 14.18 -33.81 -23.89
C SER A 212 15.02 -33.76 -22.61
N PRO A 213 15.51 -34.92 -22.14
CA PRO A 213 16.15 -34.89 -20.81
C PRO A 213 17.36 -33.96 -20.77
N GLY A 214 17.36 -33.07 -19.79
CA GLY A 214 18.45 -32.12 -19.60
C GLY A 214 18.33 -30.85 -20.41
N PHE A 215 17.33 -30.78 -21.28
CA PHE A 215 17.13 -29.59 -22.12
C PHE A 215 16.34 -28.53 -21.37
N PHE A 216 16.85 -27.30 -21.40
CA PHE A 216 16.24 -26.14 -20.71
C PHE A 216 14.83 -25.82 -21.20
N PRO A 217 13.90 -25.48 -20.28
CA PRO A 217 14.07 -25.46 -18.82
C PRO A 217 13.57 -26.72 -18.11
N GLY A 218 13.12 -27.71 -18.86
CA GLY A 218 12.81 -29.01 -18.27
C GLY A 218 11.33 -29.33 -18.22
N THR A 219 10.50 -28.29 -18.32
CA THR A 219 9.07 -28.45 -18.16
C THR A 219 8.31 -28.47 -19.52
N GLY A 220 7.00 -28.54 -19.45
CA GLY A 220 6.18 -28.57 -20.66
C GLY A 220 6.15 -29.96 -21.28
N THR A 221 6.31 -30.98 -20.44
CA THR A 221 6.28 -32.34 -20.93
C THR A 221 5.87 -33.30 -19.81
N TRP A 222 6.01 -34.61 -20.06
CA TRP A 222 5.63 -35.63 -19.08
C TRP A 222 6.36 -35.38 -17.77
N ASN A 223 5.68 -35.61 -16.65
CA ASN A 223 6.14 -35.09 -15.37
C ASN A 223 6.45 -36.15 -14.32
N PRO A 231 3.88 -41.32 -14.57
CA PRO A 231 4.14 -39.96 -15.05
C PRO A 231 3.00 -39.43 -15.92
N ILE A 232 2.59 -38.18 -15.67
CA ILE A 232 1.51 -37.58 -16.45
C ILE A 232 1.77 -36.12 -16.80
N PHE A 233 0.89 -35.58 -17.63
CA PHE A 233 0.95 -34.18 -17.99
C PHE A 233 0.17 -33.29 -17.01
N LEU A 234 0.86 -32.44 -16.28
CA LEU A 234 0.22 -31.41 -15.47
C LEU A 234 -0.36 -30.33 -16.39
N ASN A 235 -1.46 -29.69 -15.99
CA ASN A 235 -2.11 -28.74 -16.90
C ASN A 235 -2.88 -27.58 -16.25
N GLY A 236 -2.43 -27.13 -15.08
CA GLY A 236 -3.12 -26.07 -14.36
C GLY A 236 -3.66 -26.61 -13.05
N ALA A 237 -4.08 -25.73 -12.16
CA ALA A 237 -4.61 -26.16 -10.86
C ALA A 237 -5.71 -25.23 -10.42
N GLY A 238 -6.46 -25.66 -9.40
CA GLY A 238 -7.62 -24.91 -8.94
C GLY A 238 -8.61 -24.71 -10.07
N ARG A 239 -9.11 -23.49 -10.18
CA ARG A 239 -10.02 -23.15 -11.24
C ARG A 239 -9.30 -23.06 -12.59
N GLY A 240 -7.97 -23.09 -12.55
CA GLY A 240 -7.16 -23.09 -13.77
C GLY A 240 -6.83 -24.47 -14.31
N ARG A 241 -7.42 -25.51 -13.69
CA ARG A 241 -7.19 -26.88 -14.14
C ARG A 241 -7.51 -27.01 -15.62
N PHE A 242 -6.70 -27.79 -16.34
CA PHE A 242 -6.80 -27.96 -17.81
C PHE A 242 -6.55 -26.68 -18.65
N SER A 243 -6.13 -25.58 -18.04
CA SER A 243 -5.97 -24.31 -18.79
C SER A 243 -4.54 -24.05 -19.32
N ALA A 244 -3.62 -24.97 -19.05
CA ALA A 244 -2.26 -24.85 -19.57
C ALA A 244 -1.96 -26.00 -20.54
N PHE A 245 -1.74 -25.65 -21.80
CA PHE A 245 -1.56 -26.65 -22.86
C PHE A 245 -0.10 -26.73 -23.30
N ASN A 246 0.37 -27.93 -23.57
CA ASN A 246 1.74 -28.14 -24.04
C ASN A 246 1.87 -29.19 -25.13
N LEU A 247 2.70 -28.88 -26.13
CA LEU A 247 3.05 -29.83 -27.18
C LEU A 247 4.56 -29.92 -27.32
N PRO A 248 5.18 -30.88 -26.62
CA PRO A 248 6.61 -31.14 -26.72
C PRO A 248 6.93 -31.94 -27.98
N LEU A 249 7.92 -31.49 -28.76
CA LEU A 249 8.24 -32.17 -30.01
C LEU A 249 9.70 -32.62 -30.07
N GLU A 250 9.91 -33.73 -30.76
CA GLU A 250 11.24 -34.31 -30.97
C GLU A 250 12.12 -33.41 -31.84
N GLU A 251 13.43 -33.50 -31.68
CA GLU A 251 14.34 -32.71 -32.51
C GLU A 251 14.23 -33.11 -33.98
N GLY A 252 14.54 -32.15 -34.86
CA GLY A 252 14.62 -32.40 -36.29
C GLY A 252 13.36 -32.10 -37.09
N ILE A 253 12.31 -31.63 -36.43
CA ILE A 253 11.03 -31.44 -37.12
C ILE A 253 11.12 -30.30 -38.12
N ASN A 254 10.43 -30.45 -39.26
CA ASN A 254 10.48 -29.47 -40.34
C ASN A 254 9.24 -28.58 -40.37
N ASP A 255 9.18 -27.66 -41.34
CA ASP A 255 8.07 -26.70 -41.44
C ASP A 255 6.70 -27.37 -41.52
N LEU A 256 6.62 -28.40 -42.35
CA LEU A 256 5.36 -29.07 -42.64
C LEU A 256 4.82 -29.86 -41.44
N ASP A 257 5.68 -30.68 -40.84
CA ASP A 257 5.25 -31.49 -39.70
C ASP A 257 4.93 -30.63 -38.48
N TRP A 258 5.70 -29.57 -38.27
CA TRP A 258 5.46 -28.65 -37.17
C TRP A 258 4.11 -27.92 -37.36
N SER A 259 3.83 -27.52 -38.59
CA SER A 259 2.57 -26.86 -38.94
C SER A 259 1.37 -27.77 -38.72
N ASN A 260 1.47 -29.00 -39.24
CA ASN A 260 0.41 -29.99 -39.05
C ASN A 260 0.23 -30.37 -37.59
N ALA A 261 1.31 -30.34 -36.81
CA ALA A 261 1.24 -30.63 -35.39
C ALA A 261 0.44 -29.56 -34.62
N ILE A 262 0.65 -28.29 -34.93
CA ILE A 262 0.02 -27.24 -34.12
C ILE A 262 -1.22 -26.59 -34.76
N GLY A 263 -1.37 -26.74 -36.08
CA GLY A 263 -2.50 -26.12 -36.75
C GLY A 263 -3.88 -26.49 -36.21
N PRO A 264 -4.16 -27.80 -36.13
CA PRO A 264 -5.44 -28.22 -35.54
C PRO A 264 -5.62 -27.79 -34.08
N ILE A 265 -4.54 -27.75 -33.31
CA ILE A 265 -4.63 -27.30 -31.92
C ILE A 265 -4.98 -25.80 -31.85
N LEU A 266 -4.31 -24.98 -32.65
CA LEU A 266 -4.59 -23.55 -32.69
C LEU A 266 -6.06 -23.31 -33.01
N ASP A 267 -6.55 -23.92 -34.08
CA ASP A 267 -7.92 -23.71 -34.52
C ASP A 267 -8.95 -24.12 -33.47
N SER A 268 -8.75 -25.27 -32.85
CA SER A 268 -9.65 -25.73 -31.82
C SER A 268 -9.61 -24.84 -30.56
N LEU A 269 -8.44 -24.32 -30.20
CA LEU A 269 -8.36 -23.41 -29.05
C LEU A 269 -9.17 -22.14 -29.31
N ASN A 270 -9.05 -21.60 -30.52
CA ASN A 270 -9.79 -20.40 -30.88
C ASN A 270 -11.31 -20.63 -30.83
N ILE A 271 -11.75 -21.74 -31.42
CA ILE A 271 -13.16 -22.08 -31.48
C ILE A 271 -13.75 -22.22 -30.07
N VAL A 272 -13.05 -22.92 -29.19
CA VAL A 272 -13.57 -23.24 -27.86
C VAL A 272 -13.39 -22.09 -26.86
N ILE A 273 -12.21 -21.46 -26.86
CA ILE A 273 -11.94 -20.40 -25.89
C ILE A 273 -12.58 -19.07 -26.29
N GLN A 274 -12.65 -18.83 -27.59
CA GLN A 274 -13.07 -17.54 -28.15
C GLN A 274 -12.39 -16.38 -27.42
N PRO A 275 -11.05 -16.28 -27.56
CA PRO A 275 -10.31 -15.28 -26.80
C PRO A 275 -10.67 -13.86 -27.23
N SER A 276 -10.60 -12.93 -26.29
CA SER A 276 -10.75 -11.51 -26.57
C SER A 276 -9.45 -10.94 -27.10
N TYR A 277 -8.33 -11.52 -26.68
CA TYR A 277 -7.01 -11.14 -27.20
C TYR A 277 -6.16 -12.39 -27.44
N VAL A 278 -5.25 -12.30 -28.39
CA VAL A 278 -4.24 -13.34 -28.56
C VAL A 278 -2.86 -12.73 -28.40
N VAL A 279 -2.01 -13.39 -27.61
CA VAL A 279 -0.64 -12.96 -27.44
C VAL A 279 0.27 -14.05 -27.98
N VAL A 280 1.11 -13.70 -28.95
CA VAL A 280 1.97 -14.69 -29.56
C VAL A 280 3.43 -14.38 -29.29
N GLN A 281 4.13 -15.35 -28.71
CA GLN A 281 5.57 -15.25 -28.56
C GLN A 281 6.17 -15.96 -29.78
N CYS A 282 7.00 -15.24 -30.52
CA CYS A 282 7.52 -15.74 -31.79
CA CYS A 282 7.54 -15.72 -31.79
C CYS A 282 9.06 -15.88 -31.78
N GLY A 283 9.59 -16.48 -30.72
CA GLY A 283 11.03 -16.74 -30.64
C GLY A 283 11.51 -17.51 -31.86
N ALA A 284 12.61 -17.05 -32.44
CA ALA A 284 13.10 -17.55 -33.72
C ALA A 284 14.12 -18.67 -33.57
N ASP A 285 14.21 -19.27 -32.39
CA ASP A 285 15.27 -20.26 -32.22
C ASP A 285 14.87 -21.64 -32.75
N CYS A 286 13.72 -21.74 -33.41
CA CYS A 286 13.34 -22.98 -34.10
C CYS A 286 13.90 -23.04 -35.53
N LEU A 287 14.44 -21.92 -36.01
CA LEU A 287 15.02 -21.88 -37.35
C LEU A 287 16.10 -22.94 -37.49
N ALA A 288 16.12 -23.60 -38.64
CA ALA A 288 17.14 -24.59 -38.96
C ALA A 288 18.54 -24.01 -38.78
N THR A 289 18.70 -22.71 -39.03
CA THR A 289 20.01 -22.10 -38.95
C THR A 289 20.35 -21.50 -37.58
N ASP A 290 19.47 -21.70 -36.60
CA ASP A 290 19.80 -21.30 -35.22
C ASP A 290 20.91 -22.20 -34.66
N PRO A 291 21.84 -21.63 -33.89
CA PRO A 291 22.93 -22.41 -33.29
C PRO A 291 22.46 -23.55 -32.39
N HIS A 292 21.23 -23.51 -31.90
CA HIS A 292 20.69 -24.64 -31.15
C HIS A 292 20.67 -25.88 -32.02
N ARG A 293 20.39 -25.66 -33.31
CA ARG A 293 20.25 -26.72 -34.31
C ARG A 293 19.36 -27.84 -33.82
N ILE A 294 18.13 -27.51 -33.45
CA ILE A 294 17.20 -28.51 -32.95
C ILE A 294 16.01 -28.74 -33.88
N PHE A 295 15.26 -27.68 -34.19
CA PHE A 295 14.18 -27.78 -35.18
C PHE A 295 14.67 -27.32 -36.55
N ARG A 296 13.90 -27.61 -37.59
CA ARG A 296 14.33 -27.24 -38.94
C ARG A 296 13.32 -26.32 -39.63
N LEU A 297 12.79 -25.35 -38.89
CA LEU A 297 11.87 -24.39 -39.48
C LEU A 297 12.61 -23.36 -40.34
N THR A 298 11.88 -22.73 -41.26
CA THR A 298 12.46 -21.72 -42.12
C THR A 298 11.69 -20.42 -42.03
N ASN A 299 12.11 -19.44 -42.81
CA ASN A 299 11.32 -18.23 -43.06
C ASN A 299 10.75 -18.22 -44.49
N PHE A 300 10.66 -19.39 -45.11
CA PHE A 300 10.27 -19.45 -46.53
C PHE A 300 8.80 -19.11 -46.73
N TYR A 301 8.52 -18.31 -47.74
CA TYR A 301 7.15 -17.93 -48.09
C TYR A 301 6.91 -18.10 -49.59
N PRO A 302 6.71 -19.34 -50.05
CA PRO A 302 6.67 -19.68 -51.49
C PRO A 302 5.54 -19.01 -52.28
N SER A 315 8.72 -26.19 -47.17
CA SER A 315 8.23 -25.27 -48.17
C SER A 315 7.75 -23.95 -47.53
N LEU A 316 6.64 -24.01 -46.79
CA LEU A 316 6.12 -22.81 -46.12
C LEU A 316 6.53 -22.74 -44.63
N SER A 317 7.18 -21.64 -44.24
CA SER A 317 7.61 -21.42 -42.85
C SER A 317 6.51 -21.73 -41.81
N GLY A 318 6.81 -22.61 -40.85
CA GLY A 318 5.87 -22.92 -39.79
C GLY A 318 5.41 -21.68 -39.05
N TYR A 319 6.35 -20.76 -38.86
CA TYR A 319 6.08 -19.48 -38.23
C TYR A 319 5.03 -18.67 -38.97
N LEU A 320 5.22 -18.51 -40.27
CA LEU A 320 4.32 -17.73 -41.11
C LEU A 320 2.95 -18.42 -41.24
N TYR A 321 2.96 -19.74 -41.33
CA TYR A 321 1.73 -20.52 -41.26
C TYR A 321 0.94 -20.26 -39.96
N ALA A 322 1.63 -20.28 -38.81
CA ALA A 322 0.94 -20.10 -37.53
C ALA A 322 0.40 -18.68 -37.41
N ILE A 323 1.23 -17.71 -37.74
CA ILE A 323 0.83 -16.31 -37.60
C ILE A 323 -0.35 -16.01 -38.54
N LYS A 324 -0.26 -16.47 -39.78
CA LYS A 324 -1.34 -16.24 -40.73
C LYS A 324 -2.65 -16.85 -40.20
N LYS A 325 -2.56 -18.07 -39.68
CA LYS A 325 -3.73 -18.73 -39.11
C LYS A 325 -4.30 -17.92 -37.94
N ILE A 326 -3.44 -17.45 -37.05
CA ILE A 326 -3.87 -16.68 -35.89
C ILE A 326 -4.47 -15.32 -36.32
N LEU A 327 -3.84 -14.62 -37.25
CA LEU A 327 -4.39 -13.35 -37.72
C LEU A 327 -5.74 -13.51 -38.45
N SER A 328 -5.97 -14.67 -39.06
CA SER A 328 -7.22 -14.93 -39.77
C SER A 328 -8.42 -15.00 -38.83
N TRP A 329 -8.15 -15.09 -37.52
CA TRP A 329 -9.22 -15.15 -36.52
C TRP A 329 -9.86 -13.78 -36.30
N LYS A 330 -9.16 -12.73 -36.71
CA LYS A 330 -9.60 -11.34 -36.55
C LYS A 330 -9.77 -10.97 -35.07
N VAL A 331 -8.86 -11.46 -34.24
CA VAL A 331 -8.87 -11.10 -32.83
C VAL A 331 -7.70 -10.16 -32.59
N PRO A 332 -7.91 -9.08 -31.80
CA PRO A 332 -6.81 -8.19 -31.44
C PRO A 332 -5.59 -8.97 -30.92
N THR A 333 -4.42 -8.71 -31.50
CA THR A 333 -3.29 -9.60 -31.30
C THR A 333 -1.97 -8.89 -30.95
N LEU A 334 -1.25 -9.49 -30.01
CA LEU A 334 0.05 -9.00 -29.60
C LEU A 334 1.12 -9.97 -30.11
N ILE A 335 2.03 -9.49 -30.95
CA ILE A 335 3.09 -10.34 -31.47
C ILE A 335 4.44 -9.95 -30.88
N LEU A 336 5.10 -10.90 -30.21
CA LEU A 336 6.32 -10.61 -29.48
C LEU A 336 7.49 -11.43 -30.00
N GLY A 337 8.70 -10.95 -29.75
CA GLY A 337 9.89 -11.70 -30.08
C GLY A 337 10.18 -12.76 -29.02
N GLY A 338 11.45 -12.97 -28.73
CA GLY A 338 11.86 -14.03 -27.82
C GLY A 338 13.24 -14.50 -28.18
N GLY A 339 13.44 -15.82 -28.17
CA GLY A 339 14.71 -16.41 -28.55
C GLY A 339 15.09 -16.16 -30.01
N GLY A 340 16.32 -16.51 -30.37
CA GLY A 340 16.81 -16.32 -31.72
C GLY A 340 18.23 -15.81 -31.65
N TYR A 341 19.19 -16.72 -31.83
CA TYR A 341 20.59 -16.43 -31.54
C TYR A 341 21.46 -16.34 -32.80
N ASN A 342 20.81 -16.54 -33.95
CA ASN A 342 21.40 -16.20 -35.25
C ASN A 342 20.72 -14.90 -35.68
N PHE A 343 21.36 -13.77 -35.38
CA PHE A 343 20.70 -12.46 -35.49
C PHE A 343 20.20 -12.10 -36.90
N PRO A 344 21.06 -12.23 -37.94
CA PRO A 344 20.56 -11.83 -39.26
C PRO A 344 19.41 -12.73 -39.73
N ASP A 345 19.43 -13.99 -39.33
CA ASP A 345 18.35 -14.91 -39.71
C ASP A 345 17.07 -14.68 -38.87
N THR A 346 17.23 -14.19 -37.65
CA THR A 346 16.08 -13.77 -36.87
C THR A 346 15.46 -12.51 -37.49
N ALA A 347 16.32 -11.61 -37.98
CA ALA A 347 15.88 -10.42 -38.71
C ALA A 347 15.09 -10.82 -39.95
N ARG A 348 15.62 -11.80 -40.70
CA ARG A 348 14.96 -12.32 -41.90
C ARG A 348 13.58 -12.86 -41.62
N LEU A 349 13.45 -13.67 -40.58
CA LEU A 349 12.14 -14.19 -40.23
C LEU A 349 11.20 -13.10 -39.73
N TRP A 350 11.66 -12.25 -38.82
CA TRP A 350 10.74 -11.29 -38.20
C TRP A 350 10.34 -10.21 -39.20
N THR A 351 11.23 -9.92 -40.15
CA THR A 351 10.86 -8.98 -41.20
C THR A 351 9.72 -9.58 -42.01
N ARG A 352 9.78 -10.89 -42.25
CA ARG A 352 8.70 -11.53 -42.99
C ARG A 352 7.40 -11.63 -42.19
N VAL A 353 7.50 -11.94 -40.90
CA VAL A 353 6.30 -11.92 -40.04
C VAL A 353 5.65 -10.52 -40.07
N THR A 354 6.49 -9.49 -40.04
CA THR A 354 5.97 -8.12 -40.04
C THR A 354 5.23 -7.81 -41.36
N ALA A 355 5.84 -8.17 -42.49
CA ALA A 355 5.18 -7.96 -43.78
C ALA A 355 3.88 -8.74 -43.88
N LEU A 356 3.90 -9.99 -43.42
CA LEU A 356 2.70 -10.83 -43.44
C LEU A 356 1.57 -10.23 -42.58
N THR A 357 1.93 -9.65 -41.45
CA THR A 357 0.95 -9.02 -40.58
C THR A 357 0.29 -7.81 -41.26
N ILE A 358 1.09 -6.99 -41.94
CA ILE A 358 0.54 -5.84 -42.65
C ILE A 358 -0.44 -6.28 -43.74
N GLU A 359 -0.03 -7.30 -44.52
CA GLU A 359 -0.84 -7.85 -45.58
C GLU A 359 -2.19 -8.41 -45.08
N GLU A 360 -2.14 -9.23 -44.03
CA GLU A 360 -3.35 -9.88 -43.52
C GLU A 360 -4.31 -8.91 -42.84
N VAL A 361 -3.77 -7.88 -42.18
CA VAL A 361 -4.60 -6.94 -41.45
C VAL A 361 -5.15 -5.83 -42.36
N LYS A 362 -4.26 -5.19 -43.11
CA LYS A 362 -4.64 -4.09 -44.00
C LYS A 362 -5.16 -4.55 -45.36
N GLY A 363 -4.99 -5.82 -45.68
CA GLY A 363 -5.46 -6.36 -46.94
C GLY A 363 -4.70 -5.82 -48.13
N LYS A 364 -3.49 -5.32 -47.87
CA LYS A 364 -2.65 -4.71 -48.89
C LYS A 364 -1.41 -5.57 -49.13
N LYS A 365 -1.17 -5.92 -50.39
CA LYS A 365 -0.07 -6.82 -50.71
C LYS A 365 1.27 -6.18 -50.39
N MET A 366 2.16 -6.97 -49.80
CA MET A 366 3.51 -6.52 -49.45
C MET A 366 4.52 -7.36 -50.21
N THR A 367 5.08 -6.81 -51.27
CA THR A 367 6.03 -7.56 -52.06
C THR A 367 7.42 -7.30 -51.51
N ILE A 368 8.10 -8.38 -51.14
CA ILE A 368 9.42 -8.29 -50.56
C ILE A 368 10.45 -8.91 -51.50
N SER A 369 11.41 -8.10 -51.95
CA SER A 369 12.45 -8.61 -52.85
C SER A 369 13.20 -9.76 -52.21
N PRO A 370 13.45 -10.84 -52.98
CA PRO A 370 14.26 -11.95 -52.50
C PRO A 370 15.69 -11.54 -52.10
N GLU A 371 16.13 -10.37 -52.53
CA GLU A 371 17.46 -9.89 -52.17
C GLU A 371 17.38 -8.88 -51.05
N ILE A 372 18.37 -8.92 -50.16
CA ILE A 372 18.49 -7.95 -49.08
C ILE A 372 18.76 -6.57 -49.68
N PRO A 373 17.94 -5.58 -49.32
CA PRO A 373 18.20 -4.21 -49.77
C PRO A 373 19.45 -3.63 -49.11
N GLU A 374 20.16 -2.78 -49.85
CA GLU A 374 21.25 -2.00 -49.27
C GLU A 374 20.79 -1.19 -48.05
N HIS A 375 21.59 -1.24 -47.00
CA HIS A 375 21.36 -0.46 -45.77
C HIS A 375 22.53 -0.63 -44.81
N SER A 376 22.45 0.05 -43.67
CA SER A 376 23.52 0.10 -42.67
C SER A 376 24.11 -1.26 -42.27
N TYR A 377 23.26 -2.27 -42.14
CA TYR A 377 23.72 -3.59 -41.71
C TYR A 377 23.82 -4.62 -42.84
N PHE A 378 23.89 -4.15 -44.09
CA PHE A 378 23.88 -5.03 -45.26
C PHE A 378 24.93 -6.14 -45.19
N SER A 379 26.13 -5.81 -44.72
CA SER A 379 27.23 -6.77 -44.74
C SER A 379 27.01 -7.94 -43.79
N ARG A 380 26.08 -7.80 -42.85
CA ARG A 380 25.79 -8.89 -41.91
C ARG A 380 25.06 -10.05 -42.59
N TYR A 381 24.51 -9.78 -43.77
CA TYR A 381 23.68 -10.76 -44.48
C TYR A 381 24.45 -11.52 -45.55
N GLY A 382 25.78 -11.34 -45.57
CA GLY A 382 26.64 -12.08 -46.47
C GLY A 382 26.70 -13.56 -46.14
N PRO A 383 27.25 -14.38 -47.06
CA PRO A 383 27.88 -13.92 -48.30
C PRO A 383 26.92 -13.84 -49.50
N ASP A 384 25.68 -14.29 -49.32
CA ASP A 384 24.72 -14.34 -50.44
C ASP A 384 23.71 -13.19 -50.44
N PHE A 385 23.47 -12.61 -49.27
CA PHE A 385 22.61 -11.42 -49.15
C PHE A 385 21.19 -11.64 -49.67
N GLU A 386 20.63 -12.81 -49.39
CA GLU A 386 19.25 -13.08 -49.76
C GLU A 386 18.37 -13.17 -48.52
N LEU A 387 17.07 -12.98 -48.72
CA LEU A 387 16.12 -12.90 -47.61
C LEU A 387 15.79 -14.28 -47.02
N ASP A 388 15.68 -15.29 -47.89
CA ASP A 388 15.55 -16.68 -47.46
C ASP A 388 16.75 -17.05 -46.61
N ILE A 389 16.52 -17.75 -45.51
CA ILE A 389 17.64 -18.31 -44.75
C ILE A 389 18.35 -19.33 -45.64
N ASP A 390 19.64 -19.51 -45.38
CA ASP A 390 20.48 -20.39 -46.17
C ASP A 390 20.40 -21.84 -45.72
N TYR A 391 19.39 -22.57 -46.18
CA TYR A 391 19.18 -23.94 -45.72
C TYR A 391 18.41 -24.77 -46.73
N PHE A 392 18.75 -26.06 -46.83
CA PHE A 392 18.08 -26.96 -47.75
C PHE A 392 17.47 -28.17 -47.04
N PRO A 393 16.13 -28.21 -46.96
CA PRO A 393 15.39 -29.34 -46.38
C PRO A 393 15.33 -30.54 -47.34
N ASP A 402 2.75 -39.89 -35.11
CA ASP A 402 2.15 -40.92 -34.29
C ASP A 402 2.35 -40.65 -32.80
N SER A 403 3.52 -40.12 -32.45
CA SER A 403 3.71 -39.48 -31.17
C SER A 403 2.77 -38.27 -31.11
N ILE A 404 2.75 -37.52 -32.22
CA ILE A 404 1.96 -36.31 -32.35
C ILE A 404 0.47 -36.63 -32.30
N GLN A 405 0.10 -37.74 -32.94
CA GLN A 405 -1.28 -38.20 -32.92
C GLN A 405 -1.76 -38.50 -31.50
N LYS A 406 -0.90 -39.12 -30.69
CA LYS A 406 -1.19 -39.30 -29.27
C LYS A 406 -1.35 -37.97 -28.54
N HIS A 407 -0.49 -37.01 -28.83
CA HIS A 407 -0.55 -35.70 -28.21
C HIS A 407 -1.86 -34.97 -28.58
N HIS A 408 -2.31 -35.14 -29.82
CA HIS A 408 -3.57 -34.51 -30.26
C HIS A 408 -4.78 -35.08 -29.52
N ARG A 409 -4.81 -36.40 -29.33
CA ARG A 409 -5.89 -37.00 -28.55
C ARG A 409 -5.87 -36.51 -27.10
N ARG A 410 -4.68 -36.48 -26.50
CA ARG A 410 -4.50 -35.96 -25.15
C ARG A 410 -4.98 -34.51 -25.05
N ILE A 411 -4.58 -33.69 -26.02
CA ILE A 411 -4.93 -32.26 -26.00
C ILE A 411 -6.43 -32.03 -26.25
N LEU A 412 -7.01 -32.79 -27.17
CA LEU A 412 -8.46 -32.78 -27.39
C LEU A 412 -9.25 -33.10 -26.13
N GLU A 413 -8.84 -34.15 -25.41
CA GLU A 413 -9.46 -34.51 -24.13
C GLU A 413 -9.32 -33.37 -23.10
N GLN A 414 -8.13 -32.77 -23.02
CA GLN A 414 -7.91 -31.63 -22.13
C GLN A 414 -8.78 -30.42 -22.49
N LEU A 415 -8.90 -30.12 -23.77
CA LEU A 415 -9.72 -29.00 -24.21
C LEU A 415 -11.18 -29.26 -23.80
N ARG A 416 -11.59 -30.53 -23.88
CA ARG A 416 -12.93 -30.93 -23.49
C ARG A 416 -13.17 -30.77 -22.00
N ASN A 417 -12.19 -31.15 -21.20
CA ASN A 417 -12.26 -30.99 -19.74
C ASN A 417 -12.24 -29.52 -19.36
N TYR A 418 -11.52 -28.72 -20.16
CA TYR A 418 -11.47 -27.29 -19.92
C TYR A 418 -12.83 -26.67 -20.14
N ALA A 419 -13.42 -26.92 -21.30
CA ALA A 419 -14.76 -26.45 -21.62
C ALA A 419 -15.79 -26.91 -20.59
N ASP A 420 -15.74 -28.19 -20.20
CA ASP A 420 -16.65 -28.71 -19.19
C ASP A 420 -16.53 -27.96 -17.87
N LEU A 421 -15.29 -27.77 -17.42
CA LEU A 421 -15.04 -27.12 -16.14
C LEU A 421 -15.49 -25.68 -16.17
N ASN A 422 -15.32 -25.03 -17.32
CA ASN A 422 -15.62 -23.61 -17.43
C ASN A 422 -16.98 -23.32 -18.07
N LYS A 423 -17.81 -24.36 -18.17
CA LYS A 423 -19.16 -24.26 -18.74
C LYS A 423 -19.22 -23.51 -20.06
N LEU A 424 -18.34 -23.88 -20.98
CA LEU A 424 -18.32 -23.26 -22.30
C LEU A 424 -19.02 -24.13 -23.33
N ILE A 425 -19.77 -23.49 -24.23
CA ILE A 425 -20.53 -24.21 -25.25
C ILE A 425 -19.73 -24.35 -26.53
N TYR A 426 -19.53 -25.59 -26.96
CA TYR A 426 -18.71 -25.89 -28.14
C TYR A 426 -19.29 -27.07 -28.90
N ASP A 427 -19.08 -27.09 -30.22
CA ASP A 427 -19.46 -28.23 -31.01
C ASP A 427 -18.32 -29.24 -30.99
N TYR A 428 -18.47 -30.29 -30.18
CA TYR A 428 -17.40 -31.27 -29.99
C TYR A 428 -16.98 -31.91 -31.32
N ASP A 429 -17.96 -32.11 -32.20
CA ASP A 429 -17.66 -32.69 -33.50
C ASP A 429 -16.85 -31.73 -34.36
N GLN A 430 -17.40 -30.54 -34.62
CA GLN A 430 -16.71 -29.50 -35.37
C GLN A 430 -15.23 -29.37 -34.98
N VAL A 431 -14.94 -29.52 -33.69
CA VAL A 431 -13.57 -29.49 -33.18
C VAL A 431 -12.82 -30.77 -33.53
N TYR A 432 -13.47 -31.91 -33.32
CA TYR A 432 -12.84 -33.20 -33.60
C TYR A 432 -12.53 -33.38 -35.09
N GLN A 433 -13.31 -32.76 -35.96
CA GLN A 433 -13.11 -32.91 -37.40
C GLN A 433 -11.80 -32.27 -37.86
N LEU A 434 -11.40 -31.18 -37.17
CA LEU A 434 -10.18 -30.48 -37.48
C LEU A 434 -8.97 -31.41 -37.50
N TYR A 435 -8.93 -32.33 -36.54
CA TYR A 435 -7.87 -33.32 -36.47
C TYR A 435 -8.11 -34.47 -37.45
N SER B 2 12.33 47.61 -16.48
CA SER B 2 10.98 47.27 -16.86
C SER B 2 10.75 45.75 -16.80
N VAL B 3 9.74 45.32 -16.08
CA VAL B 3 9.37 43.91 -16.07
C VAL B 3 8.14 43.70 -16.95
N GLY B 4 8.28 42.87 -17.99
CA GLY B 4 7.20 42.63 -18.89
C GLY B 4 6.51 41.32 -18.58
N ILE B 5 5.23 41.21 -18.94
CA ILE B 5 4.54 39.94 -18.83
C ILE B 5 3.65 39.78 -20.07
N VAL B 6 3.65 38.57 -20.60
CA VAL B 6 2.87 38.30 -21.81
C VAL B 6 1.42 38.01 -21.46
N TYR B 7 0.50 38.81 -21.99
N TYR B 7 0.52 38.78 -22.06
CA TYR B 7 -0.91 38.47 -21.93
CA TYR B 7 -0.91 38.61 -21.87
C TYR B 7 -1.72 39.29 -22.94
C TYR B 7 -1.71 39.28 -22.98
N GLY B 8 -2.96 38.85 -23.15
CA GLY B 8 -3.87 39.44 -24.11
C GLY B 8 -5.15 38.63 -23.95
N ASP B 9 -6.28 39.17 -24.39
CA ASP B 9 -7.57 38.50 -24.27
C ASP B 9 -7.63 37.19 -25.06
N GLN B 10 -7.32 37.25 -26.35
CA GLN B 10 -7.34 36.03 -27.16
C GLN B 10 -6.25 35.05 -26.71
N TYR B 11 -5.09 35.60 -26.34
CA TYR B 11 -3.98 34.79 -25.84
C TYR B 11 -4.45 33.93 -24.66
N ARG B 12 -5.17 34.56 -23.74
CA ARG B 12 -5.66 33.86 -22.57
C ARG B 12 -6.61 32.76 -23.00
N GLN B 13 -7.48 33.09 -23.96
CA GLN B 13 -8.46 32.14 -24.47
C GLN B 13 -7.76 30.93 -25.07
N LEU B 14 -6.71 31.17 -25.86
CA LEU B 14 -6.00 30.08 -26.52
C LEU B 14 -5.20 29.24 -25.52
N CYS B 15 -4.54 29.89 -24.55
CA CYS B 15 -3.77 29.16 -23.54
C CYS B 15 -4.67 28.28 -22.66
N CYS B 16 -5.95 28.62 -22.58
CA CYS B 16 -6.89 27.86 -21.75
C CYS B 16 -7.75 26.88 -22.55
N SER B 17 -7.38 26.60 -23.79
CA SER B 17 -8.23 25.79 -24.65
C SER B 17 -7.76 24.33 -24.81
N SER B 18 -6.70 23.94 -24.12
CA SER B 18 -6.22 22.55 -24.20
C SER B 18 -6.85 21.65 -23.14
N PRO B 19 -7.04 20.36 -23.48
CA PRO B 19 -7.63 19.38 -22.55
C PRO B 19 -6.74 19.12 -21.31
N LYS B 20 -5.42 19.13 -21.47
CA LYS B 20 -4.54 18.82 -20.35
C LYS B 20 -4.37 19.97 -19.33
N PHE B 21 -4.18 21.19 -19.81
CA PHE B 21 -3.87 22.29 -18.88
C PHE B 21 -5.07 23.14 -18.51
N GLY B 22 -6.23 22.87 -19.11
CA GLY B 22 -7.48 23.51 -18.75
C GLY B 22 -7.35 25.01 -18.62
N ASP B 23 -7.85 25.55 -17.50
CA ASP B 23 -7.80 27.00 -17.26
C ASP B 23 -6.64 27.43 -16.36
N ARG B 24 -5.54 26.67 -16.37
CA ARG B 24 -4.43 26.97 -15.47
C ARG B 24 -3.89 28.39 -15.70
N TYR B 25 -3.71 28.74 -16.96
CA TYR B 25 -3.18 30.05 -17.32
C TYR B 25 -4.06 31.18 -16.77
N ALA B 26 -5.37 30.98 -16.80
CA ALA B 26 -6.33 31.97 -16.31
C ALA B 26 -6.19 32.15 -14.80
N LEU B 27 -6.07 31.03 -14.08
CA LEU B 27 -5.86 31.07 -12.64
C LEU B 27 -4.59 31.84 -12.29
N VAL B 28 -3.52 31.54 -13.01
CA VAL B 28 -2.24 32.19 -12.77
C VAL B 28 -2.33 33.71 -12.98
N MET B 29 -2.77 34.10 -14.16
CA MET B 29 -2.84 35.52 -14.49
C MET B 29 -3.86 36.25 -13.60
N ASP B 30 -4.95 35.59 -13.25
CA ASP B 30 -5.96 36.22 -12.39
C ASP B 30 -5.48 36.35 -10.94
N LEU B 31 -4.66 35.41 -10.47
CA LEU B 31 -4.12 35.53 -9.11
C LEU B 31 -3.13 36.68 -9.08
N ILE B 32 -2.32 36.79 -10.14
CA ILE B 32 -1.39 37.91 -10.25
C ILE B 32 -2.19 39.22 -10.26
N ASN B 33 -3.26 39.27 -11.03
CA ASN B 33 -4.13 40.44 -11.04
C ASN B 33 -4.79 40.75 -9.68
N ALA B 34 -5.18 39.70 -8.96
CA ALA B 34 -5.86 39.89 -7.67
C ALA B 34 -4.92 40.47 -6.62
N TYR B 35 -3.62 40.18 -6.72
CA TYR B 35 -2.66 40.75 -5.77
C TYR B 35 -2.15 42.11 -6.27
N LYS B 36 -2.83 42.65 -7.29
CA LYS B 36 -2.56 43.98 -7.84
C LYS B 36 -1.14 44.14 -8.42
N LEU B 37 -0.60 43.04 -8.94
CA LEU B 37 0.73 43.07 -9.53
C LEU B 37 0.73 43.60 -10.96
N ILE B 38 -0.39 43.48 -11.66
CA ILE B 38 -0.49 43.84 -13.08
C ILE B 38 -0.10 45.31 -13.40
N PRO B 39 -0.48 46.30 -12.55
CA PRO B 39 -0.02 47.66 -12.89
C PRO B 39 1.50 47.89 -12.72
N GLU B 40 2.19 46.97 -12.06
CA GLU B 40 3.65 47.07 -11.93
C GLU B 40 4.36 46.59 -13.20
N LEU B 41 3.60 45.92 -14.05
CA LEU B 41 4.15 45.16 -15.17
C LEU B 41 3.82 45.77 -16.52
N SER B 42 4.75 45.69 -17.45
CA SER B 42 4.51 46.15 -18.80
C SER B 42 3.92 44.98 -19.61
N ARG B 43 2.70 45.14 -20.12
CA ARG B 43 2.10 44.09 -20.93
C ARG B 43 2.86 43.91 -22.23
N VAL B 44 3.29 42.67 -22.49
CA VAL B 44 3.96 42.35 -23.73
C VAL B 44 2.99 41.57 -24.62
N PRO B 45 2.55 42.18 -25.72
CA PRO B 45 1.56 41.54 -26.58
C PRO B 45 2.15 40.38 -27.40
N PRO B 46 1.43 39.25 -27.49
CA PRO B 46 1.92 38.14 -28.34
C PRO B 46 2.19 38.62 -29.78
N LEU B 47 3.26 38.11 -30.38
CA LEU B 47 3.61 38.42 -31.76
C LEU B 47 2.55 37.92 -32.75
N GLN B 48 2.16 38.78 -33.68
CA GLN B 48 1.34 38.35 -34.80
C GLN B 48 2.06 38.65 -36.10
N TRP B 49 1.70 37.94 -37.16
CA TRP B 49 2.43 38.06 -38.43
C TRP B 49 1.59 38.70 -39.54
N ASP B 50 2.29 39.21 -40.55
CA ASP B 50 1.68 39.87 -41.71
C ASP B 50 1.10 38.89 -42.75
N SER B 51 1.39 37.60 -42.60
CA SER B 51 0.86 36.61 -43.55
C SER B 51 1.09 35.18 -43.03
N PRO B 52 0.33 34.20 -43.57
CA PRO B 52 0.60 32.78 -43.31
C PRO B 52 2.05 32.38 -43.61
N SER B 53 2.63 32.89 -44.69
CA SER B 53 4.02 32.59 -45.02
C SER B 53 4.98 33.07 -43.96
N ARG B 54 4.77 34.28 -43.45
CA ARG B 54 5.63 34.80 -42.41
C ARG B 54 5.51 33.97 -41.13
N MET B 55 4.29 33.51 -40.82
CA MET B 55 4.12 32.68 -39.63
C MET B 55 4.90 31.38 -39.82
N TYR B 56 4.75 30.80 -41.00
CA TYR B 56 5.32 29.50 -41.32
C TYR B 56 6.85 29.52 -41.30
N GLU B 57 7.40 30.62 -41.80
CA GLU B 57 8.84 30.82 -41.83
C GLU B 57 9.38 30.94 -40.40
N ALA B 58 8.63 31.61 -39.54
CA ALA B 58 9.01 31.75 -38.14
C ALA B 58 9.04 30.40 -37.43
N VAL B 59 7.99 29.61 -37.58
CA VAL B 59 7.92 28.34 -36.87
C VAL B 59 8.92 27.32 -37.43
N THR B 60 9.15 27.36 -38.74
CA THR B 60 10.02 26.36 -39.35
C THR B 60 11.50 26.78 -39.28
N ALA B 61 11.78 27.81 -38.50
CA ALA B 61 13.15 28.09 -38.09
C ALA B 61 13.67 26.92 -37.25
N PHE B 62 12.75 26.21 -36.60
CA PHE B 62 13.13 25.00 -35.88
C PHE B 62 12.38 23.76 -36.38
N HIS B 63 11.05 23.83 -36.45
CA HIS B 63 10.27 22.65 -36.78
C HIS B 63 10.29 22.37 -38.28
N SER B 64 10.20 21.10 -38.66
CA SER B 64 10.16 20.76 -40.08
C SER B 64 8.84 21.19 -40.72
N THR B 65 8.88 21.40 -42.04
CA THR B 65 7.68 21.73 -42.81
C THR B 65 6.64 20.62 -42.68
N GLU B 66 7.06 19.36 -42.81
CA GLU B 66 6.09 18.27 -42.77
C GLU B 66 5.41 18.17 -41.40
N TYR B 67 6.16 18.41 -40.31
CA TYR B 67 5.57 18.36 -38.97
C TYR B 67 4.58 19.51 -38.76
N VAL B 68 4.94 20.71 -39.19
CA VAL B 68 4.03 21.86 -39.03
C VAL B 68 2.77 21.63 -39.88
N ASP B 69 2.94 21.11 -41.11
CA ASP B 69 1.80 20.78 -41.95
C ASP B 69 0.89 19.75 -41.29
N ALA B 70 1.46 18.72 -40.67
CA ALA B 70 0.67 17.70 -39.99
C ALA B 70 -0.10 18.29 -38.81
N LEU B 71 0.53 19.22 -38.10
CA LEU B 71 -0.09 19.83 -36.92
C LEU B 71 -1.28 20.70 -37.30
N LYS B 72 -1.16 21.46 -38.40
CA LYS B 72 -2.28 22.22 -38.94
C LYS B 72 -3.42 21.31 -39.35
N LYS B 73 -3.08 20.19 -39.98
CA LYS B 73 -4.10 19.29 -40.50
C LYS B 73 -4.83 18.61 -39.35
N LEU B 74 -4.10 18.33 -38.27
CA LEU B 74 -4.71 17.70 -37.10
C LEU B 74 -5.78 18.61 -36.51
N GLN B 75 -5.49 19.90 -36.40
CA GLN B 75 -6.47 20.86 -35.90
C GLN B 75 -7.68 20.92 -36.83
N MET B 76 -7.42 21.01 -38.12
CA MET B 76 -8.48 21.07 -39.13
C MET B 76 -9.37 19.84 -39.03
N LEU B 77 -8.76 18.67 -38.87
CA LEU B 77 -9.52 17.44 -38.72
C LEU B 77 -10.36 17.40 -37.43
N HIS B 78 -9.82 17.93 -36.32
CA HIS B 78 -10.60 17.89 -35.08
C HIS B 78 -11.69 18.94 -35.03
N CYS B 79 -11.64 19.91 -35.95
CA CYS B 79 -12.73 20.85 -36.13
C CYS B 79 -13.82 20.30 -37.05
N GLU B 80 -13.67 19.04 -37.46
CA GLU B 80 -14.66 18.35 -38.28
C GLU B 80 -15.68 17.61 -37.42
N LEU B 84 -10.94 10.63 -39.09
CA LEU B 84 -9.60 10.46 -39.65
C LEU B 84 -9.52 9.22 -40.53
N THR B 85 -8.93 9.33 -41.71
CA THR B 85 -8.68 8.14 -42.51
C THR B 85 -7.53 7.32 -41.91
N ALA B 86 -7.37 6.08 -42.38
CA ALA B 86 -6.30 5.22 -41.90
C ALA B 86 -4.93 5.81 -42.25
N ASP B 87 -4.86 6.52 -43.37
CA ASP B 87 -3.62 7.20 -43.74
C ASP B 87 -3.40 8.47 -42.92
N ASP B 88 -4.48 9.16 -42.57
CA ASP B 88 -4.41 10.29 -41.63
C ASP B 88 -3.82 9.83 -40.30
N GLU B 89 -4.35 8.72 -39.78
CA GLU B 89 -3.87 8.13 -38.54
C GLU B 89 -2.38 7.80 -38.59
N LEU B 90 -1.95 7.11 -39.65
CA LEU B 90 -0.54 6.74 -39.80
C LEU B 90 0.34 8.00 -39.86
N LEU B 91 -0.14 9.02 -40.57
CA LEU B 91 0.57 10.30 -40.66
C LEU B 91 0.78 10.94 -39.29
N MET B 92 -0.29 11.06 -38.51
CA MET B 92 -0.20 11.64 -37.18
C MET B 92 0.71 10.82 -36.25
N ASP B 93 0.59 9.50 -36.31
CA ASP B 93 1.45 8.61 -35.51
C ASP B 93 2.93 8.81 -35.81
N SER B 94 3.27 9.07 -37.07
CA SER B 94 4.68 9.25 -37.42
C SER B 94 5.27 10.51 -36.78
N PHE B 95 4.41 11.40 -36.27
CA PHE B 95 4.86 12.64 -35.62
C PHE B 95 4.49 12.62 -34.13
N SER B 96 4.08 11.46 -33.64
CA SER B 96 3.68 11.28 -32.25
C SER B 96 2.52 12.21 -31.88
N LEU B 97 1.70 12.55 -32.87
CA LEU B 97 0.50 13.33 -32.58
C LEU B 97 -0.62 12.36 -32.21
N ASN B 98 -0.42 11.70 -31.09
CA ASN B 98 -1.33 10.67 -30.59
C ASN B 98 -1.08 10.45 -29.12
N TYR B 99 -1.84 9.53 -28.53
CA TYR B 99 -1.72 9.17 -27.12
C TYR B 99 -1.68 10.40 -26.21
N ASP B 100 -0.51 10.68 -25.64
CA ASP B 100 -0.35 11.76 -24.66
C ASP B 100 -0.12 13.12 -25.34
N CYS B 101 -0.10 13.13 -26.66
CA CYS B 101 -0.16 14.39 -27.40
C CYS B 101 -1.33 14.36 -28.38
N PRO B 102 -2.56 14.27 -27.85
CA PRO B 102 -3.71 14.10 -28.74
C PRO B 102 -4.03 15.35 -29.53
N GLY B 103 -4.81 15.21 -30.59
CA GLY B 103 -5.39 16.35 -31.27
C GLY B 103 -6.61 16.83 -30.53
N PHE B 104 -6.93 18.10 -30.74
CA PHE B 104 -8.15 18.70 -30.20
C PHE B 104 -8.41 19.91 -31.08
N PRO B 105 -9.63 20.49 -31.01
CA PRO B 105 -10.01 21.50 -32.02
C PRO B 105 -9.08 22.72 -32.14
N SER B 106 -8.36 23.08 -31.10
CA SER B 106 -7.47 24.24 -31.20
C SER B 106 -6.00 23.89 -31.05
N VAL B 107 -5.62 22.64 -31.33
CA VAL B 107 -4.26 22.19 -31.01
C VAL B 107 -3.18 23.03 -31.69
N PHE B 108 -3.42 23.49 -32.92
CA PHE B 108 -2.42 24.32 -33.60
C PHE B 108 -2.40 25.75 -33.04
N ASP B 109 -3.58 26.35 -32.89
CA ASP B 109 -3.71 27.71 -32.35
C ASP B 109 -3.12 27.78 -30.95
N TYR B 110 -3.44 26.79 -30.14
CA TYR B 110 -2.89 26.66 -28.80
C TYR B 110 -1.37 26.63 -28.78
N SER B 111 -0.80 25.74 -29.60
CA SER B 111 0.65 25.56 -29.68
C SER B 111 1.35 26.81 -30.20
N LEU B 112 0.78 27.41 -31.25
CA LEU B 112 1.36 28.60 -31.84
C LEU B 112 1.33 29.77 -30.85
N ALA B 113 0.28 29.81 -30.03
CA ALA B 113 0.11 30.93 -29.12
C ALA B 113 1.33 31.05 -28.20
N ALA B 114 1.78 29.93 -27.65
CA ALA B 114 2.94 29.95 -26.76
C ALA B 114 4.19 30.45 -27.51
N VAL B 115 4.31 30.05 -28.77
CA VAL B 115 5.35 30.58 -29.66
C VAL B 115 5.23 32.10 -29.82
N GLN B 116 4.02 32.58 -30.08
CA GLN B 116 3.76 34.01 -30.23
C GLN B 116 4.17 34.79 -28.99
N GLY B 117 3.89 34.24 -27.82
CA GLY B 117 4.21 34.93 -26.57
C GLY B 117 5.71 34.97 -26.32
N SER B 118 6.37 33.83 -26.49
CA SER B 118 7.79 33.75 -26.16
C SER B 118 8.66 34.51 -27.17
N LEU B 119 8.25 34.55 -28.44
CA LEU B 119 8.96 35.33 -29.46
C LEU B 119 8.83 36.82 -29.19
N ALA B 120 7.62 37.27 -28.85
CA ALA B 120 7.39 38.66 -28.46
C ALA B 120 8.26 39.02 -27.25
N ALA B 121 8.33 38.12 -26.27
CA ALA B 121 9.14 38.30 -25.08
C ALA B 121 10.62 38.46 -25.44
N ALA B 122 11.13 37.56 -26.29
CA ALA B 122 12.50 37.69 -26.76
C ALA B 122 12.72 39.06 -27.42
N SER B 123 11.77 39.51 -28.24
CA SER B 123 11.93 40.77 -28.96
C SER B 123 11.89 41.97 -28.00
N ALA B 124 11.09 41.89 -26.95
CA ALA B 124 11.09 42.94 -25.94
C ALA B 124 12.44 43.03 -25.22
N LEU B 125 13.09 41.89 -24.99
CA LEU B 125 14.42 41.86 -24.38
C LEU B 125 15.46 42.47 -25.31
N ILE B 126 15.36 42.09 -26.58
CA ILE B 126 16.34 42.51 -27.58
C ILE B 126 16.35 44.02 -27.77
N CYS B 127 15.17 44.63 -27.87
CA CYS B 127 15.12 46.08 -28.07
C CYS B 127 15.23 46.85 -26.75
N ARG B 128 15.54 46.14 -25.67
CA ARG B 128 15.75 46.72 -24.35
C ARG B 128 14.50 47.44 -23.83
N HIS B 129 13.33 47.05 -24.31
CA HIS B 129 12.09 47.60 -23.77
C HIS B 129 11.85 47.06 -22.36
N CYS B 130 12.27 45.82 -22.13
CA CYS B 130 12.16 45.15 -20.83
C CYS B 130 13.51 44.57 -20.40
N GLU B 131 13.76 44.51 -19.10
CA GLU B 131 14.97 43.87 -18.58
C GLU B 131 14.70 42.39 -18.31
N VAL B 132 13.44 42.11 -17.99
CA VAL B 132 12.93 40.77 -17.76
C VAL B 132 11.54 40.65 -18.37
N VAL B 133 11.25 39.51 -19.00
CA VAL B 133 9.90 39.25 -19.47
C VAL B 133 9.44 37.88 -19.01
N ILE B 134 8.22 37.84 -18.48
CA ILE B 134 7.57 36.62 -18.02
C ILE B 134 6.49 36.14 -19.02
N ASN B 135 6.50 34.86 -19.36
CA ASN B 135 5.42 34.27 -20.14
C ASN B 135 4.92 32.99 -19.48
N TRP B 136 3.84 33.08 -18.71
CA TRP B 136 3.35 31.89 -18.04
C TRP B 136 2.57 30.98 -18.99
N GLY B 137 2.44 31.40 -20.25
CA GLY B 137 1.77 30.58 -21.24
C GLY B 137 2.76 29.75 -22.06
N GLY B 138 4.04 29.88 -21.74
CA GLY B 138 5.08 29.20 -22.50
C GLY B 138 5.92 28.26 -21.65
N GLY B 139 6.95 27.68 -22.26
CA GLY B 139 7.85 26.80 -21.54
C GLY B 139 7.76 25.35 -21.95
N TRP B 140 7.42 25.08 -23.21
CA TRP B 140 7.14 23.72 -23.63
C TRP B 140 8.38 23.06 -24.20
N HIS B 141 9.21 22.55 -23.28
CA HIS B 141 10.58 22.19 -23.57
C HIS B 141 10.74 20.82 -24.26
N HIS B 142 9.69 20.02 -24.32
CA HIS B 142 9.81 18.67 -24.87
C HIS B 142 9.67 18.55 -26.38
N ALA B 143 9.04 19.54 -27.02
CA ALA B 143 8.75 19.43 -28.46
C ALA B 143 10.06 19.29 -29.26
N LYS B 144 10.08 18.35 -30.20
CA LYS B 144 11.23 18.17 -31.09
C LYS B 144 10.92 18.75 -32.47
N ARG B 145 11.93 18.85 -33.34
CA ARG B 145 11.71 19.52 -34.62
C ARG B 145 10.64 18.82 -35.46
N SER B 146 10.52 17.50 -35.36
CA SER B 146 9.47 16.79 -36.08
C SER B 146 8.64 15.89 -35.20
N GLU B 147 8.44 16.26 -33.94
CA GLU B 147 7.76 15.35 -33.03
C GLU B 147 7.14 16.06 -31.84
N ALA B 148 5.88 15.78 -31.58
CA ALA B 148 5.22 16.27 -30.36
C ALA B 148 5.65 15.36 -29.21
N SER B 149 5.74 15.90 -28.00
CA SER B 149 6.16 15.08 -26.87
C SER B 149 5.74 15.69 -25.53
N GLY B 150 5.18 14.86 -24.65
CA GLY B 150 4.82 15.30 -23.31
C GLY B 150 3.96 16.55 -23.30
N PHE B 151 2.92 16.51 -24.13
CA PHE B 151 1.98 17.62 -24.40
C PHE B 151 2.63 18.90 -24.84
N CYS B 152 3.83 18.78 -25.41
CA CYS B 152 4.49 19.91 -26.06
C CYS B 152 4.43 19.71 -27.56
N TYR B 153 3.80 20.62 -28.28
CA TYR B 153 3.61 20.45 -29.71
C TYR B 153 4.56 21.32 -30.51
N LEU B 154 4.81 22.53 -30.03
CA LEU B 154 5.76 23.45 -30.67
C LEU B 154 6.70 23.96 -29.59
N ASN B 155 7.98 24.04 -29.90
CA ASN B 155 8.94 24.41 -28.87
C ASN B 155 9.19 25.92 -28.87
N ASP B 156 8.40 26.64 -28.07
CA ASP B 156 8.51 28.10 -28.01
C ASP B 156 9.85 28.51 -27.43
N ILE B 157 10.39 27.69 -26.54
CA ILE B 157 11.68 27.99 -25.94
C ILE B 157 12.80 28.00 -26.99
N VAL B 158 12.90 26.93 -27.78
CA VAL B 158 13.89 26.89 -28.86
C VAL B 158 13.75 28.11 -29.80
N LEU B 159 12.51 28.46 -30.15
CA LEU B 159 12.30 29.54 -31.11
C LEU B 159 12.70 30.87 -30.50
N ALA B 160 12.41 31.05 -29.21
CA ALA B 160 12.77 32.28 -28.52
C ALA B 160 14.30 32.38 -28.35
N ILE B 161 14.92 31.31 -27.90
CA ILE B 161 16.39 31.29 -27.80
C ILE B 161 17.03 31.57 -29.15
N HIS B 162 16.51 30.96 -30.20
CA HIS B 162 17.07 31.17 -31.52
C HIS B 162 17.01 32.65 -31.91
N ARG B 163 15.91 33.32 -31.59
CA ARG B 163 15.79 34.75 -31.85
C ARG B 163 16.80 35.55 -31.05
N LEU B 164 16.95 35.21 -29.76
CA LEU B 164 17.88 35.91 -28.89
C LEU B 164 19.34 35.72 -29.32
N VAL B 165 19.70 34.50 -29.70
CA VAL B 165 21.10 34.17 -29.94
C VAL B 165 21.55 34.72 -31.29
N SER B 166 20.59 34.98 -32.18
CA SER B 166 20.93 35.49 -33.50
C SER B 166 20.71 37.00 -33.59
N SER B 167 20.66 37.67 -32.43
CA SER B 167 20.54 39.12 -32.38
C SER B 167 21.91 39.78 -32.18
N THR B 168 22.13 40.90 -32.85
CA THR B 168 23.40 41.61 -32.76
C THR B 168 23.54 42.36 -31.44
N GLN B 177 30.06 35.91 -29.83
CA GLN B 177 30.05 36.83 -28.70
C GLN B 177 28.70 36.81 -27.95
N THR B 178 27.59 36.69 -28.67
CA THR B 178 26.29 36.55 -28.00
C THR B 178 26.06 35.11 -27.59
N ARG B 179 25.94 34.89 -26.28
CA ARG B 179 25.67 33.57 -25.75
C ARG B 179 24.38 33.59 -24.95
N VAL B 180 23.63 32.49 -25.02
CA VAL B 180 22.47 32.35 -24.15
C VAL B 180 22.67 31.19 -23.17
N LEU B 181 22.35 31.44 -21.90
CA LEU B 181 22.28 30.38 -20.90
C LEU B 181 20.82 29.98 -20.70
N TYR B 182 20.53 28.70 -20.93
CA TYR B 182 19.20 28.16 -20.66
C TYR B 182 19.19 27.36 -19.37
N VAL B 183 18.24 27.70 -18.51
CA VAL B 183 18.12 27.06 -17.19
C VAL B 183 16.76 26.42 -17.04
N ASP B 184 16.74 25.11 -16.87
CA ASP B 184 15.49 24.37 -16.86
C ASP B 184 15.20 23.77 -15.49
N LEU B 185 14.29 24.40 -14.74
CA LEU B 185 13.99 24.03 -13.35
C LEU B 185 12.84 23.02 -13.20
N ASP B 186 12.24 22.65 -14.33
CA ASP B 186 11.11 21.72 -14.37
C ASP B 186 11.52 20.38 -13.74
N LEU B 187 10.55 19.66 -13.18
CA LEU B 187 10.75 18.30 -12.70
C LEU B 187 11.39 17.37 -13.76
N HIS B 188 11.08 17.63 -15.03
CA HIS B 188 11.49 16.76 -16.12
C HIS B 188 12.70 17.33 -16.86
N HIS B 189 13.52 16.44 -17.39
CA HIS B 189 14.65 16.83 -18.23
C HIS B 189 14.18 17.63 -19.45
N GLY B 190 14.77 18.80 -19.67
CA GLY B 190 14.40 19.60 -20.84
C GLY B 190 15.04 19.07 -22.13
N ASP B 191 14.62 17.88 -22.56
CA ASP B 191 15.26 17.20 -23.67
C ASP B 191 15.14 17.92 -25.03
N GLY B 192 13.98 18.50 -25.32
CA GLY B 192 13.76 19.18 -26.59
C GLY B 192 14.69 20.38 -26.82
N VAL B 193 14.88 21.19 -25.81
CA VAL B 193 15.78 22.33 -25.92
C VAL B 193 17.22 21.87 -26.00
N GLU B 194 17.55 20.86 -25.20
CA GLU B 194 18.91 20.34 -25.15
C GLU B 194 19.33 19.79 -26.51
N GLU B 195 18.44 19.00 -27.10
CA GLU B 195 18.69 18.38 -28.41
C GLU B 195 18.82 19.43 -29.50
N ALA B 196 17.99 20.46 -29.44
CA ALA B 196 17.98 21.52 -30.44
C ALA B 196 19.33 22.22 -30.55
N PHE B 197 20.04 22.34 -29.42
CA PHE B 197 21.28 23.10 -29.41
C PHE B 197 22.48 22.23 -29.09
N TRP B 198 22.30 20.93 -29.29
CA TRP B 198 23.32 19.93 -29.01
C TRP B 198 24.67 20.24 -29.70
N TYR B 199 24.61 20.79 -30.92
CA TYR B 199 25.83 21.06 -31.70
C TYR B 199 26.24 22.54 -31.65
N SER B 200 25.61 23.31 -30.76
CA SER B 200 25.84 24.77 -30.71
C SER B 200 26.49 25.22 -29.40
N PRO B 201 27.70 25.81 -29.48
CA PRO B 201 28.34 26.32 -28.25
C PRO B 201 27.72 27.61 -27.72
N ARG B 202 26.94 28.32 -28.52
CA ARG B 202 26.46 29.65 -28.12
C ARG B 202 25.19 29.58 -27.27
N VAL B 203 24.59 28.39 -27.19
CA VAL B 203 23.47 28.15 -26.29
C VAL B 203 23.85 27.07 -25.29
N VAL B 204 24.18 27.49 -24.08
CA VAL B 204 24.50 26.52 -23.05
C VAL B 204 23.22 26.14 -22.32
N THR B 205 22.92 24.85 -22.29
CA THR B 205 21.71 24.39 -21.62
C THR B 205 22.07 23.73 -20.28
N PHE B 206 21.26 23.99 -19.27
CA PHE B 206 21.44 23.38 -17.96
C PHE B 206 20.09 22.95 -17.40
N SER B 207 19.93 21.65 -17.21
CA SER B 207 18.68 21.13 -16.67
C SER B 207 18.92 20.43 -15.35
N VAL B 208 18.08 20.75 -14.37
CA VAL B 208 18.04 20.03 -13.11
C VAL B 208 16.69 19.32 -13.06
N HIS B 209 16.65 18.07 -12.64
CA HIS B 209 15.44 17.29 -12.81
C HIS B 209 15.54 15.99 -12.07
N HIS B 210 14.40 15.30 -11.96
CA HIS B 210 14.43 13.92 -11.56
C HIS B 210 14.74 13.02 -12.76
N ALA B 211 15.52 11.98 -12.52
CA ALA B 211 15.65 10.89 -13.48
C ALA B 211 15.71 9.56 -12.74
N SER B 212 15.04 8.56 -13.28
CA SER B 212 15.05 7.22 -12.73
C SER B 212 14.51 6.28 -13.81
N PRO B 213 14.74 4.97 -13.67
CA PRO B 213 14.30 4.02 -14.70
C PRO B 213 12.81 4.12 -15.01
N GLY B 214 12.47 4.42 -16.26
CA GLY B 214 11.08 4.47 -16.68
C GLY B 214 10.44 5.84 -16.56
N PHE B 215 11.11 6.75 -15.89
CA PHE B 215 10.57 8.09 -15.69
C PHE B 215 10.82 8.97 -16.93
N PHE B 216 9.75 9.57 -17.44
CA PHE B 216 9.76 10.45 -18.61
C PHE B 216 10.71 11.64 -18.46
N PRO B 217 11.44 11.98 -19.54
CA PRO B 217 11.50 11.30 -20.84
C PRO B 217 12.66 10.31 -20.95
N GLY B 218 13.48 10.20 -19.92
CA GLY B 218 14.47 9.13 -19.90
C GLY B 218 15.90 9.61 -20.02
N THR B 219 16.06 10.82 -20.51
CA THR B 219 17.39 11.39 -20.77
C THR B 219 17.83 12.30 -19.63
N GLY B 220 18.96 12.98 -19.82
CA GLY B 220 19.47 13.88 -18.80
C GLY B 220 20.15 13.17 -17.64
N THR B 221 20.71 12.01 -17.94
CA THR B 221 21.36 11.20 -16.92
C THR B 221 22.42 10.30 -17.55
N TRP B 222 23.00 9.42 -16.73
CA TRP B 222 24.04 8.49 -17.18
C TRP B 222 23.61 7.66 -18.40
N ASN B 223 24.57 7.42 -19.29
CA ASN B 223 24.33 6.64 -20.50
C ASN B 223 24.93 5.24 -20.40
N LEU B 230 31.93 1.58 -17.88
CA LEU B 230 31.52 2.56 -16.87
C LEU B 230 30.75 3.72 -17.51
N PRO B 231 29.50 3.94 -17.08
CA PRO B 231 28.58 4.95 -17.63
C PRO B 231 29.16 6.36 -17.65
N ILE B 232 28.72 7.17 -18.61
CA ILE B 232 29.16 8.56 -18.72
C ILE B 232 28.00 9.47 -19.04
N PHE B 233 28.21 10.77 -18.86
CA PHE B 233 27.27 11.80 -19.30
C PHE B 233 27.63 12.31 -20.68
N LEU B 234 26.72 12.18 -21.63
CA LEU B 234 26.83 12.90 -22.89
C LEU B 234 26.55 14.36 -22.61
N ASN B 235 27.21 15.27 -23.33
CA ASN B 235 27.11 16.70 -23.00
C ASN B 235 27.23 17.61 -24.22
N GLY B 236 26.86 17.10 -25.38
CA GLY B 236 26.92 17.89 -26.60
C GLY B 236 27.87 17.25 -27.61
N ALA B 237 27.85 17.72 -28.85
CA ALA B 237 28.73 17.13 -29.86
C ALA B 237 29.28 18.18 -30.82
N GLY B 238 30.38 17.84 -31.51
CA GLY B 238 31.02 18.77 -32.42
C GLY B 238 31.44 20.07 -31.73
N ARG B 239 31.04 21.20 -32.28
CA ARG B 239 31.34 22.50 -31.66
C ARG B 239 30.57 22.68 -30.35
N GLY B 240 29.55 21.85 -30.17
CA GLY B 240 28.67 21.95 -29.02
C GLY B 240 29.10 21.05 -27.88
N ARG B 241 30.24 20.40 -28.03
CA ARG B 241 30.73 19.52 -26.97
C ARG B 241 30.91 20.28 -25.66
N PHE B 242 30.55 19.62 -24.56
CA PHE B 242 30.58 20.15 -23.19
C PHE B 242 29.54 21.26 -22.91
N SER B 243 28.64 21.52 -23.85
CA SER B 243 27.76 22.68 -23.70
C SER B 243 26.35 22.32 -23.22
N ALA B 244 26.10 21.03 -23.00
CA ALA B 244 24.83 20.57 -22.43
C ALA B 244 25.06 19.99 -21.03
N PHE B 245 24.53 20.68 -20.03
CA PHE B 245 24.74 20.35 -18.62
C PHE B 245 23.48 19.74 -18.02
N ASN B 246 23.66 18.68 -17.23
CA ASN B 246 22.54 18.02 -16.56
C ASN B 246 22.84 17.67 -15.12
N LEU B 247 21.84 17.87 -14.27
CA LEU B 247 21.88 17.45 -12.88
C LEU B 247 20.62 16.68 -12.53
N PRO B 248 20.66 15.34 -12.66
CA PRO B 248 19.56 14.47 -12.24
C PRO B 248 19.60 14.22 -10.73
N LEU B 249 18.46 14.35 -10.06
CA LEU B 249 18.38 14.19 -8.61
C LEU B 249 17.41 13.07 -8.27
N GLU B 250 17.63 12.45 -7.12
CA GLU B 250 16.72 11.43 -6.59
C GLU B 250 15.45 12.08 -6.03
N GLU B 251 14.35 11.33 -5.95
CA GLU B 251 13.11 11.87 -5.41
C GLU B 251 13.25 12.28 -3.96
N GLY B 252 12.38 13.18 -3.51
CA GLY B 252 12.34 13.57 -2.11
C GLY B 252 13.09 14.85 -1.73
N ILE B 253 13.85 15.43 -2.67
CA ILE B 253 14.67 16.59 -2.32
C ILE B 253 13.80 17.77 -1.89
N ASN B 254 14.27 18.48 -0.85
CA ASN B 254 13.53 19.63 -0.31
C ASN B 254 14.10 20.96 -0.83
N ASP B 255 13.51 22.08 -0.42
CA ASP B 255 13.90 23.41 -0.90
C ASP B 255 15.39 23.72 -0.71
N LEU B 256 15.88 23.46 0.50
CA LEU B 256 17.25 23.80 0.88
C LEU B 256 18.28 22.95 0.14
N ASP B 257 18.04 21.64 0.10
CA ASP B 257 18.99 20.77 -0.59
C ASP B 257 19.04 21.02 -2.10
N TRP B 258 17.89 21.37 -2.67
CA TRP B 258 17.78 21.67 -4.11
C TRP B 258 18.45 23.01 -4.42
N SER B 259 18.23 23.99 -3.54
CA SER B 259 18.89 25.29 -3.62
C SER B 259 20.41 25.19 -3.52
N ASN B 260 20.89 24.41 -2.55
CA ASN B 260 22.32 24.18 -2.41
C ASN B 260 22.90 23.38 -3.58
N ALA B 261 22.07 22.58 -4.20
CA ALA B 261 22.50 21.78 -5.34
C ALA B 261 22.78 22.64 -6.56
N ILE B 262 21.87 23.57 -6.88
CA ILE B 262 22.03 24.30 -8.14
C ILE B 262 22.59 25.73 -7.98
N GLY B 263 22.50 26.28 -6.78
CA GLY B 263 23.02 27.60 -6.52
C GLY B 263 24.44 27.85 -7.02
N PRO B 264 25.41 27.04 -6.55
CA PRO B 264 26.81 27.17 -6.99
C PRO B 264 27.02 26.88 -8.48
N ILE B 265 26.25 25.94 -9.01
CA ILE B 265 26.39 25.60 -10.43
C ILE B 265 25.89 26.77 -11.30
N LEU B 266 24.73 27.32 -10.96
CA LEU B 266 24.22 28.52 -11.65
C LEU B 266 25.19 29.69 -11.63
N ASP B 267 25.76 29.99 -10.47
CA ASP B 267 26.72 31.11 -10.34
C ASP B 267 27.99 30.89 -11.15
N SER B 268 28.46 29.64 -11.18
CA SER B 268 29.61 29.24 -11.99
C SER B 268 29.34 29.37 -13.49
N LEU B 269 28.20 28.86 -13.94
CA LEU B 269 27.80 29.01 -15.33
C LEU B 269 27.80 30.48 -15.72
N ASN B 270 27.29 31.33 -14.84
CA ASN B 270 27.26 32.75 -15.14
C ASN B 270 28.66 33.36 -15.23
N ILE B 271 29.51 33.00 -14.27
CA ILE B 271 30.87 33.51 -14.23
C ILE B 271 31.62 33.15 -15.51
N VAL B 272 31.54 31.87 -15.89
CA VAL B 272 32.34 31.35 -17.00
C VAL B 272 31.74 31.65 -18.38
N ILE B 273 30.44 31.44 -18.54
CA ILE B 273 29.82 31.63 -19.84
C ILE B 273 29.55 33.10 -20.14
N GLN B 274 29.32 33.89 -19.10
CA GLN B 274 28.98 35.30 -19.28
C GLN B 274 27.86 35.51 -20.32
N PRO B 275 26.68 34.91 -20.07
CA PRO B 275 25.59 34.98 -21.05
C PRO B 275 25.08 36.40 -21.33
N SER B 276 24.62 36.67 -22.54
CA SER B 276 23.99 37.96 -22.86
C SER B 276 22.51 37.93 -22.49
N TYR B 277 21.94 36.72 -22.49
CA TYR B 277 20.54 36.50 -22.10
C TYR B 277 20.47 35.24 -21.26
N VAL B 278 19.53 35.21 -20.32
CA VAL B 278 19.22 34.00 -19.59
C VAL B 278 17.76 33.64 -19.87
N VAL B 279 17.52 32.37 -20.20
CA VAL B 279 16.17 31.87 -20.34
C VAL B 279 15.93 30.82 -19.28
N VAL B 280 14.87 31.00 -18.51
CA VAL B 280 14.60 30.14 -17.37
C VAL B 280 13.26 29.48 -17.54
N GLN B 281 13.25 28.16 -17.62
CA GLN B 281 12.00 27.42 -17.63
C GLN B 281 11.69 27.11 -16.16
N CYS B 282 10.50 27.52 -15.72
CA CYS B 282 10.18 27.47 -14.30
C CYS B 282 8.97 26.56 -14.03
N GLY B 283 8.97 25.37 -14.65
CA GLY B 283 7.95 24.37 -14.43
C GLY B 283 7.72 24.07 -12.96
N ALA B 284 6.45 24.07 -12.55
CA ALA B 284 6.08 23.98 -11.14
C ALA B 284 5.82 22.56 -10.66
N ASP B 285 6.18 21.55 -11.45
CA ASP B 285 5.88 20.20 -11.00
C ASP B 285 6.89 19.64 -10.00
N CYS B 286 7.81 20.49 -9.49
CA CYS B 286 8.68 20.08 -8.38
C CYS B 286 8.05 20.37 -7.03
N LEU B 287 6.89 21.04 -7.05
CA LEU B 287 6.19 21.34 -5.80
C LEU B 287 5.80 20.06 -5.08
N ALA B 288 5.88 20.09 -3.75
CA ALA B 288 5.51 18.96 -2.90
C ALA B 288 4.08 18.50 -3.16
N THR B 289 3.22 19.44 -3.52
CA THR B 289 1.80 19.15 -3.69
C THR B 289 1.43 18.87 -5.15
N ASP B 290 2.43 18.77 -6.01
CA ASP B 290 2.16 18.36 -7.39
C ASP B 290 1.77 16.88 -7.42
N PRO B 291 0.81 16.51 -8.29
CA PRO B 291 0.39 15.11 -8.37
C PRO B 291 1.56 14.14 -8.66
N HIS B 292 2.63 14.59 -9.30
CA HIS B 292 3.79 13.71 -9.48
C HIS B 292 4.36 13.21 -8.12
N ARG B 293 4.31 14.08 -7.12
CA ARG B 293 4.80 13.76 -5.77
C ARG B 293 6.21 13.18 -5.81
N ILE B 294 7.13 13.90 -6.44
CA ILE B 294 8.50 13.44 -6.51
C ILE B 294 9.44 14.33 -5.73
N PHE B 295 9.48 15.63 -6.06
CA PHE B 295 10.29 16.56 -5.25
C PHE B 295 9.42 17.19 -4.17
N ARG B 296 10.04 17.87 -3.21
CA ARG B 296 9.25 18.49 -2.14
C ARG B 296 9.56 19.97 -2.04
N LEU B 297 9.56 20.66 -3.17
CA LEU B 297 9.75 22.12 -3.13
C LEU B 297 8.47 22.82 -2.68
N THR B 298 8.60 24.06 -2.24
CA THR B 298 7.46 24.86 -1.81
C THR B 298 7.46 26.21 -2.52
N ASN B 299 6.49 27.04 -2.18
CA ASN B 299 6.49 28.44 -2.60
C ASN B 299 6.69 29.36 -1.38
N PHE B 300 7.27 28.84 -0.30
CA PHE B 300 7.40 29.59 0.95
C PHE B 300 8.38 30.75 0.81
N TYR B 301 8.09 31.84 1.51
CA TYR B 301 8.90 33.05 1.42
C TYR B 301 8.95 33.78 2.78
N PRO B 302 9.86 33.35 3.66
CA PRO B 302 9.91 33.78 5.07
C PRO B 302 9.89 35.31 5.26
N SER B 315 13.54 28.69 5.70
CA SER B 315 12.72 27.79 4.89
C SER B 315 12.25 28.45 3.60
N LEU B 316 13.18 28.69 2.68
CA LEU B 316 12.90 29.45 1.47
C LEU B 316 12.62 28.55 0.25
N SER B 317 11.58 28.84 -0.51
CA SER B 317 11.32 28.14 -1.76
C SER B 317 12.57 28.04 -2.67
N GLY B 318 12.87 26.83 -3.12
CA GLY B 318 13.97 26.63 -4.05
C GLY B 318 13.80 27.47 -5.30
N TYR B 319 12.60 27.43 -5.87
CA TYR B 319 12.28 28.25 -7.02
C TYR B 319 12.64 29.72 -6.80
N LEU B 320 12.12 30.31 -5.71
CA LEU B 320 12.34 31.72 -5.41
C LEU B 320 13.82 31.98 -5.21
N TYR B 321 14.50 31.03 -4.55
CA TYR B 321 15.92 31.13 -4.34
C TYR B 321 16.65 31.17 -5.68
N ALA B 322 16.33 30.25 -6.57
CA ALA B 322 17.03 30.20 -7.87
C ALA B 322 16.71 31.42 -8.71
N ILE B 323 15.46 31.88 -8.69
CA ILE B 323 15.07 33.04 -9.50
C ILE B 323 15.78 34.29 -8.99
N LYS B 324 15.79 34.48 -7.68
CA LYS B 324 16.48 35.61 -7.09
C LYS B 324 17.95 35.61 -7.48
N LYS B 325 18.59 34.44 -7.41
CA LYS B 325 20.00 34.33 -7.78
C LYS B 325 20.24 34.77 -9.23
N ILE B 326 19.39 34.30 -10.14
CA ILE B 326 19.57 34.57 -11.56
C ILE B 326 19.34 36.05 -11.85
N LEU B 327 18.36 36.64 -11.20
CA LEU B 327 18.09 38.05 -11.42
C LEU B 327 19.23 38.93 -10.88
N SER B 328 19.95 38.45 -9.86
CA SER B 328 21.03 39.24 -9.27
C SER B 328 22.20 39.47 -10.24
N TRP B 329 22.26 38.68 -11.31
CA TRP B 329 23.30 38.83 -12.32
C TRP B 329 23.10 40.05 -13.20
N LYS B 330 21.88 40.58 -13.23
CA LYS B 330 21.54 41.74 -14.05
C LYS B 330 21.75 41.47 -15.54
N VAL B 331 21.41 40.26 -15.96
CA VAL B 331 21.42 39.88 -17.36
C VAL B 331 19.96 39.80 -17.84
N PRO B 332 19.65 40.43 -18.99
CA PRO B 332 18.28 40.35 -19.53
C PRO B 332 17.76 38.91 -19.53
N THR B 333 16.56 38.72 -19.02
CA THR B 333 16.12 37.38 -18.65
C THR B 333 14.70 37.10 -19.11
N LEU B 334 14.48 35.89 -19.56
CA LEU B 334 13.17 35.42 -19.93
C LEU B 334 12.77 34.36 -18.91
N ILE B 335 11.58 34.50 -18.34
CA ILE B 335 11.04 33.52 -17.40
C ILE B 335 9.79 32.88 -17.97
N LEU B 336 9.82 31.57 -18.16
CA LEU B 336 8.73 30.83 -18.78
C LEU B 336 8.14 29.85 -17.77
N GLY B 337 6.92 29.38 -18.06
CA GLY B 337 6.22 28.40 -17.26
C GLY B 337 6.68 27.00 -17.59
N GLY B 338 5.75 26.09 -17.81
CA GLY B 338 6.09 24.70 -18.06
C GLY B 338 5.09 23.77 -17.39
N GLY B 339 5.59 22.67 -16.83
CA GLY B 339 4.75 21.73 -16.11
C GLY B 339 4.19 22.35 -14.84
N GLY B 340 3.26 21.65 -14.22
CA GLY B 340 2.61 22.13 -13.01
C GLY B 340 1.17 21.68 -13.15
N TYR B 341 0.83 20.61 -12.44
CA TYR B 341 -0.43 19.91 -12.67
C TYR B 341 -1.36 19.99 -11.46
N ASN B 342 -0.92 20.71 -10.44
CA ASN B 342 -1.81 21.23 -9.39
C ASN B 342 -2.05 22.71 -9.68
N PHE B 343 -3.17 23.04 -10.32
CA PHE B 343 -3.30 24.39 -10.90
C PHE B 343 -3.29 25.52 -9.86
N PRO B 344 -4.07 25.40 -8.77
CA PRO B 344 -3.97 26.48 -7.78
C PRO B 344 -2.57 26.66 -7.17
N ASP B 345 -1.87 25.56 -6.91
CA ASP B 345 -0.54 25.66 -6.30
C ASP B 345 0.48 26.19 -7.31
N THR B 346 0.32 25.83 -8.57
CA THR B 346 1.12 26.44 -9.64
C THR B 346 0.92 27.96 -9.65
N ALA B 347 -0.34 28.39 -9.58
CA ALA B 347 -0.64 29.82 -9.56
C ALA B 347 -0.01 30.48 -8.33
N ARG B 348 -0.07 29.80 -7.18
CA ARG B 348 0.56 30.27 -5.93
C ARG B 348 2.06 30.48 -6.06
N LEU B 349 2.76 29.51 -6.64
CA LEU B 349 4.18 29.67 -6.90
C LEU B 349 4.46 30.82 -7.87
N TRP B 350 3.79 30.81 -9.02
CA TRP B 350 4.15 31.73 -10.10
C TRP B 350 3.78 33.17 -9.78
N THR B 351 2.77 33.33 -8.92
CA THR B 351 2.42 34.65 -8.41
C THR B 351 3.56 35.18 -7.54
N ARG B 352 4.10 34.32 -6.68
CA ARG B 352 5.26 34.71 -5.88
C ARG B 352 6.49 34.97 -6.74
N VAL B 353 6.72 34.16 -7.76
CA VAL B 353 7.85 34.40 -8.67
C VAL B 353 7.71 35.77 -9.32
N THR B 354 6.48 36.13 -9.67
CA THR B 354 6.22 37.39 -10.36
C THR B 354 6.46 38.58 -9.42
N ALA B 355 6.04 38.45 -8.17
CA ALA B 355 6.24 39.53 -7.20
C ALA B 355 7.74 39.70 -6.94
N LEU B 356 8.45 38.59 -6.85
CA LEU B 356 9.89 38.63 -6.58
C LEU B 356 10.65 39.31 -7.71
N THR B 357 10.26 38.99 -8.94
CA THR B 357 10.86 39.60 -10.12
C THR B 357 10.68 41.11 -10.09
N ILE B 358 9.48 41.55 -9.72
CA ILE B 358 9.22 42.97 -9.59
C ILE B 358 10.13 43.59 -8.53
N GLU B 359 10.22 42.95 -7.36
CA GLU B 359 11.10 43.44 -6.29
C GLU B 359 12.56 43.54 -6.71
N GLU B 360 13.07 42.45 -7.27
CA GLU B 360 14.49 42.36 -7.60
C GLU B 360 14.88 43.32 -8.71
N VAL B 361 13.97 43.55 -9.67
CA VAL B 361 14.32 44.36 -10.83
C VAL B 361 13.98 45.84 -10.62
N LYS B 362 12.82 46.12 -10.06
CA LYS B 362 12.42 47.51 -9.86
C LYS B 362 12.86 48.06 -8.50
N GLY B 363 13.39 47.19 -7.64
CA GLY B 363 13.82 47.59 -6.31
C GLY B 363 12.66 48.05 -5.46
N LYS B 364 11.49 47.51 -5.75
CA LYS B 364 10.23 48.02 -5.21
C LYS B 364 9.54 46.94 -4.37
N LYS B 365 9.41 47.19 -3.07
CA LYS B 365 8.86 46.20 -2.16
C LYS B 365 7.45 45.74 -2.54
N MET B 366 7.31 44.43 -2.71
CA MET B 366 6.03 43.83 -3.04
C MET B 366 5.58 42.98 -1.87
N THR B 367 4.57 43.46 -1.15
CA THR B 367 4.06 42.72 -0.02
C THR B 367 2.78 42.01 -0.42
N ILE B 368 2.78 40.71 -0.21
CA ILE B 368 1.67 39.91 -0.61
C ILE B 368 0.98 39.34 0.63
N SER B 369 -0.31 39.59 0.76
CA SER B 369 -1.07 39.09 1.89
C SER B 369 -1.08 37.57 1.90
N PRO B 370 -1.05 36.95 3.09
CA PRO B 370 -1.08 35.47 3.14
C PRO B 370 -2.46 34.92 2.81
N GLU B 371 -3.50 35.75 2.91
CA GLU B 371 -4.83 35.37 2.47
C GLU B 371 -5.03 35.66 0.97
N ILE B 372 -5.52 34.65 0.24
CA ILE B 372 -5.90 34.82 -1.16
C ILE B 372 -6.94 35.94 -1.27
N PRO B 373 -6.70 36.90 -2.18
CA PRO B 373 -7.63 38.03 -2.36
C PRO B 373 -8.90 37.60 -3.08
N GLU B 374 -9.92 38.43 -2.97
CA GLU B 374 -11.18 38.18 -3.64
C GLU B 374 -11.02 38.24 -5.17
N HIS B 375 -11.51 37.21 -5.85
CA HIS B 375 -11.56 37.21 -7.32
C HIS B 375 -12.35 35.98 -7.73
N SER B 376 -12.66 35.87 -9.01
CA SER B 376 -13.65 34.87 -9.45
C SER B 376 -13.15 33.43 -9.37
N TYR B 377 -11.84 33.24 -9.21
CA TYR B 377 -11.31 31.90 -8.92
C TYR B 377 -10.96 31.69 -7.45
N PHE B 378 -11.44 32.57 -6.57
CA PHE B 378 -11.15 32.47 -5.13
C PHE B 378 -11.46 31.08 -4.59
N SER B 379 -12.59 30.52 -5.03
CA SER B 379 -13.04 29.22 -4.54
C SER B 379 -12.09 28.07 -4.92
N ARG B 380 -11.20 28.31 -5.86
CA ARG B 380 -10.26 27.26 -6.25
C ARG B 380 -9.10 27.11 -5.27
N TYR B 381 -9.02 27.98 -4.26
CA TYR B 381 -7.89 27.93 -3.34
C TYR B 381 -8.28 27.40 -1.98
N GLY B 382 -9.36 26.63 -1.93
CA GLY B 382 -9.82 26.04 -0.68
C GLY B 382 -8.91 24.90 -0.27
N PRO B 383 -9.09 24.38 0.96
CA PRO B 383 -10.03 24.86 1.98
C PRO B 383 -9.47 25.98 2.85
N ASP B 384 -8.20 26.31 2.65
CA ASP B 384 -7.46 27.28 3.46
C ASP B 384 -7.50 28.71 2.92
N PHE B 385 -7.55 28.84 1.61
CA PHE B 385 -7.54 30.16 0.94
C PHE B 385 -6.33 30.99 1.37
N GLU B 386 -5.20 30.31 1.53
CA GLU B 386 -3.93 30.96 1.85
C GLU B 386 -2.96 30.84 0.68
N LEU B 387 -1.98 31.74 0.62
CA LEU B 387 -1.02 31.76 -0.48
C LEU B 387 0.07 30.67 -0.38
N ASP B 388 0.52 30.36 0.83
CA ASP B 388 1.45 29.22 1.06
C ASP B 388 0.80 27.92 0.65
N ILE B 389 1.49 27.06 -0.10
CA ILE B 389 0.89 25.76 -0.41
C ILE B 389 0.67 24.98 0.89
N ASP B 390 -0.32 24.10 0.86
CA ASP B 390 -0.71 23.32 2.02
C ASP B 390 0.22 22.13 2.15
N TYR B 391 1.39 22.37 2.72
CA TYR B 391 2.37 21.31 2.86
C TYR B 391 3.22 21.58 4.09
N PHE B 392 3.53 20.50 4.80
CA PHE B 392 4.29 20.57 6.04
C PHE B 392 5.62 19.87 5.86
N PRO B 393 6.69 20.64 5.62
CA PRO B 393 8.00 20.05 5.37
C PRO B 393 8.46 19.25 6.58
N HIS B 394 9.07 18.10 6.34
CA HIS B 394 9.47 17.18 7.41
C HIS B 394 10.67 16.35 6.98
N GLU B 395 11.58 16.11 7.90
CA GLU B 395 12.78 15.32 7.60
C GLU B 395 12.88 14.11 8.52
N THR B 400 23.32 12.37 4.97
CA THR B 400 24.76 12.39 4.75
C THR B 400 25.17 11.70 3.46
N LEU B 401 24.43 10.67 3.07
CA LEU B 401 24.76 9.85 1.92
C LEU B 401 24.00 10.27 0.65
N ASP B 402 23.17 11.30 0.77
CA ASP B 402 22.36 11.74 -0.36
C ASP B 402 22.97 12.96 -1.06
N SER B 403 24.22 13.25 -0.75
CA SER B 403 24.87 14.45 -1.27
C SER B 403 25.27 14.23 -2.72
N ILE B 404 25.61 15.31 -3.41
CA ILE B 404 25.93 15.19 -4.82
C ILE B 404 27.21 15.92 -5.18
N GLN B 405 28.22 15.81 -4.32
CA GLN B 405 29.44 16.57 -4.50
C GLN B 405 30.23 16.04 -5.70
N LYS B 406 30.09 14.76 -6.02
CA LYS B 406 30.73 14.26 -7.24
C LYS B 406 30.08 14.83 -8.52
N HIS B 407 28.80 15.19 -8.45
CA HIS B 407 28.14 15.83 -9.59
C HIS B 407 28.68 17.23 -9.76
N HIS B 408 28.84 17.95 -8.66
CA HIS B 408 29.48 19.26 -8.69
C HIS B 408 30.85 19.17 -9.34
N ARG B 409 31.64 18.20 -8.90
CA ARG B 409 32.97 18.02 -9.43
C ARG B 409 32.94 17.72 -10.94
N ARG B 410 32.04 16.83 -11.34
CA ARG B 410 31.89 16.48 -12.75
C ARG B 410 31.42 17.68 -13.58
N ILE B 411 30.48 18.44 -13.05
CA ILE B 411 29.90 19.55 -13.81
C ILE B 411 30.92 20.69 -13.97
N LEU B 412 31.67 20.98 -12.90
CA LEU B 412 32.74 21.98 -12.99
C LEU B 412 33.84 21.58 -13.96
N GLU B 413 34.12 20.27 -14.05
CA GLU B 413 35.09 19.80 -15.02
C GLU B 413 34.57 20.03 -16.43
N GLN B 414 33.29 19.71 -16.65
CA GLN B 414 32.68 19.96 -17.95
C GLN B 414 32.74 21.45 -18.31
N LEU B 415 32.57 22.31 -17.31
CA LEU B 415 32.56 23.74 -17.53
C LEU B 415 33.94 24.23 -17.95
N ARG B 416 34.96 23.69 -17.29
CA ARG B 416 36.34 23.98 -17.63
C ARG B 416 36.66 23.50 -19.04
N ASN B 417 36.18 22.31 -19.39
CA ASN B 417 36.32 21.80 -20.76
C ASN B 417 35.60 22.66 -21.79
N TYR B 418 34.42 23.16 -21.45
CA TYR B 418 33.68 24.05 -22.34
C TYR B 418 34.48 25.33 -22.58
N ALA B 419 34.99 25.91 -21.49
CA ALA B 419 35.73 27.17 -21.57
C ALA B 419 36.97 26.99 -22.46
N ASP B 420 37.70 25.91 -22.26
CA ASP B 420 38.88 25.60 -23.08
C ASP B 420 38.56 25.41 -24.55
N LEU B 421 37.56 24.61 -24.87
CA LEU B 421 37.18 24.38 -26.26
C LEU B 421 36.80 25.70 -26.94
N ASN B 422 36.19 26.59 -26.18
CA ASN B 422 35.64 27.79 -26.77
C ASN B 422 36.51 29.01 -26.56
N LYS B 423 37.72 28.78 -26.05
CA LYS B 423 38.72 29.83 -25.84
C LYS B 423 38.18 30.97 -24.98
N LEU B 424 37.47 30.60 -23.93
CA LEU B 424 36.94 31.56 -22.97
C LEU B 424 37.81 31.58 -21.72
N ILE B 425 37.82 32.71 -21.03
CA ILE B 425 38.51 32.82 -19.76
C ILE B 425 37.83 31.94 -18.73
N TYR B 426 38.63 31.09 -18.09
CA TYR B 426 38.17 30.30 -16.97
C TYR B 426 38.74 30.89 -15.67
N ASP B 427 37.90 31.63 -14.97
CA ASP B 427 38.33 32.36 -13.77
C ASP B 427 38.33 31.44 -12.56
N TYR B 428 39.38 30.65 -12.43
CA TYR B 428 39.52 29.68 -11.34
C TYR B 428 39.29 30.29 -9.94
N ASP B 429 39.93 31.41 -9.65
CA ASP B 429 39.84 32.02 -8.32
C ASP B 429 38.41 32.37 -7.94
N GLN B 430 37.67 32.96 -8.88
CA GLN B 430 36.30 33.36 -8.59
C GLN B 430 35.40 32.15 -8.38
N VAL B 431 35.58 31.11 -9.19
CA VAL B 431 34.79 29.89 -9.02
C VAL B 431 35.18 29.23 -7.71
N TYR B 432 36.47 29.15 -7.45
CA TYR B 432 36.96 28.61 -6.19
C TYR B 432 36.35 29.34 -4.99
N GLN B 433 36.41 30.67 -5.02
CA GLN B 433 35.88 31.48 -3.92
C GLN B 433 34.40 31.24 -3.71
N LEU B 434 33.68 31.07 -4.81
CA LEU B 434 32.26 30.81 -4.78
C LEU B 434 31.97 29.51 -4.03
N TYR B 435 32.69 28.45 -4.39
CA TYR B 435 32.51 27.15 -3.76
C TYR B 435 33.07 27.12 -2.35
N ASN B 436 34.12 27.89 -2.10
CA ASN B 436 34.75 27.95 -0.78
C ASN B 436 33.82 28.50 0.30
N LEU B 437 32.80 29.23 -0.12
CA LEU B 437 31.80 29.77 0.81
C LEU B 437 31.13 28.65 1.60
N THR B 438 30.98 27.49 0.97
CA THR B 438 30.35 26.35 1.60
C THR B 438 31.40 25.30 2.01
N GLY B 439 32.68 25.66 1.90
CA GLY B 439 33.76 24.76 2.26
C GLY B 439 34.06 23.72 1.19
N MET B 440 33.59 23.98 -0.03
CA MET B 440 33.73 23.01 -1.11
C MET B 440 34.65 23.49 -2.24
N GLY B 441 35.56 24.40 -1.92
CA GLY B 441 36.50 24.89 -2.91
C GLY B 441 37.34 23.81 -3.57
N SER B 442 37.54 22.71 -2.86
CA SER B 442 38.38 21.61 -3.34
C SER B 442 37.76 20.88 -4.52
N LEU B 443 36.49 21.16 -4.78
CA LEU B 443 35.82 20.48 -5.88
C LEU B 443 36.14 21.14 -7.20
N VAL B 444 36.70 22.35 -7.14
CA VAL B 444 36.91 23.16 -8.34
C VAL B 444 38.21 22.81 -9.07
N PRO B 445 38.11 22.42 -10.35
CA PRO B 445 39.33 22.11 -11.11
C PRO B 445 40.04 23.39 -11.52
N ARG B 446 41.36 23.31 -11.71
CA ARG B 446 42.16 24.46 -12.08
C ARG B 446 41.80 25.00 -13.45
N SER C 2 -34.12 -37.57 10.29
CA SER C 2 -34.78 -36.28 10.09
C SER C 2 -33.78 -35.13 10.26
N VAL C 3 -33.78 -34.19 9.31
CA VAL C 3 -32.94 -33.01 9.45
C VAL C 3 -33.82 -31.81 9.74
N GLY C 4 -33.60 -31.18 10.89
CA GLY C 4 -34.39 -30.03 11.30
C GLY C 4 -33.72 -28.70 10.96
N ILE C 5 -34.51 -27.66 10.77
CA ILE C 5 -33.95 -26.32 10.63
C ILE C 5 -34.85 -25.30 11.31
N VAL C 6 -34.24 -24.37 12.05
CA VAL C 6 -35.01 -23.39 12.80
C VAL C 6 -35.47 -22.21 11.94
N TYR C 7 -36.78 -21.99 11.88
CA TYR C 7 -37.36 -20.87 11.13
CA TYR C 7 -37.30 -20.78 11.27
C TYR C 7 -38.76 -20.54 11.64
N GLY C 8 -39.20 -19.32 11.37
CA GLY C 8 -40.53 -18.84 11.71
C GLY C 8 -40.61 -17.43 11.18
N ASP C 9 -41.82 -16.90 10.99
CA ASP C 9 -41.97 -15.58 10.39
C ASP C 9 -41.46 -14.50 11.35
N GLN C 10 -41.86 -14.60 12.61
CA GLN C 10 -41.40 -13.66 13.62
C GLN C 10 -39.89 -13.86 13.89
N TYR C 11 -39.46 -15.12 13.97
CA TYR C 11 -38.03 -15.44 14.13
C TYR C 11 -37.18 -14.71 13.09
N ARG C 12 -37.61 -14.80 11.84
CA ARG C 12 -36.90 -14.18 10.74
C ARG C 12 -36.82 -12.67 10.89
N GLN C 13 -37.96 -12.05 11.23
CA GLN C 13 -38.01 -10.60 11.43
C GLN C 13 -37.04 -10.16 12.52
N LEU C 14 -36.97 -10.93 13.60
CA LEU C 14 -36.09 -10.61 14.74
C LEU C 14 -34.61 -10.85 14.40
N CYS C 15 -34.30 -11.95 13.70
CA CYS C 15 -32.92 -12.20 13.28
C CYS C 15 -32.43 -11.15 12.28
N CYS C 16 -33.36 -10.45 11.63
CA CYS C 16 -32.98 -9.44 10.65
C CYS C 16 -33.09 -8.02 11.18
N SER C 17 -33.16 -7.86 12.50
CA SER C 17 -33.44 -6.54 13.06
C SER C 17 -32.21 -5.84 13.64
N SER C 18 -31.03 -6.44 13.52
CA SER C 18 -29.82 -5.87 14.12
C SER C 18 -29.05 -4.99 13.14
N PRO C 19 -28.40 -3.93 13.66
CA PRO C 19 -27.61 -3.04 12.80
C PRO C 19 -26.45 -3.77 12.12
N LYS C 20 -25.85 -4.74 12.81
CA LYS C 20 -24.65 -5.37 12.29
C LYS C 20 -24.91 -6.51 11.27
N PHE C 21 -25.93 -7.32 11.49
CA PHE C 21 -26.13 -8.44 10.58
C PHE C 21 -27.25 -8.24 9.57
N GLY C 22 -27.88 -7.07 9.59
CA GLY C 22 -28.89 -6.70 8.62
C GLY C 22 -29.84 -7.83 8.23
N ASP C 23 -29.97 -8.09 6.93
CA ASP C 23 -30.89 -9.13 6.46
C ASP C 23 -30.16 -10.43 6.08
N ARG C 24 -29.00 -10.67 6.69
CA ARG C 24 -28.22 -11.87 6.34
C ARG C 24 -29.01 -13.15 6.49
N TYR C 25 -29.75 -13.27 7.59
CA TYR C 25 -30.56 -14.45 7.85
C TYR C 25 -31.62 -14.67 6.76
N ALA C 26 -32.25 -13.59 6.32
CA ALA C 26 -33.23 -13.67 5.23
C ALA C 26 -32.59 -14.17 3.92
N LEU C 27 -31.43 -13.60 3.55
CA LEU C 27 -30.71 -14.10 2.38
C LEU C 27 -30.41 -15.59 2.52
N VAL C 28 -29.96 -16.01 3.71
CA VAL C 28 -29.58 -17.40 3.90
C VAL C 28 -30.79 -18.32 3.70
N MET C 29 -31.87 -18.05 4.43
CA MET C 29 -33.04 -18.91 4.39
C MET C 29 -33.74 -18.84 3.03
N ASP C 30 -33.69 -17.70 2.37
CA ASP C 30 -34.36 -17.60 1.07
C ASP C 30 -33.56 -18.28 -0.04
N LEU C 31 -32.24 -18.29 0.07
CA LEU C 31 -31.42 -19.04 -0.88
C LEU C 31 -31.65 -20.54 -0.68
N ILE C 32 -31.72 -20.96 0.58
CA ILE C 32 -32.03 -22.36 0.88
C ILE C 32 -33.41 -22.70 0.31
N ASN C 33 -34.35 -21.78 0.45
CA ASN C 33 -35.68 -21.96 -0.12
C ASN C 33 -35.66 -21.95 -1.66
N ALA C 34 -34.88 -21.05 -2.25
CA ALA C 34 -34.82 -20.97 -3.71
C ALA C 34 -34.25 -22.23 -4.34
N TYR C 35 -33.34 -22.90 -3.63
CA TYR C 35 -32.80 -24.17 -4.11
C TYR C 35 -33.71 -25.37 -3.79
N LYS C 36 -34.92 -25.09 -3.28
CA LYS C 36 -35.92 -26.11 -2.95
C LYS C 36 -35.47 -27.12 -1.88
N LEU C 37 -34.67 -26.67 -0.92
CA LEU C 37 -34.24 -27.57 0.16
C LEU C 37 -35.28 -27.65 1.30
N ILE C 38 -36.11 -26.62 1.43
CA ILE C 38 -37.02 -26.50 2.57
C ILE C 38 -38.00 -27.71 2.73
N PRO C 39 -38.56 -28.25 1.63
CA PRO C 39 -39.38 -29.48 1.78
C PRO C 39 -38.63 -30.70 2.33
N GLU C 40 -37.30 -30.71 2.28
CA GLU C 40 -36.51 -31.83 2.78
C GLU C 40 -36.35 -31.76 4.29
N LEU C 41 -36.69 -30.60 4.84
CA LEU C 41 -36.29 -30.24 6.18
C LEU C 41 -37.50 -30.12 7.11
N SER C 42 -37.33 -30.57 8.34
CA SER C 42 -38.35 -30.43 9.38
C SER C 42 -38.20 -29.06 10.06
N ARG C 43 -39.20 -28.20 9.92
CA ARG C 43 -39.17 -26.91 10.59
C ARG C 43 -39.23 -27.07 12.10
N VAL C 44 -38.26 -26.46 12.78
CA VAL C 44 -38.19 -26.50 14.22
C VAL C 44 -38.55 -25.12 14.75
N PRO C 45 -39.72 -25.00 15.38
CA PRO C 45 -40.17 -23.69 15.84
C PRO C 45 -39.35 -23.20 17.02
N PRO C 46 -39.00 -21.90 17.05
CA PRO C 46 -38.25 -21.36 18.18
C PRO C 46 -39.03 -21.58 19.49
N LEU C 47 -38.33 -21.89 20.57
CA LEU C 47 -38.99 -22.07 21.87
C LEU C 47 -39.66 -20.78 22.34
N GLN C 48 -40.87 -20.90 22.87
CA GLN C 48 -41.49 -19.79 23.59
C GLN C 48 -41.87 -20.23 24.99
N TRP C 49 -41.99 -19.29 25.90
CA TRP C 49 -42.21 -19.62 27.32
C TRP C 49 -43.60 -19.27 27.85
N ASP C 50 -43.95 -19.85 29.00
CA ASP C 50 -45.27 -19.67 29.61
C ASP C 50 -45.41 -18.37 30.39
N SER C 51 -44.28 -17.70 30.63
CA SER C 51 -44.28 -16.47 31.42
C SER C 51 -42.89 -15.80 31.39
N PRO C 52 -42.82 -14.51 31.77
CA PRO C 52 -41.51 -13.86 31.89
C PRO C 52 -40.59 -14.59 32.87
N SER C 53 -41.16 -15.13 33.95
CA SER C 53 -40.36 -15.84 34.95
C SER C 53 -39.72 -17.09 34.37
N ARG C 54 -40.46 -17.85 33.57
CA ARG C 54 -39.88 -19.02 32.93
C ARG C 54 -38.78 -18.65 31.93
N MET C 55 -39.01 -17.60 31.16
CA MET C 55 -38.01 -17.10 30.22
C MET C 55 -36.74 -16.69 30.97
N TYR C 56 -36.94 -15.92 32.03
CA TYR C 56 -35.84 -15.42 32.85
C TYR C 56 -35.05 -16.57 33.42
N GLU C 57 -35.76 -17.61 33.82
CA GLU C 57 -35.16 -18.80 34.39
C GLU C 57 -34.35 -19.57 33.34
N ALA C 58 -34.82 -19.58 32.11
CA ALA C 58 -34.08 -20.26 31.05
C ALA C 58 -32.76 -19.55 30.78
N VAL C 59 -32.82 -18.24 30.59
CA VAL C 59 -31.66 -17.45 30.23
C VAL C 59 -30.63 -17.34 31.36
N THR C 60 -31.10 -17.24 32.61
CA THR C 60 -30.18 -17.12 33.73
C THR C 60 -29.64 -18.47 34.21
N ALA C 61 -29.92 -19.54 33.48
CA ALA C 61 -29.18 -20.79 33.66
C ALA C 61 -27.70 -20.54 33.37
N PHE C 62 -27.41 -19.59 32.48
CA PHE C 62 -26.02 -19.21 32.24
C PHE C 62 -25.75 -17.76 32.66
N HIS C 63 -26.55 -16.83 32.15
CA HIS C 63 -26.27 -15.42 32.35
C HIS C 63 -26.73 -14.94 33.71
N SER C 64 -26.11 -13.88 34.22
CA SER C 64 -26.55 -13.34 35.51
C SER C 64 -27.85 -12.57 35.35
N THR C 65 -28.63 -12.59 36.43
CA THR C 65 -29.87 -11.83 36.53
C THR C 65 -29.65 -10.35 36.23
N GLU C 66 -28.59 -9.78 36.79
CA GLU C 66 -28.32 -8.35 36.62
C GLU C 66 -27.94 -8.03 35.17
N TYR C 67 -27.23 -8.94 34.50
CA TYR C 67 -26.91 -8.72 33.10
C TYR C 67 -28.19 -8.79 32.24
N VAL C 68 -29.07 -9.76 32.49
CA VAL C 68 -30.29 -9.87 31.69
C VAL C 68 -31.19 -8.65 31.93
N ASP C 69 -31.23 -8.16 33.17
CA ASP C 69 -32.03 -6.98 33.50
C ASP C 69 -31.51 -5.78 32.72
N ALA C 70 -30.19 -5.63 32.71
CA ALA C 70 -29.56 -4.51 32.04
C ALA C 70 -29.86 -4.54 30.53
N LEU C 71 -29.76 -5.73 29.94
CA LEU C 71 -30.01 -5.89 28.52
C LEU C 71 -31.47 -5.60 28.17
N LYS C 72 -32.36 -6.00 29.06
CA LYS C 72 -33.78 -5.66 28.95
C LYS C 72 -33.99 -4.14 28.95
N LYS C 73 -33.46 -3.50 29.99
CA LYS C 73 -33.52 -2.04 30.12
C LYS C 73 -32.93 -1.33 28.89
N LEU C 74 -31.82 -1.84 28.37
CA LEU C 74 -31.18 -1.24 27.22
C LEU C 74 -32.15 -1.19 26.03
N GLN C 75 -32.89 -2.27 25.84
CA GLN C 75 -33.87 -2.32 24.77
C GLN C 75 -34.98 -1.30 25.00
N MET C 76 -35.54 -1.34 26.21
CA MET C 76 -36.58 -0.38 26.57
C MET C 76 -36.09 1.06 26.36
N LEU C 77 -34.87 1.37 26.78
CA LEU C 77 -34.33 2.73 26.64
C LEU C 77 -34.22 3.15 25.17
N HIS C 78 -33.79 2.22 24.31
CA HIS C 78 -33.65 2.55 22.88
C HIS C 78 -35.01 2.60 22.16
N CYS C 79 -36.03 1.97 22.74
CA CYS C 79 -37.36 2.06 22.13
C CYS C 79 -38.04 3.40 22.39
N GLU C 80 -37.49 4.21 23.28
CA GLU C 80 -38.02 5.53 23.55
C GLU C 80 -36.97 6.62 23.33
N GLU C 81 -36.41 7.14 24.42
CA GLU C 81 -35.44 8.21 24.33
C GLU C 81 -34.57 8.28 25.59
N LEU C 84 -30.32 8.54 27.35
CA LEU C 84 -29.79 7.86 28.53
C LEU C 84 -29.24 8.85 29.56
N THR C 85 -29.44 8.55 30.84
CA THR C 85 -28.83 9.34 31.92
C THR C 85 -27.41 8.86 32.17
N ALA C 86 -26.67 9.59 33.01
CA ALA C 86 -25.28 9.26 33.31
C ALA C 86 -25.16 7.94 34.06
N ASP C 87 -26.12 7.63 34.91
CA ASP C 87 -26.12 6.36 35.61
C ASP C 87 -26.53 5.20 34.71
N ASP C 88 -27.43 5.46 33.77
CA ASP C 88 -27.81 4.46 32.79
C ASP C 88 -26.60 4.06 31.94
N GLU C 89 -25.84 5.06 31.50
CA GLU C 89 -24.61 4.84 30.74
C GLU C 89 -23.62 3.99 31.53
N LEU C 90 -23.36 4.36 32.78
CA LEU C 90 -22.42 3.62 33.61
C LEU C 90 -22.84 2.16 33.79
N LEU C 91 -24.12 1.95 34.07
CA LEU C 91 -24.66 0.60 34.18
C LEU C 91 -24.39 -0.21 32.90
N MET C 92 -24.74 0.35 31.74
CA MET C 92 -24.54 -0.35 30.48
C MET C 92 -23.05 -0.63 30.24
N ASP C 93 -22.20 0.36 30.50
CA ASP C 93 -20.75 0.19 30.38
C ASP C 93 -20.24 -0.94 31.25
N SER C 94 -20.81 -1.09 32.46
CA SER C 94 -20.32 -2.13 33.37
C SER C 94 -20.57 -3.54 32.84
N PHE C 95 -21.40 -3.66 31.80
CA PHE C 95 -21.70 -4.95 31.17
C PHE C 95 -21.22 -4.99 29.72
N SER C 96 -20.43 -3.99 29.34
CA SER C 96 -19.93 -3.85 27.96
C SER C 96 -21.07 -3.73 26.96
N LEU C 97 -22.19 -3.15 27.39
CA LEU C 97 -23.27 -2.87 26.47
C LEU C 97 -23.04 -1.53 25.81
N ASN C 98 -21.99 -1.49 24.98
CA ASN C 98 -21.59 -0.27 24.29
C ASN C 98 -20.66 -0.59 23.13
N TYR C 99 -20.17 0.48 22.49
CA TYR C 99 -19.18 0.39 21.41
C TYR C 99 -19.56 -0.66 20.36
N ASP C 100 -18.92 -1.82 20.42
CA ASP C 100 -19.16 -2.90 19.44
C ASP C 100 -20.37 -3.77 19.81
N CYS C 101 -20.93 -3.52 20.99
CA CYS C 101 -22.18 -4.16 21.38
C CYS C 101 -23.19 -3.10 21.81
N PRO C 102 -23.61 -2.26 20.86
CA PRO C 102 -24.49 -1.15 21.19
C PRO C 102 -25.92 -1.63 21.39
N GLY C 103 -26.74 -0.76 21.97
CA GLY C 103 -28.16 -0.99 22.04
C GLY C 103 -28.80 -0.54 20.74
N PHE C 104 -29.97 -1.10 20.47
CA PHE C 104 -30.82 -0.72 19.34
C PHE C 104 -32.22 -1.16 19.77
N PRO C 105 -33.27 -0.66 19.09
CA PRO C 105 -34.63 -0.90 19.62
C PRO C 105 -35.02 -2.37 19.88
N SER C 106 -34.42 -3.33 19.19
CA SER C 106 -34.78 -4.73 19.41
C SER C 106 -33.65 -5.57 19.98
N VAL C 107 -32.71 -4.95 20.71
CA VAL C 107 -31.50 -5.66 21.10
C VAL C 107 -31.82 -6.87 22.01
N PHE C 108 -32.78 -6.74 22.92
CA PHE C 108 -33.11 -7.89 23.76
C PHE C 108 -33.86 -8.97 22.98
N ASP C 109 -34.88 -8.58 22.20
CA ASP C 109 -35.62 -9.55 21.39
C ASP C 109 -34.73 -10.28 20.38
N TYR C 110 -33.86 -9.52 19.72
CA TYR C 110 -32.92 -10.09 18.75
C TYR C 110 -32.04 -11.14 19.41
N SER C 111 -31.47 -10.82 20.56
CA SER C 111 -30.58 -11.72 21.30
C SER C 111 -31.32 -12.96 21.79
N LEU C 112 -32.52 -12.76 22.31
CA LEU C 112 -33.28 -13.86 22.89
C LEU C 112 -33.72 -14.84 21.80
N ALA C 113 -34.05 -14.30 20.64
CA ALA C 113 -34.50 -15.11 19.50
C ALA C 113 -33.52 -16.25 19.23
N ALA C 114 -32.22 -15.97 19.25
CA ALA C 114 -31.20 -16.98 18.97
C ALA C 114 -31.21 -18.05 20.06
N VAL C 115 -31.37 -17.59 21.29
CA VAL C 115 -31.55 -18.50 22.40
C VAL C 115 -32.79 -19.38 22.20
N GLN C 116 -33.90 -18.78 21.78
CA GLN C 116 -35.13 -19.54 21.53
C GLN C 116 -34.92 -20.58 20.44
N GLY C 117 -34.17 -20.21 19.40
CA GLY C 117 -33.94 -21.11 18.29
C GLY C 117 -33.06 -22.27 18.70
N SER C 118 -31.96 -21.98 19.40
CA SER C 118 -31.00 -23.02 19.74
C SER C 118 -31.51 -23.95 20.85
N LEU C 119 -32.31 -23.41 21.78
CA LEU C 119 -32.92 -24.26 22.81
C LEU C 119 -33.91 -25.22 22.16
N ALA C 120 -34.71 -24.72 21.23
CA ALA C 120 -35.65 -25.58 20.50
C ALA C 120 -34.90 -26.66 19.73
N ALA C 121 -33.78 -26.29 19.12
CA ALA C 121 -32.97 -27.23 18.34
C ALA C 121 -32.42 -28.33 19.24
N ALA C 122 -31.92 -27.93 20.41
CA ALA C 122 -31.42 -28.88 21.40
C ALA C 122 -32.53 -29.84 21.82
N SER C 123 -33.72 -29.30 22.11
CA SER C 123 -34.85 -30.15 22.50
C SER C 123 -35.30 -31.10 21.39
N ALA C 124 -35.24 -30.65 20.13
CA ALA C 124 -35.59 -31.55 19.02
C ALA C 124 -34.65 -32.76 18.95
N LEU C 125 -33.38 -32.55 19.28
CA LEU C 125 -32.39 -33.63 19.30
C LEU C 125 -32.60 -34.60 20.47
N ILE C 126 -32.92 -34.04 21.64
CA ILE C 126 -33.09 -34.80 22.86
C ILE C 126 -34.26 -35.79 22.76
N CYS C 127 -35.38 -35.35 22.18
CA CYS C 127 -36.52 -36.25 22.01
C CYS C 127 -36.42 -37.06 20.71
N ARG C 128 -35.28 -36.95 20.04
CA ARG C 128 -34.99 -37.72 18.82
C ARG C 128 -36.01 -37.47 17.69
N HIS C 129 -36.55 -36.26 17.63
CA HIS C 129 -37.38 -35.87 16.51
C HIS C 129 -36.52 -35.57 15.27
N CYS C 130 -35.31 -35.08 15.50
CA CYS C 130 -34.35 -34.85 14.43
C CYS C 130 -33.03 -35.50 14.79
N GLU C 131 -32.27 -35.94 13.80
CA GLU C 131 -30.93 -36.46 14.03
C GLU C 131 -29.93 -35.33 13.98
N VAL C 132 -30.30 -34.28 13.24
CA VAL C 132 -29.48 -33.08 13.11
C VAL C 132 -30.41 -31.89 13.05
N VAL C 133 -30.07 -30.81 13.74
CA VAL C 133 -30.84 -29.59 13.61
C VAL C 133 -29.92 -28.43 13.25
N ILE C 134 -30.35 -27.62 12.29
CA ILE C 134 -29.61 -26.44 11.86
C ILE C 134 -30.27 -25.16 12.36
N ASN C 135 -29.48 -24.24 12.94
CA ASN C 135 -29.99 -22.92 13.24
C ASN C 135 -29.06 -21.81 12.72
N TRP C 136 -29.37 -21.27 11.54
CA TRP C 136 -28.53 -20.22 10.97
C TRP C 136 -28.76 -18.86 11.64
N GLY C 137 -29.70 -18.83 12.57
CA GLY C 137 -29.89 -17.62 13.37
C GLY C 137 -29.08 -17.63 14.66
N GLY C 138 -28.40 -18.74 14.94
CA GLY C 138 -27.68 -18.90 16.19
C GLY C 138 -26.17 -18.94 16.02
N GLY C 139 -25.44 -19.17 17.12
CA GLY C 139 -23.99 -19.32 17.06
C GLY C 139 -23.22 -18.18 17.69
N TRP C 140 -23.80 -17.52 18.68
CA TRP C 140 -23.16 -16.32 19.23
C TRP C 140 -22.22 -16.66 20.39
N HIS C 141 -21.01 -17.07 20.01
CA HIS C 141 -20.09 -17.74 20.93
C HIS C 141 -19.30 -16.84 21.86
N HIS C 142 -19.29 -15.52 21.63
CA HIS C 142 -18.50 -14.62 22.50
C HIS C 142 -19.19 -14.13 23.78
N ALA C 143 -20.52 -14.21 23.85
CA ALA C 143 -21.25 -13.66 25.00
C ALA C 143 -20.81 -14.32 26.31
N LYS C 144 -20.62 -13.53 27.37
CA LYS C 144 -20.21 -14.07 28.68
C LYS C 144 -21.36 -14.02 29.68
N ARG C 145 -21.16 -14.68 30.82
CA ARG C 145 -22.16 -14.68 31.88
C ARG C 145 -22.71 -13.28 32.18
N SER C 146 -21.82 -12.29 32.25
CA SER C 146 -22.29 -10.95 32.56
C SER C 146 -21.73 -9.89 31.64
N GLU C 147 -21.58 -10.21 30.35
CA GLU C 147 -20.92 -9.27 29.46
C GLU C 147 -21.20 -9.54 27.98
N ALA C 148 -21.65 -8.51 27.28
CA ALA C 148 -21.78 -8.59 25.83
C ALA C 148 -20.38 -8.54 25.22
N SER C 149 -20.17 -9.21 24.10
CA SER C 149 -18.89 -9.18 23.43
C SER C 149 -19.02 -9.55 21.96
N GLY C 150 -18.35 -8.78 21.10
CA GLY C 150 -18.24 -9.13 19.69
C GLY C 150 -19.59 -9.32 19.02
N PHE C 151 -20.48 -8.37 19.28
CA PHE C 151 -21.90 -8.40 18.89
C PHE C 151 -22.63 -9.66 19.32
N CYS C 152 -22.11 -10.33 20.34
CA CYS C 152 -22.84 -11.42 20.99
C CYS C 152 -23.38 -10.94 22.34
N TYR C 153 -24.70 -10.96 22.49
CA TYR C 153 -25.33 -10.43 23.71
C TYR C 153 -25.79 -11.55 24.64
N LEU C 154 -26.37 -12.60 24.07
CA LEU C 154 -26.73 -13.80 24.83
C LEU C 154 -26.09 -15.01 24.16
N ASN C 155 -25.57 -15.92 24.96
CA ASN C 155 -24.88 -17.07 24.40
C ASN C 155 -25.85 -18.25 24.21
N ASP C 156 -26.45 -18.32 23.02
CA ASP C 156 -27.38 -19.40 22.71
C ASP C 156 -26.68 -20.76 22.74
N ILE C 157 -25.41 -20.79 22.35
CA ILE C 157 -24.66 -22.03 22.33
C ILE C 157 -24.50 -22.65 23.72
N VAL C 158 -24.06 -21.86 24.70
CA VAL C 158 -23.92 -22.34 26.07
C VAL C 158 -25.24 -22.88 26.62
N LEU C 159 -26.32 -22.14 26.38
CA LEU C 159 -27.63 -22.56 26.87
C LEU C 159 -28.09 -23.85 26.19
N ALA C 160 -27.77 -24.01 24.90
CA ALA C 160 -28.18 -25.22 24.20
C ALA C 160 -27.38 -26.42 24.69
N ILE C 161 -26.07 -26.22 24.85
CA ILE C 161 -25.21 -27.27 25.35
C ILE C 161 -25.64 -27.70 26.75
N HIS C 162 -25.94 -26.71 27.59
CA HIS C 162 -26.38 -27.01 28.94
C HIS C 162 -27.65 -27.86 28.94
N ARG C 163 -28.56 -27.56 28.02
CA ARG C 163 -29.76 -28.37 27.88
C ARG C 163 -29.41 -29.78 27.43
N LEU C 164 -28.54 -29.91 26.42
CA LEU C 164 -28.13 -31.23 25.96
C LEU C 164 -27.41 -32.03 27.05
N VAL C 165 -26.44 -31.41 27.71
CA VAL C 165 -25.57 -32.16 28.62
C VAL C 165 -26.31 -32.62 29.85
N SER C 166 -27.43 -31.98 30.16
CA SER C 166 -28.18 -32.29 31.36
C SER C 166 -29.48 -33.04 31.04
N SER C 167 -29.62 -33.51 29.81
CA SER C 167 -30.74 -34.37 29.43
C SER C 167 -30.45 -35.82 29.83
N THR C 168 -31.48 -36.65 29.83
CA THR C 168 -31.35 -38.04 30.26
C THR C 168 -30.79 -38.92 29.15
N GLN C 177 -22.38 -39.31 32.31
CA GLN C 177 -21.91 -40.14 31.21
C GLN C 177 -22.25 -39.52 29.86
N THR C 178 -23.27 -38.67 29.84
CA THR C 178 -23.62 -37.89 28.66
C THR C 178 -22.57 -36.81 28.43
N ARG C 179 -21.84 -36.91 27.31
CA ARG C 179 -20.82 -35.92 26.96
C ARG C 179 -21.13 -35.17 25.66
N VAL C 180 -20.80 -33.89 25.63
CA VAL C 180 -21.00 -33.10 24.42
C VAL C 180 -19.66 -32.66 23.83
N LEU C 181 -19.49 -32.82 22.52
CA LEU C 181 -18.33 -32.26 21.85
C LEU C 181 -18.72 -30.98 21.13
N TYR C 182 -18.06 -29.89 21.49
CA TYR C 182 -18.30 -28.62 20.82
C TYR C 182 -17.16 -28.30 19.87
N VAL C 183 -17.51 -28.06 18.61
CA VAL C 183 -16.56 -27.80 17.54
C VAL C 183 -16.80 -26.40 16.98
N ASP C 184 -15.82 -25.52 17.11
CA ASP C 184 -15.97 -24.13 16.72
C ASP C 184 -15.11 -23.80 15.49
N LEU C 185 -15.77 -23.68 14.33
CA LEU C 185 -15.08 -23.49 13.04
C LEU C 185 -14.95 -22.02 12.61
N ASP C 186 -15.55 -21.12 13.38
CA ASP C 186 -15.49 -19.68 13.14
C ASP C 186 -14.03 -19.20 13.01
N LEU C 187 -13.80 -18.14 12.23
CA LEU C 187 -12.49 -17.49 12.17
C LEU C 187 -11.93 -17.09 13.54
N HIS C 188 -12.84 -16.76 14.48
CA HIS C 188 -12.47 -16.28 15.80
C HIS C 188 -12.52 -17.38 16.85
N HIS C 189 -11.70 -17.26 17.90
CA HIS C 189 -11.72 -18.19 19.04
C HIS C 189 -13.06 -18.14 19.76
N GLY C 190 -13.67 -19.30 20.00
CA GLY C 190 -14.94 -19.30 20.72
C GLY C 190 -14.77 -19.17 22.22
N ASP C 191 -14.34 -17.99 22.67
CA ASP C 191 -13.96 -17.81 24.09
C ASP C 191 -15.13 -17.92 25.06
N GLY C 192 -16.31 -17.42 24.67
CA GLY C 192 -17.47 -17.50 25.53
C GLY C 192 -17.85 -18.93 25.90
N VAL C 193 -17.86 -19.81 24.92
CA VAL C 193 -18.27 -21.19 25.16
C VAL C 193 -17.19 -21.92 25.95
N GLU C 194 -15.94 -21.69 25.58
CA GLU C 194 -14.81 -22.31 26.27
C GLU C 194 -14.81 -21.96 27.75
N GLU C 195 -14.98 -20.68 28.04
CA GLU C 195 -14.96 -20.19 29.41
C GLU C 195 -16.09 -20.77 30.23
N ALA C 196 -17.27 -20.88 29.63
CA ALA C 196 -18.45 -21.35 30.35
C ALA C 196 -18.27 -22.78 30.84
N PHE C 197 -17.51 -23.56 30.09
CA PHE C 197 -17.32 -24.97 30.41
C PHE C 197 -15.89 -25.32 30.78
N TRP C 198 -15.11 -24.30 31.12
CA TRP C 198 -13.70 -24.44 31.50
C TRP C 198 -13.46 -25.44 32.64
N TYR C 199 -14.44 -25.54 33.55
CA TYR C 199 -14.32 -26.46 34.69
C TYR C 199 -15.11 -27.76 34.51
N SER C 200 -15.61 -28.00 33.29
CA SER C 200 -16.48 -29.14 33.04
C SER C 200 -15.88 -30.16 32.08
N PRO C 201 -15.66 -31.39 32.58
CA PRO C 201 -15.15 -32.47 31.72
C PRO C 201 -16.19 -33.01 30.72
N ARG C 202 -17.48 -32.81 30.99
CA ARG C 202 -18.51 -33.39 30.14
C ARG C 202 -18.85 -32.55 28.91
N VAL C 203 -18.31 -31.35 28.83
CA VAL C 203 -18.40 -30.55 27.60
C VAL C 203 -17.00 -30.24 27.11
N VAL C 204 -16.56 -30.99 26.12
CA VAL C 204 -15.22 -30.79 25.58
C VAL C 204 -15.34 -29.78 24.44
N THR C 205 -14.58 -28.70 24.55
CA THR C 205 -14.64 -27.65 23.55
C THR C 205 -13.40 -27.71 22.65
N PHE C 206 -13.58 -27.42 21.38
CA PHE C 206 -12.45 -27.42 20.45
C PHE C 206 -12.66 -26.31 19.44
N SER C 207 -11.74 -25.36 19.44
CA SER C 207 -11.84 -24.26 18.50
C SER C 207 -10.63 -24.22 17.57
N VAL C 208 -10.88 -24.08 16.27
CA VAL C 208 -9.83 -23.78 15.29
C VAL C 208 -10.08 -22.35 14.85
N HIS C 209 -9.04 -21.55 14.74
CA HIS C 209 -9.24 -20.10 14.54
C HIS C 209 -7.96 -19.43 14.19
N HIS C 210 -8.06 -18.20 13.72
CA HIS C 210 -6.89 -17.35 13.65
C HIS C 210 -6.56 -16.76 15.02
N ALA C 211 -5.29 -16.67 15.34
CA ALA C 211 -4.86 -15.88 16.49
C ALA C 211 -3.55 -15.15 16.15
N SER C 212 -3.48 -13.87 16.50
CA SER C 212 -2.28 -13.05 16.30
C SER C 212 -2.37 -11.81 17.19
N PRO C 213 -1.26 -11.10 17.40
CA PRO C 213 -1.31 -10.00 18.37
C PRO C 213 -2.32 -8.93 18.01
N GLY C 214 -3.23 -8.66 18.94
CA GLY C 214 -4.25 -7.65 18.73
C GLY C 214 -5.47 -8.15 17.98
N PHE C 215 -5.45 -9.40 17.54
CA PHE C 215 -6.61 -9.95 16.84
C PHE C 215 -7.67 -10.42 17.85
N PHE C 216 -8.92 -10.02 17.61
CA PHE C 216 -10.05 -10.36 18.50
C PHE C 216 -10.36 -11.86 18.54
N PRO C 217 -10.65 -12.41 19.74
CA PRO C 217 -10.70 -11.78 21.07
C PRO C 217 -9.39 -11.87 21.84
N GLY C 218 -8.40 -12.56 21.30
CA GLY C 218 -7.07 -12.52 21.89
C GLY C 218 -6.66 -13.80 22.60
N THR C 219 -7.61 -14.70 22.76
CA THR C 219 -7.39 -15.95 23.48
C THR C 219 -7.35 -17.14 22.51
N GLY C 220 -7.27 -18.35 23.09
CA GLY C 220 -7.17 -19.57 22.32
C GLY C 220 -5.79 -19.79 21.72
N THR C 221 -4.77 -19.30 22.41
CA THR C 221 -3.40 -19.45 21.93
C THR C 221 -2.40 -19.51 23.08
N TRP C 222 -1.10 -19.51 22.77
CA TRP C 222 -0.07 -19.54 23.80
C TRP C 222 -0.23 -18.41 24.83
N ASN C 223 -0.05 -18.74 26.10
CA ASN C 223 -0.18 -17.75 27.17
C ASN C 223 1.16 -17.14 27.57
N LEU C 230 9.03 -20.71 29.24
CA LEU C 230 8.40 -21.03 27.96
C LEU C 230 6.88 -20.79 27.98
N PRO C 231 6.30 -20.48 26.81
CA PRO C 231 4.84 -20.27 26.73
C PRO C 231 4.08 -21.58 26.82
N ILE C 232 2.90 -21.54 27.42
CA ILE C 232 2.09 -22.75 27.56
C ILE C 232 0.67 -22.53 27.05
N PHE C 233 0.00 -23.64 26.75
CA PHE C 233 -1.42 -23.65 26.45
C PHE C 233 -2.27 -24.02 27.66
N LEU C 234 -3.08 -23.09 28.13
CA LEU C 234 -4.10 -23.40 29.13
C LEU C 234 -5.19 -24.23 28.45
N ASN C 235 -5.79 -25.17 29.18
CA ASN C 235 -6.69 -26.12 28.53
C ASN C 235 -7.81 -26.60 29.44
N GLY C 236 -8.18 -25.75 30.40
CA GLY C 236 -9.22 -26.08 31.34
C GLY C 236 -8.59 -26.23 32.72
N ALA C 237 -9.40 -26.15 33.77
CA ALA C 237 -8.87 -26.26 35.13
C ALA C 237 -9.82 -27.09 36.00
N GLY C 238 -9.32 -27.50 37.16
CA GLY C 238 -10.13 -28.30 38.07
C GLY C 238 -10.46 -29.63 37.46
N ARG C 239 -11.72 -30.05 37.59
CA ARG C 239 -12.18 -31.26 36.94
C ARG C 239 -12.21 -31.08 35.41
N GLY C 240 -12.11 -29.83 34.96
CA GLY C 240 -12.17 -29.53 33.53
C GLY C 240 -10.81 -29.52 32.83
N ARG C 241 -9.75 -29.83 33.57
CA ARG C 241 -8.40 -29.84 33.01
C ARG C 241 -8.30 -30.75 31.79
N PHE C 242 -7.59 -30.26 30.77
CA PHE C 242 -7.40 -30.93 29.50
C PHE C 242 -8.65 -30.98 28.60
N SER C 243 -9.73 -30.31 29.01
CA SER C 243 -11.00 -30.46 28.28
C SER C 243 -11.30 -29.31 27.32
N ALA C 244 -10.40 -28.34 27.25
CA ALA C 244 -10.56 -27.23 26.32
C ALA C 244 -9.42 -27.24 25.31
N PHE C 245 -9.76 -27.53 24.05
CA PHE C 245 -8.78 -27.71 22.97
C PHE C 245 -8.73 -26.50 22.02
N ASN C 246 -7.53 -26.13 21.59
CA ASN C 246 -7.39 -25.00 20.70
C ASN C 246 -6.33 -25.24 19.62
N LEU C 247 -6.67 -24.81 18.41
CA LEU C 247 -5.75 -24.85 17.27
C LEU C 247 -5.74 -23.50 16.57
N PRO C 248 -4.84 -22.61 17.00
CA PRO C 248 -4.65 -21.31 16.37
C PRO C 248 -3.81 -21.46 15.11
N LEU C 249 -4.21 -20.81 14.01
CA LEU C 249 -3.54 -20.95 12.74
C LEU C 249 -3.14 -19.59 12.18
N GLU C 250 -2.06 -19.57 11.42
CA GLU C 250 -1.59 -18.34 10.77
C GLU C 250 -2.55 -17.97 9.64
N GLU C 251 -2.55 -16.70 9.26
CA GLU C 251 -3.40 -16.27 8.16
C GLU C 251 -2.99 -16.88 6.84
N GLY C 252 -3.95 -16.96 5.91
CA GLY C 252 -3.68 -17.37 4.55
C GLY C 252 -4.00 -18.82 4.25
N ILE C 253 -4.45 -19.58 5.25
CA ILE C 253 -4.63 -21.02 5.08
C ILE C 253 -5.78 -21.37 4.12
N ASN C 254 -5.58 -22.40 3.29
CA ASN C 254 -6.56 -22.76 2.26
C ASN C 254 -7.41 -23.96 2.68
N ASP C 255 -8.36 -24.34 1.82
CA ASP C 255 -9.29 -25.44 2.12
C ASP C 255 -8.56 -26.72 2.53
N LEU C 256 -7.56 -27.11 1.75
CA LEU C 256 -6.88 -28.39 1.94
C LEU C 256 -6.05 -28.45 3.23
N ASP C 257 -5.27 -27.41 3.48
CA ASP C 257 -4.45 -27.35 4.69
C ASP C 257 -5.29 -27.27 5.96
N TRP C 258 -6.36 -26.48 5.91
CA TRP C 258 -7.30 -26.38 7.02
C TRP C 258 -8.00 -27.74 7.26
N SER C 259 -8.37 -28.40 6.17
CA SER C 259 -9.00 -29.73 6.24
C SER C 259 -8.07 -30.77 6.83
N ASN C 260 -6.82 -30.79 6.36
CA ASN C 260 -5.81 -31.69 6.89
C ASN C 260 -5.43 -31.33 8.32
N ALA C 261 -5.55 -30.05 8.65
CA ALA C 261 -5.24 -29.57 10.00
C ALA C 261 -6.22 -30.13 11.03
N ILE C 262 -7.51 -30.09 10.74
CA ILE C 262 -8.47 -30.44 11.77
C ILE C 262 -9.15 -31.80 11.62
N GLY C 263 -9.08 -32.40 10.43
CA GLY C 263 -9.65 -33.71 10.21
C GLY C 263 -9.27 -34.80 11.19
N PRO C 264 -7.97 -35.07 11.34
CA PRO C 264 -7.47 -36.06 12.31
C PRO C 264 -7.83 -35.74 13.76
N ILE C 265 -7.84 -34.45 14.09
CA ILE C 265 -8.12 -34.03 15.45
C ILE C 265 -9.58 -34.29 15.79
N LEU C 266 -10.45 -33.95 14.84
CA LEU C 266 -11.88 -34.20 14.99
C LEU C 266 -12.15 -35.69 15.15
N ASP C 267 -11.54 -36.51 14.29
CA ASP C 267 -11.72 -37.95 14.34
C ASP C 267 -11.21 -38.51 15.67
N SER C 268 -10.06 -38.02 16.12
CA SER C 268 -9.50 -38.48 17.40
C SER C 268 -10.37 -38.07 18.57
N LEU C 269 -10.87 -36.84 18.55
CA LEU C 269 -11.77 -36.38 19.61
C LEU C 269 -13.01 -37.26 19.70
N ASN C 270 -13.58 -37.61 18.55
CA ASN C 270 -14.75 -38.49 18.52
C ASN C 270 -14.44 -39.87 19.10
N ILE C 271 -13.31 -40.43 18.70
CA ILE C 271 -12.88 -41.76 19.13
C ILE C 271 -12.72 -41.83 20.65
N VAL C 272 -12.09 -40.82 21.22
CA VAL C 272 -11.78 -40.86 22.65
C VAL C 272 -12.91 -40.34 23.52
N ILE C 273 -13.55 -39.23 23.14
CA ILE C 273 -14.60 -38.66 23.98
C ILE C 273 -15.90 -39.45 23.88
N GLN C 274 -16.16 -40.05 22.73
CA GLN C 274 -17.43 -40.75 22.50
C GLN C 274 -18.64 -39.89 22.89
N PRO C 275 -18.77 -38.68 22.32
CA PRO C 275 -19.86 -37.77 22.71
C PRO C 275 -21.25 -38.30 22.37
N SER C 276 -22.27 -37.86 23.11
CA SER C 276 -23.65 -38.23 22.86
C SER C 276 -24.28 -37.18 21.96
N TYR C 277 -23.64 -36.02 21.91
CA TYR C 277 -24.07 -34.91 21.07
C TYR C 277 -22.84 -34.16 20.57
N VAL C 278 -22.94 -33.61 19.35
CA VAL C 278 -21.92 -32.73 18.80
C VAL C 278 -22.58 -31.38 18.48
N VAL C 279 -22.00 -30.29 18.96
CA VAL C 279 -22.48 -28.95 18.57
C VAL C 279 -21.41 -28.25 17.73
N VAL C 280 -21.80 -27.81 16.53
CA VAL C 280 -20.84 -27.24 15.60
C VAL C 280 -21.18 -25.79 15.32
N GLN C 281 -20.28 -24.87 15.66
CA GLN C 281 -20.46 -23.48 15.24
C GLN C 281 -19.79 -23.35 13.88
N CYS C 282 -20.53 -22.86 12.90
CA CYS C 282 -20.06 -22.87 11.53
C CYS C 282 -19.93 -21.46 10.94
N GLY C 283 -19.33 -20.56 11.71
CA GLY C 283 -19.08 -19.18 11.28
C GLY C 283 -18.34 -19.10 9.94
N ALA C 284 -18.87 -18.28 9.04
CA ALA C 284 -18.44 -18.26 7.66
C ALA C 284 -17.36 -17.22 7.37
N ASP C 285 -16.75 -16.66 8.42
CA ASP C 285 -15.80 -15.59 8.17
C ASP C 285 -14.40 -16.13 7.86
N CYS C 286 -14.26 -17.45 7.66
CA CYS C 286 -13.00 -18.02 7.14
C CYS C 286 -12.99 -18.02 5.61
N LEU C 287 -14.11 -17.66 4.98
CA LEU C 287 -14.17 -17.58 3.51
C LEU C 287 -13.19 -16.56 2.99
N ALA C 288 -12.58 -16.87 1.84
CA ALA C 288 -11.57 -16.02 1.23
C ALA C 288 -12.14 -14.66 0.92
N THR C 289 -13.45 -14.61 0.65
CA THR C 289 -14.12 -13.38 0.28
C THR C 289 -14.77 -12.64 1.46
N ASP C 290 -14.52 -13.11 2.68
CA ASP C 290 -14.98 -12.39 3.85
C ASP C 290 -14.16 -11.10 4.00
N PRO C 291 -14.79 -9.99 4.43
CA PRO C 291 -14.06 -8.72 4.59
C PRO C 291 -12.88 -8.84 5.58
N HIS C 292 -12.88 -9.81 6.49
CA HIS C 292 -11.69 -10.03 7.32
C HIS C 292 -10.46 -10.36 6.47
N ARG C 293 -10.69 -11.11 5.38
CA ARG C 293 -9.61 -11.50 4.47
C ARG C 293 -8.44 -12.14 5.21
N ILE C 294 -8.71 -13.16 6.00
CA ILE C 294 -7.63 -13.80 6.73
C ILE C 294 -7.38 -15.23 6.26
N PHE C 295 -8.42 -16.08 6.31
CA PHE C 295 -8.28 -17.43 5.77
C PHE C 295 -8.75 -17.42 4.32
N ARG C 296 -8.48 -18.50 3.60
CA ARG C 296 -8.84 -18.56 2.20
C ARG C 296 -9.68 -19.79 1.91
N LEU C 297 -10.65 -20.03 2.78
CA LEU C 297 -11.60 -21.14 2.59
C LEU C 297 -12.61 -20.80 1.49
N THR C 298 -13.24 -21.83 0.90
CA THR C 298 -14.23 -21.63 -0.12
C THR C 298 -15.52 -22.37 0.22
N ASN C 299 -16.50 -22.28 -0.67
CA ASN C 299 -17.67 -23.15 -0.58
C ASN C 299 -17.67 -24.15 -1.74
N PHE C 300 -16.50 -24.42 -2.32
CA PHE C 300 -16.44 -25.27 -3.52
C PHE C 300 -16.78 -26.72 -3.23
N TYR C 301 -17.40 -27.37 -4.21
CA TYR C 301 -17.86 -28.75 -4.05
C TYR C 301 -17.73 -29.50 -5.38
N PRO C 302 -16.69 -30.34 -5.51
CA PRO C 302 -16.41 -31.07 -6.76
C PRO C 302 -17.34 -32.25 -7.00
N SER C 315 -11.00 -29.71 -5.75
CA SER C 315 -10.71 -29.11 -4.45
C SER C 315 -11.99 -28.84 -3.65
N LEU C 316 -11.98 -29.30 -2.40
CA LEU C 316 -13.16 -29.33 -1.55
C LEU C 316 -13.12 -28.30 -0.41
N SER C 317 -14.20 -27.54 -0.28
CA SER C 317 -14.42 -26.63 0.84
C SER C 317 -14.07 -27.28 2.19
N GLY C 318 -13.19 -26.62 2.94
CA GLY C 318 -12.82 -27.11 4.26
C GLY C 318 -14.03 -27.21 5.17
N TYR C 319 -14.90 -26.22 5.09
CA TYR C 319 -16.19 -26.31 5.79
C TYR C 319 -16.95 -27.59 5.47
N LEU C 320 -17.14 -27.85 4.18
CA LEU C 320 -17.96 -29.00 3.79
C LEU C 320 -17.23 -30.28 4.18
N TYR C 321 -15.90 -30.26 4.09
CA TYR C 321 -15.09 -31.41 4.51
C TYR C 321 -15.33 -31.74 5.97
N ALA C 322 -15.19 -30.73 6.83
CA ALA C 322 -15.41 -30.90 8.26
C ALA C 322 -16.82 -31.34 8.60
N ILE C 323 -17.83 -30.72 7.98
CA ILE C 323 -19.22 -31.05 8.30
C ILE C 323 -19.52 -32.49 7.88
N LYS C 324 -19.03 -32.87 6.71
CA LYS C 324 -19.21 -34.23 6.24
C LYS C 324 -18.56 -35.26 7.20
N LYS C 325 -17.35 -34.96 7.65
CA LYS C 325 -16.65 -35.82 8.60
C LYS C 325 -17.43 -35.98 9.91
N ILE C 326 -17.89 -34.86 10.46
CA ILE C 326 -18.64 -34.87 11.71
C ILE C 326 -19.95 -35.63 11.57
N LEU C 327 -20.61 -35.49 10.42
CA LEU C 327 -21.88 -36.20 10.23
C LEU C 327 -21.67 -37.71 10.04
N SER C 328 -20.47 -38.10 9.58
CA SER C 328 -20.17 -39.51 9.36
C SER C 328 -20.13 -40.30 10.67
N TRP C 329 -20.01 -39.60 11.80
CA TRP C 329 -19.98 -40.23 13.12
C TRP C 329 -21.34 -40.74 13.59
N LYS C 330 -22.40 -40.25 12.97
CA LYS C 330 -23.79 -40.61 13.32
C LYS C 330 -24.09 -40.32 14.79
N VAL C 331 -23.71 -39.13 15.23
CA VAL C 331 -24.02 -38.63 16.56
C VAL C 331 -24.97 -37.44 16.39
N PRO C 332 -26.07 -37.39 17.15
CA PRO C 332 -27.02 -36.26 17.06
C PRO C 332 -26.28 -34.91 17.11
N THR C 333 -26.58 -34.03 16.17
CA THR C 333 -25.72 -32.90 15.92
C THR C 333 -26.50 -31.60 15.78
N LEU C 334 -26.00 -30.57 16.44
CA LEU C 334 -26.53 -29.24 16.24
C LEU C 334 -25.56 -28.45 15.38
N ILE C 335 -26.06 -27.82 14.33
CA ILE C 335 -25.22 -26.98 13.47
C ILE C 335 -25.69 -25.53 13.55
N LEU C 336 -24.78 -24.64 13.98
CA LEU C 336 -25.11 -23.23 14.20
C LEU C 336 -24.33 -22.31 13.27
N GLY C 337 -24.85 -21.10 13.08
CA GLY C 337 -24.20 -20.07 12.30
C GLY C 337 -23.10 -19.39 13.10
N GLY C 338 -23.05 -18.07 13.01
CA GLY C 338 -22.00 -17.31 13.69
C GLY C 338 -21.57 -16.17 12.81
N GLY C 339 -20.26 -15.93 12.74
CA GLY C 339 -19.73 -14.84 11.96
C GLY C 339 -19.97 -15.07 10.47
N GLY C 340 -19.68 -14.04 9.68
CA GLY C 340 -19.79 -14.12 8.24
C GLY C 340 -20.31 -12.76 7.81
N TYR C 341 -19.44 -11.95 7.23
CA TYR C 341 -19.76 -10.54 7.04
C TYR C 341 -19.87 -10.15 5.57
N ASN C 342 -19.70 -11.14 4.69
CA ASN C 342 -20.09 -11.04 3.28
C ASN C 342 -21.40 -11.80 3.15
N PHE C 343 -22.54 -11.11 3.13
CA PHE C 343 -23.82 -11.80 3.34
C PHE C 343 -24.15 -12.79 2.21
N PRO C 344 -24.00 -12.39 0.93
CA PRO C 344 -24.32 -13.40 -0.11
C PRO C 344 -23.40 -14.64 -0.09
N ASP C 345 -22.12 -14.45 0.19
CA ASP C 345 -21.19 -15.58 0.23
C ASP C 345 -21.45 -16.46 1.45
N THR C 346 -21.84 -15.85 2.57
CA THR C 346 -22.28 -16.63 3.71
C THR C 346 -23.48 -17.51 3.34
N ALA C 347 -24.46 -16.92 2.66
CA ALA C 347 -25.63 -17.66 2.23
C ALA C 347 -25.22 -18.77 1.28
N ARG C 348 -24.29 -18.46 0.37
CA ARG C 348 -23.72 -19.46 -0.56
C ARG C 348 -23.11 -20.66 0.17
N LEU C 349 -22.34 -20.40 1.21
CA LEU C 349 -21.74 -21.49 1.97
C LEU C 349 -22.79 -22.29 2.76
N TRP C 350 -23.63 -21.58 3.52
CA TRP C 350 -24.56 -22.26 4.41
C TRP C 350 -25.65 -22.99 3.63
N THR C 351 -25.93 -22.55 2.40
CA THR C 351 -26.88 -23.30 1.57
C THR C 351 -26.27 -24.65 1.17
N ARG C 352 -24.98 -24.65 0.84
CA ARG C 352 -24.28 -25.91 0.52
C ARG C 352 -24.13 -26.80 1.76
N VAL C 353 -23.81 -26.22 2.92
CA VAL C 353 -23.76 -26.97 4.17
C VAL C 353 -25.11 -27.66 4.43
N THR C 354 -26.18 -26.93 4.24
CA THR C 354 -27.52 -27.47 4.41
C THR C 354 -27.80 -28.64 3.44
N ALA C 355 -27.46 -28.48 2.17
CA ALA C 355 -27.70 -29.53 1.19
C ALA C 355 -26.86 -30.76 1.52
N LEU C 356 -25.61 -30.54 1.94
CA LEU C 356 -24.75 -31.64 2.38
C LEU C 356 -25.32 -32.40 3.57
N THR C 357 -25.84 -31.67 4.55
CA THR C 357 -26.44 -32.30 5.72
C THR C 357 -27.60 -33.21 5.30
N ILE C 358 -28.45 -32.72 4.40
CA ILE C 358 -29.54 -33.53 3.88
C ILE C 358 -29.03 -34.80 3.21
N GLU C 359 -28.00 -34.67 2.37
CA GLU C 359 -27.42 -35.83 1.68
C GLU C 359 -26.86 -36.87 2.63
N GLU C 360 -26.04 -36.41 3.58
CA GLU C 360 -25.37 -37.31 4.50
C GLU C 360 -26.34 -37.99 5.48
N VAL C 361 -27.36 -37.27 5.92
CA VAL C 361 -28.27 -37.85 6.93
C VAL C 361 -29.39 -38.66 6.29
N LYS C 362 -29.96 -38.16 5.20
CA LYS C 362 -31.07 -38.86 4.55
C LYS C 362 -30.61 -39.87 3.49
N GLY C 363 -29.33 -39.83 3.13
CA GLY C 363 -28.83 -40.66 2.03
C GLY C 363 -29.50 -40.30 0.71
N LYS C 364 -29.72 -39.01 0.49
CA LYS C 364 -30.54 -38.54 -0.61
C LYS C 364 -29.81 -37.46 -1.42
N LYS C 365 -29.48 -37.75 -2.67
CA LYS C 365 -28.69 -36.85 -3.49
C LYS C 365 -29.32 -35.47 -3.67
N MET C 366 -28.57 -34.43 -3.31
CA MET C 366 -29.04 -33.07 -3.49
C MET C 366 -28.18 -32.40 -4.55
N THR C 367 -28.78 -32.12 -5.69
CA THR C 367 -28.03 -31.51 -6.78
C THR C 367 -28.36 -30.04 -6.80
N ILE C 368 -27.32 -29.22 -6.83
CA ILE C 368 -27.52 -27.81 -6.75
C ILE C 368 -27.01 -27.12 -8.01
N SER C 369 -27.90 -26.48 -8.76
CA SER C 369 -27.50 -25.72 -9.93
C SER C 369 -26.42 -24.68 -9.63
N PRO C 370 -25.42 -24.58 -10.51
CA PRO C 370 -24.35 -23.59 -10.30
C PRO C 370 -24.86 -22.16 -10.52
N GLU C 371 -26.00 -22.00 -11.19
CA GLU C 371 -26.66 -20.71 -11.33
C GLU C 371 -27.59 -20.46 -10.13
N ILE C 372 -27.51 -19.26 -9.55
CA ILE C 372 -28.43 -18.89 -8.47
C ILE C 372 -29.86 -18.84 -9.01
N PRO C 373 -30.79 -19.52 -8.32
CA PRO C 373 -32.16 -19.53 -8.82
C PRO C 373 -32.86 -18.19 -8.61
N GLU C 374 -33.90 -17.98 -9.41
CA GLU C 374 -34.76 -16.82 -9.27
C GLU C 374 -35.37 -16.73 -7.86
N HIS C 375 -35.23 -15.57 -7.23
CA HIS C 375 -35.93 -15.26 -5.98
C HIS C 375 -35.68 -13.80 -5.69
N SER C 376 -36.32 -13.26 -4.66
CA SER C 376 -36.38 -11.82 -4.48
C SER C 376 -35.05 -11.18 -4.07
N TYR C 377 -34.07 -11.99 -3.64
CA TYR C 377 -32.71 -11.49 -3.40
C TYR C 377 -31.68 -11.88 -4.48
N PHE C 378 -32.16 -12.33 -5.64
CA PHE C 378 -31.28 -12.78 -6.73
C PHE C 378 -30.24 -11.73 -7.09
N SER C 379 -30.66 -10.46 -7.12
CA SER C 379 -29.78 -9.36 -7.49
C SER C 379 -28.61 -9.16 -6.51
N ARG C 380 -28.67 -9.76 -5.33
CA ARG C 380 -27.58 -9.63 -4.37
C ARG C 380 -26.40 -10.57 -4.69
N TYR C 381 -26.56 -11.43 -5.70
CA TYR C 381 -25.52 -12.43 -6.00
C TYR C 381 -24.74 -12.09 -7.27
N GLY C 382 -24.79 -10.83 -7.66
CA GLY C 382 -24.05 -10.38 -8.83
C GLY C 382 -22.56 -10.27 -8.53
N PRO C 383 -21.73 -10.03 -9.55
CA PRO C 383 -22.11 -9.86 -10.96
C PRO C 383 -22.28 -11.18 -11.72
N ASP C 384 -21.89 -12.28 -11.08
CA ASP C 384 -21.88 -13.63 -11.67
C ASP C 384 -23.18 -14.42 -11.50
N PHE C 385 -23.86 -14.20 -10.37
CA PHE C 385 -25.06 -14.96 -10.02
C PHE C 385 -24.80 -16.49 -10.04
N GLU C 386 -23.65 -16.89 -9.53
CA GLU C 386 -23.34 -18.30 -9.40
C GLU C 386 -23.17 -18.70 -7.96
N LEU C 387 -23.30 -19.99 -7.71
CA LEU C 387 -23.22 -20.51 -6.36
C LEU C 387 -21.80 -20.52 -5.77
N ASP C 388 -20.78 -20.88 -6.57
CA ASP C 388 -19.39 -20.82 -6.08
C ASP C 388 -19.03 -19.39 -5.73
N ILE C 389 -18.34 -19.15 -4.61
CA ILE C 389 -17.89 -17.79 -4.33
C ILE C 389 -16.93 -17.34 -5.44
N ASP C 390 -16.86 -16.03 -5.65
CA ASP C 390 -15.99 -15.45 -6.68
C ASP C 390 -14.54 -15.34 -6.18
N TYR C 391 -13.85 -16.46 -6.11
CA TYR C 391 -12.48 -16.50 -5.65
C TYR C 391 -11.70 -17.53 -6.46
N PHE C 392 -10.42 -17.23 -6.68
CA PHE C 392 -9.52 -18.06 -7.46
C PHE C 392 -8.34 -18.50 -6.60
N PRO C 393 -8.43 -19.70 -6.04
CA PRO C 393 -7.36 -20.20 -5.17
C PRO C 393 -6.04 -20.33 -5.93
N HIS C 394 -4.95 -19.93 -5.30
CA HIS C 394 -3.66 -19.86 -5.99
C HIS C 394 -2.54 -20.39 -5.12
N THR C 400 7.55 -26.52 3.16
CA THR C 400 7.61 -27.48 4.26
C THR C 400 7.34 -26.76 5.60
N LEU C 401 7.47 -25.44 5.60
CA LEU C 401 7.58 -24.68 6.84
C LEU C 401 6.25 -24.32 7.53
N ASP C 402 5.15 -24.29 6.79
CA ASP C 402 3.87 -23.85 7.35
C ASP C 402 3.12 -24.94 8.12
N SER C 403 3.76 -26.08 8.36
CA SER C 403 3.04 -27.23 8.92
C SER C 403 2.77 -27.05 10.41
N ILE C 404 1.88 -27.87 10.95
CA ILE C 404 1.49 -27.74 12.34
C ILE C 404 1.53 -29.09 13.08
N GLN C 405 2.52 -29.91 12.76
CA GLN C 405 2.58 -31.27 13.32
C GLN C 405 2.89 -31.26 14.82
N LYS C 406 3.61 -30.24 15.28
CA LYS C 406 3.79 -30.12 16.72
C LYS C 406 2.49 -29.78 17.45
N HIS C 407 1.54 -29.14 16.76
CA HIS C 407 0.21 -28.88 17.36
C HIS C 407 -0.55 -30.20 17.46
N HIS C 408 -0.46 -31.03 16.44
CA HIS C 408 -1.08 -32.35 16.49
C HIS C 408 -0.55 -33.14 17.67
N ARG C 409 0.75 -33.09 17.87
CA ARG C 409 1.39 -33.83 18.94
C ARG C 409 0.96 -33.31 20.32
N ARG C 410 0.90 -31.99 20.44
CA ARG C 410 0.44 -31.36 21.67
C ARG C 410 -1.02 -31.70 21.97
N ILE C 411 -1.84 -31.66 20.94
CA ILE C 411 -3.27 -31.87 21.10
C ILE C 411 -3.57 -33.33 21.43
N LEU C 412 -2.89 -34.25 20.78
CA LEU C 412 -3.05 -35.67 21.11
C LEU C 412 -2.58 -35.99 22.54
N GLU C 413 -1.54 -35.30 23.00
CA GLU C 413 -1.09 -35.48 24.37
C GLU C 413 -2.15 -34.97 25.34
N GLN C 414 -2.71 -33.81 25.05
CA GLN C 414 -3.79 -33.28 25.88
C GLN C 414 -4.97 -34.24 25.94
N LEU C 415 -5.27 -34.86 24.80
CA LEU C 415 -6.38 -35.81 24.70
C LEU C 415 -6.10 -37.05 25.53
N ARG C 416 -4.85 -37.52 25.49
CA ARG C 416 -4.41 -38.64 26.31
C ARG C 416 -4.57 -38.30 27.79
N ASN C 417 -4.13 -37.10 28.17
CA ASN C 417 -4.28 -36.63 29.55
C ASN C 417 -5.72 -36.52 29.96
N TYR C 418 -6.57 -36.10 29.04
CA TYR C 418 -8.00 -35.94 29.34
C TYR C 418 -8.62 -37.29 29.63
N ALA C 419 -8.31 -38.27 28.78
CA ALA C 419 -8.79 -39.63 28.95
C ALA C 419 -8.34 -40.24 30.28
N ASP C 420 -7.09 -39.98 30.66
CA ASP C 420 -6.55 -40.53 31.89
C ASP C 420 -7.21 -39.92 33.12
N LEU C 421 -7.39 -38.61 33.12
CA LEU C 421 -8.00 -37.92 34.25
C LEU C 421 -9.46 -38.35 34.44
N ASN C 422 -10.14 -38.62 33.34
CA ASN C 422 -11.56 -38.93 33.42
C ASN C 422 -11.82 -40.43 33.29
N LYS C 423 -10.75 -41.21 33.40
CA LYS C 423 -10.82 -42.67 33.34
C LYS C 423 -11.60 -43.18 32.12
N LEU C 424 -11.27 -42.65 30.95
CA LEU C 424 -11.86 -43.09 29.70
C LEU C 424 -10.90 -44.03 28.97
N ILE C 425 -11.45 -44.94 28.18
CA ILE C 425 -10.62 -45.80 27.37
C ILE C 425 -9.91 -44.99 26.28
N TYR C 426 -8.58 -44.99 26.33
CA TYR C 426 -7.76 -44.39 25.28
C TYR C 426 -7.28 -45.45 24.30
N ASP C 427 -8.02 -45.60 23.21
CA ASP C 427 -7.71 -46.61 22.18
C ASP C 427 -6.57 -46.15 21.28
N TYR C 428 -5.34 -46.32 21.76
CA TYR C 428 -4.14 -45.97 21.01
C TYR C 428 -4.09 -46.54 19.60
N ASP C 429 -4.54 -47.78 19.43
CA ASP C 429 -4.44 -48.43 18.12
C ASP C 429 -5.28 -47.71 17.07
N GLN C 430 -6.50 -47.30 17.43
CA GLN C 430 -7.35 -46.62 16.48
C GLN C 430 -6.84 -45.21 16.17
N VAL C 431 -6.43 -44.47 17.19
CA VAL C 431 -5.87 -43.14 16.96
C VAL C 431 -4.61 -43.25 16.12
N TYR C 432 -3.77 -44.25 16.42
CA TYR C 432 -2.54 -44.44 15.66
C TYR C 432 -2.85 -44.70 14.20
N GLN C 433 -3.77 -45.62 13.96
CA GLN C 433 -4.16 -46.00 12.60
C GLN C 433 -4.70 -44.80 11.83
N LEU C 434 -5.59 -44.07 12.47
CA LEU C 434 -6.10 -42.79 11.95
C LEU C 434 -4.97 -41.89 11.42
N TYR C 435 -4.00 -41.57 12.28
CA TYR C 435 -2.90 -40.68 11.90
C TYR C 435 -1.95 -41.38 10.93
N ASN C 436 -1.87 -42.70 11.04
CA ASN C 436 -1.04 -43.50 10.15
C ASN C 436 -1.48 -43.42 8.69
N LEU C 437 -2.74 -43.10 8.47
CA LEU C 437 -3.24 -42.92 7.11
C LEU C 437 -2.45 -41.85 6.35
N THR C 438 -2.01 -40.82 7.06
CA THR C 438 -1.20 -39.76 6.46
C THR C 438 0.28 -39.84 6.85
N GLY C 439 0.71 -41.01 7.30
CA GLY C 439 2.11 -41.23 7.66
C GLY C 439 2.52 -40.50 8.93
N MET C 440 1.55 -40.12 9.75
CA MET C 440 1.83 -39.33 10.94
C MET C 440 1.55 -40.11 12.23
N GLY C 441 1.58 -41.43 12.16
CA GLY C 441 1.30 -42.26 13.32
C GLY C 441 2.21 -41.96 14.50
N SER C 442 3.43 -41.55 14.21
CA SER C 442 4.45 -41.30 15.24
C SER C 442 4.12 -40.14 16.18
N LEU C 443 3.14 -39.31 15.81
CA LEU C 443 2.76 -38.18 16.65
C LEU C 443 1.84 -38.62 17.77
N VAL C 444 1.33 -39.84 17.65
CA VAL C 444 0.36 -40.38 18.58
C VAL C 444 1.02 -41.01 19.81
N PRO C 445 0.70 -40.50 21.00
CA PRO C 445 1.26 -40.98 22.27
C PRO C 445 0.56 -42.25 22.74
N ARG C 446 1.28 -43.12 23.44
CA ARG C 446 0.70 -44.38 23.92
C ARG C 446 -0.10 -44.19 25.21
N SER D 2 -18.66 11.89 31.45
CA SER D 2 -18.31 10.63 32.10
C SER D 2 -16.78 10.46 32.13
N VAL D 3 -16.28 9.74 33.12
CA VAL D 3 -14.85 9.49 33.20
C VAL D 3 -14.57 8.03 32.87
N GLY D 4 -13.76 7.82 31.84
CA GLY D 4 -13.40 6.49 31.39
C GLY D 4 -12.08 6.03 31.99
N ILE D 5 -11.92 4.72 32.13
CA ILE D 5 -10.64 4.16 32.51
C ILE D 5 -10.41 2.88 31.72
N VAL D 6 -9.20 2.72 31.19
CA VAL D 6 -8.89 1.53 30.39
C VAL D 6 -8.57 0.36 31.29
N TYR D 7 -9.33 -0.72 31.16
CA TYR D 7 -8.92 -1.98 31.78
CA TYR D 7 -9.05 -1.95 31.90
C TYR D 7 -9.65 -3.17 31.19
N GLY D 8 -9.16 -4.37 31.54
CA GLY D 8 -9.69 -5.63 31.05
C GLY D 8 -8.82 -6.75 31.60
N ASP D 9 -9.35 -7.98 31.65
CA ASP D 9 -8.61 -9.10 32.21
C ASP D 9 -7.34 -9.43 31.43
N GLN D 10 -7.45 -9.52 30.11
CA GLN D 10 -6.27 -9.85 29.32
C GLN D 10 -5.30 -8.67 29.31
N TYR D 11 -5.85 -7.45 29.29
CA TYR D 11 -5.06 -6.22 29.33
C TYR D 11 -4.21 -6.18 30.61
N ARG D 12 -4.83 -6.54 31.73
CA ARG D 12 -4.13 -6.57 33.01
C ARG D 12 -2.96 -7.57 33.01
N GLN D 13 -3.20 -8.75 32.47
CA GLN D 13 -2.17 -9.80 32.40
C GLN D 13 -1.00 -9.36 31.53
N LEU D 14 -1.29 -8.71 30.41
CA LEU D 14 -0.25 -8.23 29.50
C LEU D 14 0.51 -7.06 30.10
N CYS D 15 -0.22 -6.13 30.72
CA CYS D 15 0.42 -4.98 31.36
C CYS D 15 1.30 -5.42 32.51
N CYS D 16 1.02 -6.60 33.06
CA CYS D 16 1.83 -7.13 34.16
C CYS D 16 2.86 -8.17 33.73
N SER D 17 3.14 -8.26 32.43
CA SER D 17 4.01 -9.34 31.95
C SER D 17 5.45 -8.92 31.68
N SER D 18 5.79 -7.66 31.95
CA SER D 18 7.14 -7.15 31.69
C SER D 18 8.10 -7.30 32.87
N PRO D 19 9.38 -7.55 32.60
CA PRO D 19 10.37 -7.72 33.68
C PRO D 19 10.62 -6.43 34.44
N LYS D 20 10.49 -5.28 33.79
CA LYS D 20 10.76 -4.00 34.45
C LYS D 20 9.59 -3.47 35.29
N PHE D 21 8.34 -3.62 34.84
CA PHE D 21 7.24 -3.01 35.59
C PHE D 21 6.42 -4.03 36.36
N GLY D 22 6.78 -5.30 36.24
CA GLY D 22 6.21 -6.37 37.04
C GLY D 22 4.72 -6.23 37.19
N ASP D 23 4.24 -6.29 38.43
CA ASP D 23 2.80 -6.24 38.69
C ASP D 23 2.29 -4.83 39.05
N ARG D 24 3.03 -3.80 38.70
CA ARG D 24 2.66 -2.41 39.02
C ARG D 24 1.23 -2.07 38.64
N TYR D 25 0.87 -2.37 37.40
CA TYR D 25 -0.48 -2.07 36.92
C TYR D 25 -1.57 -2.72 37.77
N ALA D 26 -1.30 -3.91 38.28
CA ALA D 26 -2.29 -4.64 39.08
C ALA D 26 -2.45 -3.99 40.43
N LEU D 27 -1.34 -3.50 41.00
CA LEU D 27 -1.41 -2.75 42.25
C LEU D 27 -2.23 -1.48 42.06
N VAL D 28 -1.93 -0.75 40.99
CA VAL D 28 -2.64 0.48 40.69
C VAL D 28 -4.15 0.24 40.57
N MET D 29 -4.56 -0.70 39.72
CA MET D 29 -5.99 -0.92 39.50
C MET D 29 -6.68 -1.54 40.71
N ASP D 30 -5.99 -2.40 41.45
CA ASP D 30 -6.61 -2.98 42.67
C ASP D 30 -6.73 -1.95 43.80
N LEU D 31 -5.83 -0.95 43.86
CA LEU D 31 -5.99 0.12 44.83
C LEU D 31 -7.19 1.00 44.49
N ILE D 32 -7.34 1.31 43.21
CA ILE D 32 -8.49 2.03 42.70
C ILE D 32 -9.80 1.25 42.98
N ASN D 33 -9.76 -0.06 42.82
CA ASN D 33 -10.91 -0.90 43.13
C ASN D 33 -11.18 -0.93 44.64
N ALA D 34 -10.12 -1.15 45.42
CA ALA D 34 -10.22 -1.19 46.88
C ALA D 34 -10.83 0.09 47.45
N TYR D 35 -10.59 1.22 46.79
CA TYR D 35 -11.15 2.49 47.25
C TYR D 35 -12.53 2.78 46.65
N LYS D 36 -13.09 1.77 45.98
CA LYS D 36 -14.46 1.79 45.44
C LYS D 36 -14.68 2.83 44.36
N LEU D 37 -13.64 3.15 43.60
CA LEU D 37 -13.77 4.14 42.53
C LEU D 37 -14.31 3.55 41.23
N ILE D 38 -14.22 2.24 41.05
CA ILE D 38 -14.63 1.61 39.79
C ILE D 38 -16.12 1.82 39.40
N PRO D 39 -17.06 1.71 40.36
CA PRO D 39 -18.45 2.02 39.97
C PRO D 39 -18.65 3.44 39.46
N GLU D 40 -17.77 4.37 39.84
CA GLU D 40 -17.84 5.74 39.35
C GLU D 40 -17.33 5.87 37.91
N LEU D 41 -16.66 4.84 37.39
CA LEU D 41 -15.92 4.98 36.14
C LEU D 41 -16.48 4.12 35.00
N SER D 42 -16.34 4.63 33.78
CA SER D 42 -16.74 3.91 32.57
C SER D 42 -15.57 3.07 32.06
N ARG D 43 -15.67 1.75 32.13
CA ARG D 43 -14.59 0.90 31.59
C ARG D 43 -14.47 1.06 30.08
N VAL D 44 -13.25 1.37 29.64
CA VAL D 44 -12.95 1.51 28.22
C VAL D 44 -12.15 0.30 27.78
N PRO D 45 -12.74 -0.52 26.89
CA PRO D 45 -12.04 -1.74 26.46
C PRO D 45 -10.92 -1.42 25.50
N PRO D 46 -9.78 -2.09 25.63
CA PRO D 46 -8.68 -1.89 24.68
C PRO D 46 -9.11 -2.25 23.24
N LEU D 47 -8.69 -1.44 22.28
CA LEU D 47 -8.98 -1.66 20.87
C LEU D 47 -8.44 -3.01 20.41
N GLN D 48 -9.24 -3.75 19.67
CA GLN D 48 -8.75 -4.90 18.93
C GLN D 48 -9.07 -4.72 17.46
N TRP D 49 -8.37 -5.47 16.59
CA TRP D 49 -8.43 -5.26 15.16
C TRP D 49 -8.99 -6.47 14.40
N ASP D 50 -9.42 -6.20 13.17
CA ASP D 50 -10.04 -7.19 12.30
C ASP D 50 -9.06 -8.15 11.63
N SER D 51 -7.79 -7.82 11.67
CA SER D 51 -6.79 -8.60 10.94
C SER D 51 -5.41 -8.12 11.31
N PRO D 52 -4.39 -8.95 11.05
CA PRO D 52 -2.98 -8.55 11.14
C PRO D 52 -2.68 -7.26 10.39
N SER D 53 -3.19 -7.13 9.16
CA SER D 53 -2.85 -5.98 8.34
C SER D 53 -3.49 -4.70 8.90
N ARG D 54 -4.66 -4.82 9.53
CA ARG D 54 -5.28 -3.65 10.18
C ARG D 54 -4.46 -3.24 11.39
N MET D 55 -4.00 -4.21 12.16
CA MET D 55 -3.15 -3.89 13.30
C MET D 55 -1.89 -3.16 12.80
N TYR D 56 -1.26 -3.70 11.76
CA TYR D 56 -0.06 -3.10 11.19
C TYR D 56 -0.31 -1.68 10.68
N GLU D 57 -1.47 -1.45 10.08
CA GLU D 57 -1.81 -0.14 9.55
C GLU D 57 -1.91 0.87 10.69
N ALA D 58 -2.44 0.43 11.82
CA ALA D 58 -2.60 1.29 12.98
C ALA D 58 -1.24 1.67 13.57
N VAL D 59 -0.38 0.68 13.76
CA VAL D 59 0.89 0.88 14.46
C VAL D 59 1.89 1.60 13.56
N THR D 60 1.89 1.28 12.25
CA THR D 60 2.84 1.91 11.33
C THR D 60 2.37 3.29 10.88
N ALA D 61 1.29 3.78 11.47
CA ALA D 61 0.95 5.19 11.35
C ALA D 61 2.07 6.04 11.96
N PHE D 62 2.81 5.48 12.91
CA PHE D 62 4.01 6.15 13.40
C PHE D 62 5.28 5.33 13.16
N HIS D 63 5.29 4.07 13.61
CA HIS D 63 6.48 3.22 13.51
C HIS D 63 6.72 2.63 12.12
N SER D 64 7.99 2.36 11.81
CA SER D 64 8.32 1.73 10.53
C SER D 64 7.91 0.27 10.53
N THR D 65 7.57 -0.24 9.35
CA THR D 65 7.21 -1.65 9.23
C THR D 65 8.35 -2.54 9.68
N GLU D 66 9.57 -2.22 9.27
CA GLU D 66 10.73 -3.04 9.65
C GLU D 66 10.93 -3.10 11.16
N TYR D 67 10.67 -1.98 11.85
CA TYR D 67 10.81 -1.99 13.29
C TYR D 67 9.74 -2.86 13.94
N VAL D 68 8.50 -2.71 13.49
CA VAL D 68 7.41 -3.54 13.98
C VAL D 68 7.69 -5.02 13.71
N ASP D 69 8.16 -5.36 12.50
CA ASP D 69 8.55 -6.76 12.21
C ASP D 69 9.63 -7.24 13.19
N ALA D 70 10.63 -6.39 13.45
CA ALA D 70 11.73 -6.75 14.34
C ALA D 70 11.24 -7.02 15.77
N LEU D 71 10.34 -6.17 16.25
CA LEU D 71 9.78 -6.32 17.58
C LEU D 71 8.97 -7.62 17.70
N LYS D 72 8.18 -7.92 16.66
CA LYS D 72 7.43 -9.16 16.64
C LYS D 72 8.36 -10.36 16.63
N LYS D 73 9.40 -10.30 15.80
CA LYS D 73 10.36 -11.39 15.71
C LYS D 73 11.12 -11.57 17.04
N LEU D 74 11.41 -10.46 17.71
CA LEU D 74 12.04 -10.51 19.03
C LEU D 74 11.19 -11.30 20.05
N GLN D 75 9.87 -11.11 20.01
CA GLN D 75 8.97 -11.88 20.87
C GLN D 75 9.05 -13.37 20.53
N MET D 76 8.98 -13.67 19.24
CA MET D 76 9.05 -15.05 18.77
C MET D 76 10.34 -15.74 19.25
N LEU D 77 11.46 -15.05 19.11
CA LEU D 77 12.75 -15.64 19.47
C LEU D 77 12.84 -15.90 20.97
N HIS D 78 12.33 -14.98 21.78
CA HIS D 78 12.31 -15.17 23.23
C HIS D 78 11.25 -16.18 23.69
N CYS D 79 10.40 -16.64 22.75
CA CYS D 79 9.43 -17.71 23.07
C CYS D 79 9.97 -19.09 22.71
N GLU D 80 11.19 -19.12 22.17
CA GLU D 80 11.85 -20.39 21.90
C GLU D 80 13.07 -20.51 22.82
N GLU D 81 13.45 -21.72 23.17
CA GLU D 81 14.54 -21.96 24.09
C GLU D 81 15.89 -21.53 23.51
N LYS D 82 16.03 -21.66 22.20
CA LYS D 82 17.30 -21.42 21.51
C LYS D 82 17.75 -19.96 21.59
N GLU D 83 19.06 -19.76 21.70
CA GLU D 83 19.66 -18.43 21.76
C GLU D 83 19.65 -17.72 20.40
N LEU D 84 19.69 -16.40 20.44
CA LEU D 84 19.70 -15.60 19.21
C LEU D 84 20.99 -15.83 18.42
N THR D 85 20.88 -15.84 17.10
CA THR D 85 22.05 -15.94 16.24
C THR D 85 22.75 -14.58 16.18
N ALA D 86 23.99 -14.57 15.71
CA ALA D 86 24.74 -13.34 15.55
C ALA D 86 24.00 -12.35 14.64
N ASP D 87 23.44 -12.85 13.54
CA ASP D 87 22.65 -12.02 12.62
C ASP D 87 21.40 -11.43 13.25
N ASP D 88 20.73 -12.20 14.10
CA ASP D 88 19.55 -11.69 14.76
C ASP D 88 19.92 -10.67 15.84
N GLU D 89 21.05 -10.88 16.52
CA GLU D 89 21.56 -9.89 17.47
C GLU D 89 21.76 -8.55 16.76
N LEU D 90 22.44 -8.60 15.61
CA LEU D 90 22.72 -7.40 14.85
C LEU D 90 21.44 -6.70 14.40
N LEU D 91 20.47 -7.47 13.92
CA LEU D 91 19.16 -6.92 13.56
C LEU D 91 18.51 -6.19 14.75
N MET D 92 18.44 -6.86 15.89
CA MET D 92 17.86 -6.22 17.08
C MET D 92 18.62 -4.97 17.51
N ASP D 93 19.95 -5.04 17.50
CA ASP D 93 20.79 -3.87 17.79
C ASP D 93 20.47 -2.66 16.90
N SER D 94 20.17 -2.91 15.62
CA SER D 94 19.93 -1.79 14.71
C SER D 94 18.65 -1.02 15.05
N PHE D 95 17.82 -1.61 15.91
CA PHE D 95 16.59 -1.00 16.41
C PHE D 95 16.63 -0.69 17.92
N SER D 96 17.82 -0.81 18.51
CA SER D 96 18.05 -0.65 19.96
C SER D 96 17.16 -1.56 20.78
N LEU D 97 16.87 -2.74 20.26
CA LEU D 97 16.10 -3.73 20.99
C LEU D 97 17.10 -4.55 21.78
N ASN D 98 17.76 -3.89 22.74
CA ASN D 98 18.83 -4.49 23.51
C ASN D 98 19.04 -3.70 24.81
N TYR D 99 20.00 -4.14 25.63
CA TYR D 99 20.33 -3.47 26.90
C TYR D 99 19.09 -3.16 27.75
N ASP D 100 18.70 -1.87 27.86
CA ASP D 100 17.57 -1.48 28.70
C ASP D 100 16.23 -1.73 28.03
N CYS D 101 16.25 -2.11 26.76
CA CYS D 101 15.03 -2.52 26.08
C CYS D 101 15.14 -3.97 25.61
N PRO D 102 15.24 -4.90 26.58
CA PRO D 102 15.49 -6.30 26.21
C PRO D 102 14.26 -6.96 25.61
N GLY D 103 14.43 -8.15 25.04
CA GLY D 103 13.29 -8.97 24.69
C GLY D 103 12.83 -9.81 25.87
N PHE D 104 11.59 -10.27 25.82
CA PHE D 104 11.08 -11.22 26.82
C PHE D 104 9.88 -11.88 26.14
N PRO D 105 9.37 -13.00 26.69
CA PRO D 105 8.38 -13.80 25.95
C PRO D 105 7.12 -13.06 25.47
N SER D 106 6.79 -11.93 26.08
CA SER D 106 5.61 -11.18 25.65
C SER D 106 5.90 -9.74 25.23
N VAL D 107 7.15 -9.43 24.90
CA VAL D 107 7.53 -8.03 24.64
C VAL D 107 6.63 -7.34 23.59
N PHE D 108 6.20 -8.04 22.55
CA PHE D 108 5.36 -7.43 21.53
C PHE D 108 3.91 -7.28 22.01
N ASP D 109 3.37 -8.33 22.64
CA ASP D 109 2.00 -8.25 23.17
C ASP D 109 1.92 -7.19 24.28
N TYR D 110 2.94 -7.12 25.11
CA TYR D 110 3.02 -6.12 26.17
C TYR D 110 3.01 -4.69 25.59
N SER D 111 3.86 -4.45 24.59
CA SER D 111 3.96 -3.13 23.93
C SER D 111 2.70 -2.72 23.21
N LEU D 112 2.11 -3.68 22.51
CA LEU D 112 0.93 -3.42 21.68
C LEU D 112 -0.28 -3.14 22.56
N ALA D 113 -0.32 -3.78 23.72
CA ALA D 113 -1.44 -3.61 24.65
C ALA D 113 -1.63 -2.12 25.02
N ALA D 114 -0.53 -1.44 25.31
CA ALA D 114 -0.61 -0.02 25.69
C ALA D 114 -1.15 0.81 24.53
N VAL D 115 -0.78 0.45 23.31
CA VAL D 115 -1.34 1.06 22.10
C VAL D 115 -2.84 0.81 21.99
N GLN D 116 -3.24 -0.43 22.19
CA GLN D 116 -4.65 -0.80 22.17
C GLN D 116 -5.42 0.02 23.19
N GLY D 117 -4.83 0.18 24.37
CA GLY D 117 -5.47 0.93 25.43
C GLY D 117 -5.59 2.40 25.11
N SER D 118 -4.49 3.01 24.67
CA SER D 118 -4.50 4.46 24.43
C SER D 118 -5.28 4.84 23.15
N LEU D 119 -5.33 3.94 22.17
CA LEU D 119 -6.15 4.18 20.98
C LEU D 119 -7.64 4.12 21.32
N ALA D 120 -8.04 3.17 22.15
CA ALA D 120 -9.46 3.11 22.54
C ALA D 120 -9.82 4.34 23.36
N ALA D 121 -8.88 4.79 24.20
CA ALA D 121 -9.10 5.98 25.03
C ALA D 121 -9.35 7.23 24.16
N ALA D 122 -8.52 7.42 23.15
CA ALA D 122 -8.70 8.51 22.19
C ALA D 122 -10.03 8.41 21.44
N SER D 123 -10.36 7.22 20.94
CA SER D 123 -11.64 7.00 20.27
C SER D 123 -12.83 7.33 21.18
N ALA D 124 -12.73 6.95 22.45
CA ALA D 124 -13.80 7.24 23.40
C ALA D 124 -13.99 8.74 23.60
N LEU D 125 -12.90 9.49 23.54
CA LEU D 125 -12.98 10.95 23.63
C LEU D 125 -13.61 11.53 22.36
N ILE D 126 -13.19 11.00 21.21
CA ILE D 126 -13.61 11.51 19.92
C ILE D 126 -15.12 11.38 19.71
N CYS D 127 -15.67 10.21 20.03
CA CYS D 127 -17.10 9.98 19.87
C CYS D 127 -17.87 10.57 21.05
N ARG D 128 -17.16 11.28 21.92
CA ARG D 128 -17.72 11.94 23.09
C ARG D 128 -18.40 10.98 24.08
N HIS D 129 -18.03 9.71 24.08
CA HIS D 129 -18.59 8.82 25.11
C HIS D 129 -18.06 9.22 26.51
N CYS D 130 -16.82 9.67 26.57
CA CYS D 130 -16.22 10.15 27.81
C CYS D 130 -15.65 11.56 27.67
N GLU D 131 -15.67 12.33 28.76
CA GLU D 131 -15.07 13.66 28.78
C GLU D 131 -13.59 13.56 29.12
N VAL D 132 -13.25 12.56 29.93
CA VAL D 132 -11.89 12.28 30.31
C VAL D 132 -11.68 10.77 30.30
N VAL D 133 -10.55 10.32 29.75
CA VAL D 133 -10.20 8.90 29.84
C VAL D 133 -8.83 8.70 30.46
N ILE D 134 -8.75 7.76 31.39
CA ILE D 134 -7.51 7.41 32.06
C ILE D 134 -6.95 6.06 31.54
N ASN D 135 -5.67 6.02 31.21
CA ASN D 135 -5.01 4.74 30.93
C ASN D 135 -3.69 4.57 31.70
N TRP D 136 -3.77 3.90 32.84
CA TRP D 136 -2.57 3.70 33.63
C TRP D 136 -1.65 2.62 33.05
N GLY D 137 -2.04 1.99 31.96
CA GLY D 137 -1.18 1.02 31.31
C GLY D 137 -0.39 1.62 30.16
N GLY D 138 -0.55 2.92 29.94
CA GLY D 138 0.06 3.61 28.81
C GLY D 138 1.00 4.71 29.24
N GLY D 139 1.42 5.55 28.28
CA GLY D 139 2.29 6.67 28.58
C GLY D 139 3.75 6.45 28.24
N TRP D 140 4.02 5.69 27.19
CA TRP D 140 5.40 5.30 26.89
C TRP D 140 6.05 6.26 25.92
N HIS D 141 6.55 7.35 26.49
CA HIS D 141 6.88 8.52 25.70
C HIS D 141 8.26 8.49 25.00
N HIS D 142 9.13 7.54 25.32
CA HIS D 142 10.48 7.56 24.71
C HIS D 142 10.58 6.82 23.37
N ALA D 143 9.63 5.94 23.05
CA ALA D 143 9.78 5.13 21.82
C ALA D 143 9.79 6.02 20.58
N LYS D 144 10.64 5.66 19.61
CA LYS D 144 10.72 6.42 18.36
C LYS D 144 10.27 5.57 17.17
N ARG D 145 10.21 6.20 16.00
CA ARG D 145 9.66 5.58 14.79
C ARG D 145 10.26 4.20 14.56
N SER D 146 11.57 4.09 14.72
CA SER D 146 12.24 2.83 14.48
C SER D 146 13.21 2.47 15.60
N GLU D 147 12.87 2.81 16.84
CA GLU D 147 13.84 2.62 17.91
C GLU D 147 13.16 2.52 19.27
N ALA D 148 13.46 1.45 20.00
CA ALA D 148 13.04 1.32 21.38
C ALA D 148 13.95 2.20 22.23
N SER D 149 13.42 2.75 23.32
CA SER D 149 14.23 3.56 24.19
C SER D 149 13.58 3.63 25.57
N GLY D 150 14.37 3.52 26.63
CA GLY D 150 13.86 3.69 27.98
C GLY D 150 12.71 2.74 28.35
N PHE D 151 12.84 1.49 27.93
CA PHE D 151 11.80 0.45 28.11
C PHE D 151 10.44 0.84 27.49
N CYS D 152 10.49 1.76 26.54
CA CYS D 152 9.33 2.05 25.70
C CYS D 152 9.54 1.44 24.32
N TYR D 153 8.66 0.52 23.90
CA TYR D 153 8.89 -0.19 22.64
C TYR D 153 8.01 0.38 21.53
N LEU D 154 6.77 0.71 21.87
CA LEU D 154 5.83 1.34 20.95
C LEU D 154 5.26 2.60 21.60
N ASN D 155 5.15 3.68 20.84
CA ASN D 155 4.73 4.94 21.41
C ASN D 155 3.20 5.09 21.32
N ASP D 156 2.52 4.58 22.34
CA ASP D 156 1.06 4.67 22.42
C ASP D 156 0.59 6.13 22.44
N ILE D 157 1.39 7.02 23.02
CA ILE D 157 1.02 8.44 23.10
C ILE D 157 0.94 9.09 21.71
N VAL D 158 2.00 8.95 20.92
CA VAL D 158 2.02 9.47 19.56
C VAL D 158 0.83 8.95 18.73
N LEU D 159 0.55 7.66 18.86
CA LEU D 159 -0.52 7.05 18.09
C LEU D 159 -1.88 7.58 18.54
N ALA D 160 -2.05 7.77 19.85
CA ALA D 160 -3.30 8.34 20.34
C ALA D 160 -3.47 9.77 19.86
N ILE D 161 -2.42 10.57 20.01
CA ILE D 161 -2.45 11.97 19.58
C ILE D 161 -2.73 12.05 18.08
N HIS D 162 -2.12 11.18 17.32
CA HIS D 162 -2.33 11.14 15.88
C HIS D 162 -3.81 10.87 15.56
N ARG D 163 -4.43 9.96 16.30
CA ARG D 163 -5.86 9.70 16.13
C ARG D 163 -6.71 10.93 16.47
N LEU D 164 -6.38 11.60 17.58
CA LEU D 164 -7.11 12.80 17.98
C LEU D 164 -6.97 13.94 16.98
N VAL D 165 -5.73 14.22 16.59
CA VAL D 165 -5.45 15.37 15.74
C VAL D 165 -5.95 15.13 14.31
N SER D 166 -6.38 13.91 14.03
CA SER D 166 -6.87 13.54 12.70
C SER D 166 -8.36 13.29 12.66
N SER D 167 -9.10 13.82 13.63
CA SER D 167 -10.52 13.48 13.74
C SER D 167 -11.43 14.62 13.25
N GLN D 177 -9.56 22.70 12.18
CA GLN D 177 -8.90 23.49 13.20
C GLN D 177 -8.68 22.69 14.49
N THR D 178 -8.29 21.42 14.35
CA THR D 178 -8.06 20.56 15.50
C THR D 178 -6.64 20.73 16.03
N ARG D 179 -6.50 21.14 17.28
CA ARG D 179 -5.19 21.27 17.90
C ARG D 179 -5.12 20.43 19.17
N VAL D 180 -3.95 19.84 19.44
CA VAL D 180 -3.76 19.05 20.63
C VAL D 180 -2.63 19.60 21.50
N LEU D 181 -2.90 19.74 22.78
CA LEU D 181 -1.85 20.11 23.72
C LEU D 181 -1.42 18.88 24.48
N TYR D 182 -0.13 18.54 24.36
CA TYR D 182 0.43 17.43 25.10
C TYR D 182 1.25 17.94 26.29
N VAL D 183 0.94 17.42 27.47
CA VAL D 183 1.60 17.82 28.70
C VAL D 183 2.28 16.63 29.35
N ASP D 184 3.59 16.72 29.54
CA ASP D 184 4.39 15.58 29.97
C ASP D 184 5.01 15.89 31.35
N LEU D 185 4.45 15.25 32.38
CA LEU D 185 4.81 15.52 33.77
C LEU D 185 5.87 14.56 34.33
N ASP D 186 6.18 13.54 33.56
CA ASP D 186 7.20 12.56 33.93
C ASP D 186 8.52 13.24 34.37
N LEU D 187 9.29 12.57 35.22
CA LEU D 187 10.63 13.05 35.58
C LEU D 187 11.54 13.20 34.35
N HIS D 188 11.32 12.35 33.35
CA HIS D 188 12.15 12.34 32.15
C HIS D 188 11.54 13.19 31.01
N HIS D 189 12.41 13.76 30.19
CA HIS D 189 11.98 14.46 28.98
C HIS D 189 11.21 13.51 28.04
N GLY D 190 10.02 13.93 27.61
CA GLY D 190 9.26 13.14 26.66
C GLY D 190 9.74 13.35 25.23
N ASP D 191 10.91 12.82 24.92
CA ASP D 191 11.60 13.11 23.68
C ASP D 191 10.91 12.48 22.46
N GLY D 192 10.40 11.27 22.64
CA GLY D 192 9.77 10.54 21.55
C GLY D 192 8.55 11.27 21.01
N VAL D 193 7.70 11.73 21.91
CA VAL D 193 6.51 12.47 21.51
C VAL D 193 6.87 13.78 20.86
N GLU D 194 7.78 14.51 21.50
CA GLU D 194 8.26 15.79 20.97
C GLU D 194 8.82 15.66 19.55
N GLU D 195 9.62 14.62 19.34
CA GLU D 195 10.24 14.39 18.05
C GLU D 195 9.20 14.06 16.98
N ALA D 196 8.23 13.23 17.33
CA ALA D 196 7.16 12.86 16.39
C ALA D 196 6.47 14.09 15.82
N PHE D 197 6.31 15.12 16.64
CA PHE D 197 5.50 16.25 16.20
C PHE D 197 6.33 17.51 16.03
N TRP D 198 7.63 17.30 15.87
CA TRP D 198 8.62 18.37 15.73
C TRP D 198 8.30 19.35 14.59
N TYR D 199 7.66 18.86 13.54
CA TYR D 199 7.31 19.71 12.39
C TYR D 199 5.83 20.05 12.35
N SER D 200 5.10 19.71 13.42
CA SER D 200 3.64 19.86 13.45
C SER D 200 3.20 21.01 14.35
N PRO D 201 2.62 22.05 13.76
CA PRO D 201 2.12 23.16 14.59
C PRO D 201 0.85 22.80 15.37
N ARG D 202 0.12 21.76 14.95
CA ARG D 202 -1.19 21.47 15.54
C ARG D 202 -1.09 20.57 16.78
N VAL D 203 0.09 20.02 17.01
CA VAL D 203 0.35 19.31 18.24
C VAL D 203 1.44 20.06 19.00
N VAL D 204 1.04 20.77 20.04
CA VAL D 204 2.01 21.51 20.85
C VAL D 204 2.40 20.60 22.01
N THR D 205 3.71 20.36 22.15
CA THR D 205 4.18 19.52 23.23
C THR D 205 4.83 20.34 24.33
N PHE D 206 4.63 19.94 25.58
CA PHE D 206 5.25 20.61 26.71
C PHE D 206 5.69 19.59 27.73
N SER D 207 7.00 19.52 27.96
CA SER D 207 7.54 18.62 28.95
C SER D 207 8.21 19.41 30.07
N VAL D 208 7.91 19.03 31.31
CA VAL D 208 8.68 19.50 32.46
C VAL D 208 9.40 18.27 33.00
N HIS D 209 10.66 18.44 33.38
CA HIS D 209 11.51 17.29 33.64
C HIS D 209 12.81 17.71 34.31
N HIS D 210 13.51 16.74 34.88
CA HIS D 210 14.89 16.96 35.24
C HIS D 210 15.76 16.83 34.00
N ALA D 211 16.77 17.69 33.88
CA ALA D 211 17.86 17.51 32.92
C ALA D 211 19.20 17.87 33.58
N SER D 212 20.23 17.09 33.32
CA SER D 212 21.57 17.32 33.88
C SER D 212 22.54 16.43 33.11
N PRO D 213 23.85 16.77 33.13
CA PRO D 213 24.80 16.03 32.29
C PRO D 213 24.76 14.53 32.55
N GLY D 214 24.51 13.76 31.49
CA GLY D 214 24.49 12.31 31.59
C GLY D 214 23.17 11.73 32.03
N PHE D 215 22.21 12.59 32.37
CA PHE D 215 20.89 12.11 32.77
C PHE D 215 20.02 11.81 31.54
N PHE D 216 19.41 10.63 31.53
CA PHE D 216 18.52 10.17 30.47
C PHE D 216 17.30 11.08 30.27
N PRO D 217 16.91 11.34 29.00
CA PRO D 217 17.56 10.91 27.75
C PRO D 217 18.54 11.93 27.19
N GLY D 218 18.69 13.07 27.85
CA GLY D 218 19.71 14.02 27.47
C GLY D 218 19.18 15.27 26.82
N THR D 219 17.94 15.21 26.37
CA THR D 219 17.32 16.32 25.63
C THR D 219 16.35 17.13 26.49
N GLY D 220 15.66 18.07 25.88
CA GLY D 220 14.73 18.93 26.59
C GLY D 220 15.44 19.99 27.41
N THR D 221 16.62 20.40 26.97
CA THR D 221 17.33 21.46 27.62
C THR D 221 18.20 22.21 26.62
N TRP D 222 19.04 23.12 27.11
CA TRP D 222 20.01 23.83 26.28
C TRP D 222 20.81 22.87 25.40
N ASN D 223 20.93 23.22 24.13
CA ASN D 223 21.45 22.30 23.13
C ASN D 223 22.76 22.78 22.55
N MET D 224 23.75 21.89 22.45
CA MET D 224 25.06 22.27 21.93
C MET D 224 25.30 21.74 20.52
N PRO D 231 25.29 27.44 23.04
CA PRO D 231 24.17 26.61 23.49
C PRO D 231 22.81 27.28 23.29
N ILE D 232 21.92 26.65 22.53
CA ILE D 232 20.61 27.22 22.25
C ILE D 232 19.45 26.28 22.62
N PHE D 233 18.26 26.85 22.80
CA PHE D 233 17.05 26.04 23.00
C PHE D 233 16.29 25.80 21.69
N LEU D 234 16.32 24.56 21.21
CA LEU D 234 15.55 24.14 20.05
C LEU D 234 14.07 23.95 20.39
N ASN D 235 13.17 24.24 19.46
CA ASN D 235 11.75 24.27 19.82
C ASN D 235 10.77 23.91 18.70
N GLY D 236 11.24 23.12 17.72
CA GLY D 236 10.43 22.80 16.57
C GLY D 236 11.13 23.25 15.28
N ALA D 237 10.65 22.79 14.14
CA ALA D 237 11.24 23.17 12.87
C ALA D 237 10.16 23.19 11.80
N GLY D 238 10.48 23.77 10.64
CA GLY D 238 9.49 23.91 9.57
C GLY D 238 8.30 24.72 10.02
N ARG D 239 7.10 24.24 9.73
CA ARG D 239 5.91 24.93 10.20
C ARG D 239 5.67 24.70 11.69
N GLY D 240 6.40 23.75 12.27
CA GLY D 240 6.28 23.42 13.68
C GLY D 240 7.23 24.21 14.58
N ARG D 241 7.84 25.24 14.02
CA ARG D 241 8.72 26.10 14.81
C ARG D 241 7.97 26.68 15.99
N PHE D 242 8.67 26.80 17.12
CA PHE D 242 8.10 27.31 18.39
C PHE D 242 7.02 26.42 19.02
N SER D 243 6.77 25.23 18.47
CA SER D 243 5.67 24.40 18.95
C SER D 243 6.09 23.30 19.94
N ALA D 244 7.37 23.21 20.24
CA ALA D 244 7.82 22.27 21.28
C ALA D 244 8.38 23.03 22.49
N PHE D 245 7.70 22.92 23.62
CA PHE D 245 8.04 23.65 24.85
C PHE D 245 8.73 22.75 25.89
N ASN D 246 9.74 23.28 26.55
CA ASN D 246 10.45 22.51 27.59
C ASN D 246 10.81 23.35 28.81
N LEU D 247 10.68 22.72 29.98
CA LEU D 247 11.07 23.30 31.25
C LEU D 247 11.92 22.31 32.04
N PRO D 248 13.24 22.39 31.88
CA PRO D 248 14.16 21.56 32.66
C PRO D 248 14.38 22.15 34.04
N LEU D 249 14.34 21.30 35.06
CA LEU D 249 14.43 21.74 36.44
C LEU D 249 15.55 21.03 37.16
N GLU D 250 16.17 21.71 38.13
CA GLU D 250 17.23 21.12 38.92
C GLU D 250 16.66 20.16 39.93
N GLU D 251 17.49 19.25 40.43
CA GLU D 251 17.03 18.28 41.41
C GLU D 251 16.63 18.91 42.74
N GLY D 252 15.71 18.23 43.43
CA GLY D 252 15.30 18.61 44.76
C GLY D 252 14.07 19.49 44.84
N ILE D 253 13.42 19.76 43.70
CA ILE D 253 12.29 20.67 43.72
C ILE D 253 11.09 20.02 44.42
N ASN D 254 10.35 20.81 45.21
CA ASN D 254 9.22 20.30 45.98
C ASN D 254 7.90 20.59 45.29
N ASP D 255 6.80 20.21 45.93
CA ASP D 255 5.46 20.40 45.36
C ASP D 255 5.15 21.85 44.96
N LEU D 256 5.46 22.77 45.87
CA LEU D 256 5.08 24.17 45.68
C LEU D 256 5.86 24.85 44.56
N ASP D 257 7.18 24.66 44.55
CA ASP D 257 8.02 25.28 43.52
C ASP D 257 7.76 24.66 42.15
N TRP D 258 7.55 23.36 42.11
CA TRP D 258 7.22 22.68 40.86
C TRP D 258 5.90 23.20 40.32
N SER D 259 4.91 23.36 41.21
CA SER D 259 3.59 23.88 40.85
C SER D 259 3.66 25.32 40.36
N ASN D 260 4.39 26.16 41.08
CA ASN D 260 4.58 27.56 40.69
C ASN D 260 5.37 27.68 39.39
N ALA D 261 6.28 26.75 39.16
CA ALA D 261 7.05 26.76 37.92
C ALA D 261 6.17 26.39 36.71
N ILE D 262 5.25 25.46 36.90
CA ILE D 262 4.51 24.91 35.76
C ILE D 262 3.17 25.61 35.56
N GLY D 263 2.61 26.15 36.64
CA GLY D 263 1.26 26.71 36.63
C GLY D 263 0.95 27.77 35.58
N PRO D 264 1.74 28.85 35.56
CA PRO D 264 1.56 29.92 34.57
C PRO D 264 1.69 29.45 33.12
N ILE D 265 2.61 28.53 32.88
CA ILE D 265 2.85 28.01 31.53
C ILE D 265 1.64 27.22 31.03
N LEU D 266 1.11 26.35 31.87
CA LEU D 266 -0.08 25.58 31.52
C LEU D 266 -1.22 26.52 31.15
N ASP D 267 -1.45 27.52 32.00
CA ASP D 267 -2.57 28.44 31.78
C ASP D 267 -2.38 29.26 30.50
N SER D 268 -1.15 29.69 30.22
CA SER D 268 -0.90 30.49 29.04
C SER D 268 -1.01 29.64 27.77
N LEU D 269 -0.60 28.37 27.85
CA LEU D 269 -0.72 27.46 26.69
C LEU D 269 -2.17 27.27 26.30
N ASN D 270 -3.00 27.00 27.29
CA ASN D 270 -4.42 26.79 27.05
C ASN D 270 -5.09 28.05 26.45
N ILE D 271 -4.77 29.20 27.02
CA ILE D 271 -5.34 30.45 26.52
C ILE D 271 -4.96 30.71 25.06
N VAL D 272 -3.68 30.61 24.74
CA VAL D 272 -3.24 30.96 23.39
C VAL D 272 -3.60 29.86 22.38
N ILE D 273 -3.41 28.60 22.75
CA ILE D 273 -3.58 27.50 21.80
C ILE D 273 -5.03 27.06 21.67
N GLN D 274 -5.76 27.07 22.78
CA GLN D 274 -7.15 26.63 22.81
C GLN D 274 -7.30 25.26 22.19
N PRO D 275 -6.69 24.24 22.83
CA PRO D 275 -6.68 22.91 22.20
C PRO D 275 -8.06 22.25 22.27
N SER D 276 -8.33 21.38 21.31
CA SER D 276 -9.56 20.60 21.28
C SER D 276 -9.43 19.37 22.18
N TYR D 277 -8.18 18.93 22.40
CA TYR D 277 -7.87 17.83 23.31
C TYR D 277 -6.60 18.12 24.09
N VAL D 278 -6.55 17.65 25.33
CA VAL D 278 -5.30 17.68 26.10
C VAL D 278 -4.88 16.24 26.39
N VAL D 279 -3.60 15.95 26.22
CA VAL D 279 -3.08 14.64 26.59
C VAL D 279 -2.01 14.85 27.64
N VAL D 280 -2.19 14.21 28.78
CA VAL D 280 -1.28 14.40 29.91
C VAL D 280 -0.55 13.11 30.19
N GLN D 281 0.76 13.14 30.18
CA GLN D 281 1.52 11.99 30.64
C GLN D 281 1.83 12.25 32.11
N CYS D 282 1.49 11.29 32.97
CA CYS D 282 1.55 11.50 34.40
C CYS D 282 2.50 10.53 35.11
N GLY D 283 3.68 10.30 34.53
CA GLY D 283 4.68 9.45 35.16
C GLY D 283 4.98 9.85 36.59
N ALA D 284 5.04 8.86 37.47
CA ALA D 284 5.13 9.07 38.91
C ALA D 284 6.55 9.04 39.43
N ASP D 285 7.53 9.15 38.56
CA ASP D 285 8.89 9.05 39.05
C ASP D 285 9.41 10.38 39.60
N CYS D 286 8.55 11.41 39.67
CA CYS D 286 8.93 12.66 40.36
C CYS D 286 8.68 12.61 41.87
N LEU D 287 8.00 11.57 42.35
CA LEU D 287 7.72 11.45 43.79
C LEU D 287 9.01 11.43 44.59
N ALA D 288 8.98 12.01 45.78
CA ALA D 288 10.14 12.03 46.67
C ALA D 288 10.62 10.61 46.98
N THR D 289 9.72 9.64 46.90
CA THR D 289 10.02 8.26 47.31
C THR D 289 10.34 7.33 46.13
N ASP D 290 10.36 7.86 44.92
CA ASP D 290 10.85 7.10 43.78
C ASP D 290 12.32 6.82 43.99
N PRO D 291 12.80 5.62 43.60
CA PRO D 291 14.23 5.28 43.73
C PRO D 291 15.15 6.19 42.91
N HIS D 292 14.62 6.98 41.98
CA HIS D 292 15.45 7.97 41.29
C HIS D 292 15.94 9.02 42.29
N ARG D 293 15.08 9.35 43.27
CA ARG D 293 15.38 10.33 44.32
C ARG D 293 15.82 11.67 43.75
N ILE D 294 15.05 12.20 42.80
CA ILE D 294 15.46 13.45 42.19
C ILE D 294 14.57 14.64 42.55
N PHE D 295 13.28 14.55 42.23
CA PHE D 295 12.35 15.59 42.65
C PHE D 295 11.71 15.17 43.98
N ARG D 296 11.00 16.09 44.61
CA ARG D 296 10.38 15.79 45.90
C ARG D 296 8.87 16.00 45.87
N LEU D 297 8.22 15.57 44.80
CA LEU D 297 6.76 15.71 44.76
C LEU D 297 6.12 14.67 45.65
N THR D 298 4.86 14.91 46.02
CA THR D 298 4.13 14.00 46.88
C THR D 298 2.79 13.65 46.25
N ASN D 299 2.00 12.85 46.96
CA ASN D 299 0.60 12.65 46.58
C ASN D 299 -0.34 13.31 47.60
N PHE D 300 0.15 14.32 48.32
CA PHE D 300 -0.63 14.93 49.40
C PHE D 300 -1.83 15.70 48.87
N TYR D 301 -2.99 15.51 49.52
CA TYR D 301 -4.18 16.27 49.16
C TYR D 301 -4.85 16.79 50.45
N PRO D 302 -4.51 18.03 50.83
CA PRO D 302 -4.97 18.66 52.09
C PRO D 302 -6.49 18.63 52.29
N LEU D 316 0.09 20.54 48.90
CA LEU D 316 -0.67 19.96 47.79
C LEU D 316 0.26 19.35 46.73
N SER D 317 -0.02 18.10 46.38
CA SER D 317 0.74 17.39 45.37
C SER D 317 0.86 18.20 44.07
N GLY D 318 2.08 18.30 43.55
CA GLY D 318 2.31 19.00 42.30
C GLY D 318 1.46 18.38 41.21
N TYR D 319 1.41 17.06 41.22
CA TYR D 319 0.57 16.31 40.29
C TYR D 319 -0.90 16.68 40.37
N LEU D 320 -1.46 16.69 41.57
CA LEU D 320 -2.89 16.93 41.71
C LEU D 320 -3.20 18.39 41.38
N TYR D 321 -2.27 19.28 41.69
CA TYR D 321 -2.38 20.68 41.28
C TYR D 321 -2.46 20.81 39.74
N ALA D 322 -1.57 20.10 39.03
CA ALA D 322 -1.53 20.21 37.57
C ALA D 322 -2.78 19.62 36.93
N ILE D 323 -3.17 18.44 37.39
CA ILE D 323 -4.33 17.74 36.82
C ILE D 323 -5.60 18.57 37.04
N LYS D 324 -5.74 19.10 38.26
CA LYS D 324 -6.90 19.90 38.63
C LYS D 324 -7.03 21.11 37.70
N LYS D 325 -5.91 21.82 37.52
CA LYS D 325 -5.85 22.98 36.66
C LYS D 325 -6.20 22.62 35.22
N ILE D 326 -5.61 21.54 34.70
CA ILE D 326 -5.89 21.09 33.33
C ILE D 326 -7.36 20.70 33.17
N LEU D 327 -7.91 20.00 34.15
CA LEU D 327 -9.31 19.62 34.12
C LEU D 327 -10.26 20.81 34.24
N SER D 328 -9.83 21.89 34.90
CA SER D 328 -10.66 23.09 34.99
C SER D 328 -10.92 23.72 33.61
N TRP D 329 -10.13 23.33 32.61
CA TRP D 329 -10.27 23.91 31.27
C TRP D 329 -11.49 23.37 30.54
N LYS D 330 -12.01 22.24 31.00
CA LYS D 330 -13.17 21.58 30.40
C LYS D 330 -12.90 21.19 28.95
N VAL D 331 -11.68 20.73 28.70
CA VAL D 331 -11.31 20.24 27.39
C VAL D 331 -11.21 18.72 27.49
N PRO D 332 -11.78 17.98 26.51
CA PRO D 332 -11.64 16.52 26.52
C PRO D 332 -10.19 16.10 26.66
N THR D 333 -9.94 15.25 27.66
CA THR D 333 -8.60 15.04 28.15
C THR D 333 -8.26 13.56 28.28
N LEU D 334 -7.05 13.21 27.88
CA LEU D 334 -6.53 11.86 28.06
C LEU D 334 -5.47 11.88 29.15
N ILE D 335 -5.59 11.01 30.14
CA ILE D 335 -4.59 10.93 31.19
C ILE D 335 -3.88 9.58 31.17
N LEU D 336 -2.55 9.63 31.04
CA LEU D 336 -1.73 8.44 30.87
C LEU D 336 -0.74 8.25 32.00
N GLY D 337 -0.28 7.02 32.17
CA GLY D 337 0.73 6.70 33.18
C GLY D 337 2.12 7.01 32.64
N GLY D 338 3.08 6.17 32.97
CA GLY D 338 4.44 6.36 32.53
C GLY D 338 5.39 5.78 33.55
N GLY D 339 6.47 6.50 33.83
CA GLY D 339 7.41 6.12 34.87
C GLY D 339 6.79 5.99 36.24
N GLY D 340 7.54 5.43 37.17
CA GLY D 340 7.05 5.19 38.51
C GLY D 340 7.63 3.87 38.97
N TYR D 341 8.68 3.92 39.78
CA TYR D 341 9.45 2.71 40.07
C TYR D 341 9.31 2.29 41.52
N ASN D 342 8.58 3.09 42.29
CA ASN D 342 8.09 2.67 43.60
C ASN D 342 6.63 2.29 43.41
N PHE D 343 6.37 1.00 43.26
CA PHE D 343 5.05 0.57 42.78
C PHE D 343 3.89 0.94 43.72
N PRO D 344 4.03 0.73 45.04
CA PRO D 344 2.89 1.12 45.89
C PRO D 344 2.66 2.63 45.94
N ASP D 345 3.74 3.41 45.93
CA ASP D 345 3.60 4.87 45.93
C ASP D 345 3.05 5.40 44.59
N THR D 346 3.37 4.71 43.49
CA THR D 346 2.77 5.03 42.22
C THR D 346 1.25 4.77 42.29
N ALA D 347 0.87 3.62 42.83
CA ALA D 347 -0.55 3.30 43.05
C ALA D 347 -1.23 4.38 43.90
N ARG D 348 -0.59 4.74 45.01
CA ARG D 348 -1.06 5.81 45.90
C ARG D 348 -1.31 7.12 45.16
N LEU D 349 -0.38 7.50 44.30
CA LEU D 349 -0.54 8.75 43.57
C LEU D 349 -1.65 8.65 42.53
N TRP D 350 -1.61 7.60 41.70
CA TRP D 350 -2.56 7.47 40.59
C TRP D 350 -3.99 7.21 41.07
N THR D 351 -4.10 6.58 42.25
CA THR D 351 -5.39 6.41 42.89
C THR D 351 -5.97 7.80 43.20
N ARG D 352 -5.14 8.67 43.77
CA ARG D 352 -5.59 10.02 44.08
C ARG D 352 -5.90 10.84 42.83
N VAL D 353 -5.09 10.69 41.79
CA VAL D 353 -5.37 11.34 40.52
C VAL D 353 -6.72 10.86 39.96
N THR D 354 -7.02 9.58 40.14
CA THR D 354 -8.28 9.02 39.65
C THR D 354 -9.49 9.58 40.41
N ALA D 355 -9.37 9.69 41.73
CA ALA D 355 -10.44 10.29 42.55
C ALA D 355 -10.69 11.76 42.19
N LEU D 356 -9.60 12.50 42.01
CA LEU D 356 -9.62 13.91 41.62
C LEU D 356 -10.38 14.15 40.32
N THR D 357 -10.08 13.32 39.32
CA THR D 357 -10.73 13.42 38.01
C THR D 357 -12.23 13.18 38.12
N ILE D 358 -12.62 12.20 38.93
CA ILE D 358 -14.04 11.93 39.18
C ILE D 358 -14.72 13.13 39.82
N GLU D 359 -14.06 13.70 40.82
CA GLU D 359 -14.56 14.90 41.51
C GLU D 359 -14.75 16.06 40.57
N GLU D 360 -13.73 16.37 39.77
CA GLU D 360 -13.75 17.56 38.94
C GLU D 360 -14.70 17.43 37.76
N VAL D 361 -14.73 16.24 37.16
CA VAL D 361 -15.53 16.06 35.96
C VAL D 361 -17.00 15.87 36.28
N LYS D 362 -17.28 15.05 37.29
CA LYS D 362 -18.67 14.74 37.65
C LYS D 362 -19.24 15.68 38.72
N GLY D 363 -18.38 16.43 39.40
CA GLY D 363 -18.82 17.33 40.45
C GLY D 363 -19.27 16.56 41.69
N LYS D 364 -18.73 15.37 41.84
CA LYS D 364 -19.18 14.41 42.85
C LYS D 364 -18.09 14.14 43.89
N LYS D 365 -18.27 14.67 45.10
CA LYS D 365 -17.23 14.60 46.12
C LYS D 365 -16.75 13.18 46.38
N MET D 366 -15.43 12.99 46.32
CA MET D 366 -14.83 11.69 46.59
C MET D 366 -14.12 11.68 47.94
N THR D 367 -14.61 10.84 48.85
CA THR D 367 -14.05 10.76 50.19
C THR D 367 -13.19 9.51 50.36
N ILE D 368 -11.89 9.67 50.15
CA ILE D 368 -10.96 8.57 50.28
C ILE D 368 -10.44 8.41 51.71
N SER D 369 -10.63 7.22 52.29
CA SER D 369 -10.02 6.93 53.60
C SER D 369 -8.50 7.15 53.60
N PRO D 370 -7.96 7.79 54.64
CA PRO D 370 -6.52 7.99 54.78
C PRO D 370 -5.76 6.68 54.95
N GLU D 371 -6.49 5.61 55.28
CA GLU D 371 -5.88 4.31 55.50
C GLU D 371 -6.09 3.43 54.26
N ILE D 372 -5.07 2.66 53.89
CA ILE D 372 -5.20 1.72 52.79
C ILE D 372 -6.22 0.65 53.16
N PRO D 373 -7.25 0.46 52.33
CA PRO D 373 -8.22 -0.61 52.59
C PRO D 373 -7.61 -1.99 52.36
N GLU D 374 -8.11 -2.98 53.11
CA GLU D 374 -7.74 -4.37 52.90
C GLU D 374 -8.09 -4.84 51.50
N HIS D 375 -7.15 -5.53 50.86
CA HIS D 375 -7.33 -6.11 49.54
C HIS D 375 -6.11 -6.97 49.25
N SER D 376 -6.10 -7.62 48.09
CA SER D 376 -5.03 -8.56 47.69
C SER D 376 -3.61 -8.06 47.97
N TYR D 377 -3.35 -6.80 47.67
CA TYR D 377 -2.00 -6.25 47.79
C TYR D 377 -1.83 -5.37 49.03
N PHE D 378 -2.75 -5.47 49.98
CA PHE D 378 -2.66 -4.70 51.23
C PHE D 378 -1.26 -4.71 51.87
N SER D 379 -0.59 -5.87 51.87
CA SER D 379 0.68 -6.00 52.58
C SER D 379 1.85 -5.28 51.90
N ARG D 380 1.69 -4.95 50.62
CA ARG D 380 2.71 -4.19 49.90
C ARG D 380 2.80 -2.73 50.37
N TYR D 381 1.76 -2.27 51.06
CA TYR D 381 1.69 -0.88 51.47
C TYR D 381 2.21 -0.69 52.89
N GLY D 382 2.84 -1.72 53.44
CA GLY D 382 3.49 -1.64 54.73
C GLY D 382 4.60 -0.58 54.74
N PRO D 383 5.05 -0.21 55.95
CA PRO D 383 4.57 -0.78 57.20
C PRO D 383 3.43 0.01 57.83
N ASP D 384 3.16 1.22 57.32
CA ASP D 384 2.20 2.12 57.95
C ASP D 384 0.80 2.11 57.31
N PHE D 385 0.71 1.64 56.06
CA PHE D 385 -0.58 1.42 55.42
C PHE D 385 -1.44 2.67 55.30
N GLU D 386 -0.78 3.81 55.10
CA GLU D 386 -1.46 5.08 54.84
C GLU D 386 -1.48 5.37 53.34
N LEU D 387 -2.44 6.18 52.92
CA LEU D 387 -2.55 6.59 51.53
C LEU D 387 -1.49 7.65 51.16
N ASP D 388 -1.19 8.55 52.10
CA ASP D 388 -0.07 9.49 51.96
C ASP D 388 1.22 8.72 51.80
N ILE D 389 2.08 9.14 50.88
CA ILE D 389 3.41 8.53 50.79
C ILE D 389 4.18 8.88 52.06
N ASP D 390 5.09 8.00 52.45
CA ASP D 390 5.92 8.19 53.64
C ASP D 390 7.05 9.18 53.38
N TYR D 391 6.75 10.47 53.47
CA TYR D 391 7.77 11.49 53.21
C TYR D 391 7.55 12.74 54.05
N PHE D 392 8.63 13.25 54.63
CA PHE D 392 8.56 14.45 55.46
C PHE D 392 9.19 15.63 54.72
N PRO D 393 8.36 16.55 54.23
CA PRO D 393 8.86 17.71 53.47
C PRO D 393 9.56 18.73 54.37
N ASP D 402 14.11 32.36 39.83
CA ASP D 402 15.41 32.88 39.42
C ASP D 402 15.86 32.22 38.11
N SER D 403 16.39 31.01 38.21
CA SER D 403 16.55 30.15 37.05
C SER D 403 15.19 29.94 36.40
N ILE D 404 14.16 29.78 37.21
CA ILE D 404 12.82 29.50 36.74
C ILE D 404 12.19 30.75 36.09
N GLN D 405 12.49 31.93 36.63
CA GLN D 405 12.02 33.17 36.02
C GLN D 405 12.62 33.38 34.64
N LYS D 406 13.91 33.07 34.49
CA LYS D 406 14.56 33.11 33.19
C LYS D 406 13.84 32.19 32.18
N HIS D 407 13.48 30.98 32.64
CA HIS D 407 12.78 30.02 31.78
C HIS D 407 11.40 30.52 31.38
N HIS D 408 10.68 31.09 32.33
CA HIS D 408 9.36 31.67 32.07
C HIS D 408 9.38 32.78 31.03
N ARG D 409 10.39 33.65 31.09
CA ARG D 409 10.55 34.71 30.10
C ARG D 409 10.83 34.13 28.71
N ARG D 410 11.69 33.14 28.65
CA ARG D 410 12.03 32.51 27.39
C ARG D 410 10.79 31.83 26.79
N ILE D 411 10.01 31.16 27.65
CA ILE D 411 8.85 30.39 27.20
C ILE D 411 7.68 31.28 26.73
N LEU D 412 7.46 32.37 27.46
CA LEU D 412 6.49 33.39 27.07
C LEU D 412 6.81 33.94 25.67
N GLU D 413 8.10 34.24 25.48
CA GLU D 413 8.61 34.71 24.19
C GLU D 413 8.36 33.68 23.08
N GLN D 414 8.67 32.41 23.37
CA GLN D 414 8.42 31.33 22.41
C GLN D 414 6.92 31.20 22.12
N LEU D 415 6.09 31.39 23.13
CA LEU D 415 4.65 31.28 22.97
C LEU D 415 4.11 32.40 22.07
N ARG D 416 4.64 33.60 22.25
CA ARG D 416 4.27 34.72 21.39
C ARG D 416 4.73 34.46 19.95
N ASN D 417 5.96 33.96 19.80
CA ASN D 417 6.47 33.59 18.48
C ASN D 417 5.60 32.53 17.83
N TYR D 418 5.16 31.56 18.63
CA TYR D 418 4.27 30.50 18.13
C TYR D 418 2.95 31.10 17.64
N ALA D 419 2.36 31.96 18.46
CA ALA D 419 1.10 32.60 18.14
C ALA D 419 1.20 33.48 16.89
N ASP D 420 2.32 34.20 16.77
CA ASP D 420 2.55 35.05 15.61
C ASP D 420 2.64 34.19 14.34
N LEU D 421 3.48 33.17 14.39
CA LEU D 421 3.72 32.34 13.21
C LEU D 421 2.44 31.63 12.77
N ASN D 422 1.59 31.28 13.72
CA ASN D 422 0.36 30.56 13.42
C ASN D 422 -0.90 31.44 13.37
N LYS D 423 -0.69 32.76 13.29
CA LYS D 423 -1.77 33.75 13.17
C LYS D 423 -2.87 33.57 14.21
N LEU D 424 -2.48 33.26 15.44
CA LEU D 424 -3.46 33.03 16.50
C LEU D 424 -3.82 34.31 17.22
N ILE D 425 -5.10 34.50 17.51
CA ILE D 425 -5.59 35.70 18.18
C ILE D 425 -5.51 35.54 19.70
N TYR D 426 -4.81 36.45 20.36
CA TYR D 426 -4.67 36.38 21.81
C TYR D 426 -4.25 37.70 22.47
N ASP D 427 -4.60 37.86 23.73
CA ASP D 427 -4.25 39.07 24.49
C ASP D 427 -2.91 38.90 25.20
N TYR D 428 -1.88 39.55 24.68
CA TYR D 428 -0.53 39.43 25.22
C TYR D 428 -0.39 40.03 26.63
N ASP D 429 -1.40 40.74 27.10
CA ASP D 429 -1.34 41.32 28.44
C ASP D 429 -1.96 40.41 29.50
N GLN D 430 -3.07 39.76 29.17
CA GLN D 430 -3.67 38.78 30.08
C GLN D 430 -2.70 37.63 30.37
N VAL D 431 -2.01 37.18 29.32
CA VAL D 431 -1.07 36.08 29.43
C VAL D 431 0.18 36.48 30.20
N TYR D 432 0.69 37.68 29.91
CA TYR D 432 1.86 38.20 30.61
C TYR D 432 1.60 38.33 32.12
N GLN D 433 0.35 38.66 32.49
CA GLN D 433 0.00 38.78 33.90
C GLN D 433 0.17 37.47 34.66
N LEU D 434 -0.10 36.35 33.99
CA LEU D 434 -0.05 35.03 34.62
C LEU D 434 1.28 34.73 35.30
N TYR D 435 2.38 35.21 34.73
CA TYR D 435 3.70 34.92 35.24
C TYR D 435 4.14 35.88 36.37
#